data_5YEI
#
_entry.id   5YEI
#
_cell.length_a   82.459
_cell.length_b   171.793
_cell.length_c   88.932
_cell.angle_alpha   90.00
_cell.angle_beta   90.29
_cell.angle_gamma   90.00
#
_symmetry.space_group_name_H-M   'P 1 21 1'
#
loop_
_entity.id
_entity.type
_entity.pdbx_description
1 polymer Aspartokinase
2 polymer Aspartokinase
3 non-polymer THREONINE
4 non-polymer LYSINE
5 non-polymer GLYCEROL
6 water water
#
loop_
_entity_poly.entity_id
_entity_poly.type
_entity_poly.pdbx_seq_one_letter_code
_entity_poly.pdbx_strand_id
1 'polypeptide(L)'
;MEQPIISGIAFNRDEAKLTIRGVPDTPGVAFKILGPISAANVEVDMIVQNVAHDNTTDFTFTVHRNDYLNALEILKQTAA
NIGAREAIGDTNIAKVSIVGVGMRSHAGVASRMFEALAKESINIQMISTSEIKVSVVIEEKYLELAVRALHTAFELDAPA
RQGE
;
D,B,F,H
2 'polypeptide(L)'
;MALIVQKFGGTSVGTVERIEQVAEKVKKFREAGDDVVVVVSAMSGETNRLIGLANQIMEQPVPRELDVMVSTGEQVTIAL
LSMALIKRGVPAVSYTGNQVRILTDSAHTKARILHIDDTHIRADLKAGRVVVVAGFQGVDGNGNITTLGRGGSDTTGVAL
AAALKADECQIYTDVDGVYTTDPRVVPQARRLDKITFEEMLEMASLGSKVLQIRAVEFAGKYNVPLRVLHSFQEGPGTLI
TIDDEEESMEQPIISGIAFNRDEAKLTIRGVPDTPGVAFKILGPISAANVEVDMIVQNVAHDNTTDFTFTVHRNDYLNAL
EILKQTAANIGAREAIGDTNIAKVSIVGVGMRSHAGVASRMFEALAKESINIQMISTSEIKVSVVIEEKYLELAVRALHT
AFELDAPARQGE
;
C,G,A,E
#
# COMPACT_ATOMS: atom_id res chain seq x y z
N GLU A 2 25.80 26.57 1.41
CA GLU A 2 25.67 25.46 0.48
C GLU A 2 24.32 24.78 0.69
N GLN A 3 23.46 25.41 1.47
CA GLN A 3 22.17 24.85 1.74
C GLN A 3 21.02 25.80 1.43
N PRO A 4 21.29 27.15 1.62
CA PRO A 4 20.13 28.04 1.39
C PRO A 4 19.48 27.94 0.01
N ILE A 5 18.18 28.16 0.00
CA ILE A 5 17.37 28.04 -1.20
C ILE A 5 17.04 29.28 -1.99
N ILE A 6 17.29 29.19 -3.29
CA ILE A 6 17.02 30.28 -4.22
C ILE A 6 16.61 29.75 -5.58
N SER A 7 15.94 30.60 -6.36
CA SER A 7 15.46 30.18 -7.65
C SER A 7 16.60 30.08 -8.66
N GLY A 8 17.55 31.01 -8.58
CA GLY A 8 18.67 30.99 -9.49
C GLY A 8 19.60 32.17 -9.21
N ILE A 9 20.68 32.20 -9.98
CA ILE A 9 21.62 33.31 -9.99
C ILE A 9 21.57 33.93 -11.38
N ALA A 10 21.35 35.24 -11.45
CA ALA A 10 21.25 35.93 -12.73
C ALA A 10 22.34 36.97 -12.83
N PHE A 11 22.71 37.30 -14.06
CA PHE A 11 23.74 38.30 -14.23
C PHE A 11 23.50 39.02 -15.56
N ASN A 12 24.16 40.15 -15.71
CA ASN A 12 24.10 40.94 -16.93
C ASN A 12 25.47 41.54 -17.14
N ARG A 13 26.15 41.15 -18.23
CA ARG A 13 27.44 41.77 -18.52
C ARG A 13 27.31 43.10 -19.29
N ASP A 14 26.17 43.38 -19.95
CA ASP A 14 25.95 44.61 -20.72
C ASP A 14 25.41 45.74 -19.82
N GLU A 15 26.27 46.31 -19.01
CA GLU A 15 25.79 47.39 -18.16
C GLU A 15 26.91 48.41 -18.01
N ALA A 16 26.53 49.67 -17.89
CA ALA A 16 27.46 50.77 -17.66
C ALA A 16 26.90 51.62 -16.52
N LYS A 17 27.81 52.04 -15.64
CA LYS A 17 27.48 52.77 -14.43
C LYS A 17 27.71 54.28 -14.63
N LEU A 18 26.74 55.08 -14.19
CA LEU A 18 26.85 56.54 -14.23
C LEU A 18 26.55 57.09 -12.86
N THR A 19 27.42 57.96 -12.37
CA THR A 19 27.21 58.52 -11.06
C THR A 19 27.38 60.02 -11.16
N ILE A 20 26.46 60.74 -10.56
CA ILE A 20 26.60 62.17 -10.38
C ILE A 20 26.71 62.39 -8.87
N ARG A 21 27.83 62.97 -8.45
CA ARG A 21 28.14 63.08 -7.04
C ARG A 21 27.89 64.50 -6.54
N GLY A 22 27.58 64.59 -5.24
CA GLY A 22 27.38 65.88 -4.59
C GLY A 22 26.25 66.70 -5.16
N VAL A 23 25.12 66.07 -5.40
CA VAL A 23 23.90 66.66 -5.90
C VAL A 23 23.06 67.26 -4.76
N PRO A 24 22.50 68.45 -4.89
CA PRO A 24 21.73 69.00 -3.77
C PRO A 24 20.49 68.17 -3.44
N ASP A 25 20.28 67.91 -2.15
CA ASP A 25 19.23 67.02 -1.64
C ASP A 25 17.94 67.82 -1.46
N THR A 26 17.25 68.05 -2.56
CA THR A 26 16.08 68.89 -2.56
C THR A 26 15.11 68.28 -3.56
N PRO A 27 13.80 68.45 -3.38
CA PRO A 27 12.84 67.86 -4.31
C PRO A 27 13.08 68.38 -5.72
N GLY A 28 12.77 67.52 -6.69
CA GLY A 28 12.92 67.81 -8.07
C GLY A 28 14.26 67.42 -8.67
N VAL A 29 15.26 67.12 -7.85
CA VAL A 29 16.57 66.85 -8.44
C VAL A 29 16.60 65.51 -9.17
N ALA A 30 15.97 64.48 -8.61
CA ALA A 30 16.02 63.16 -9.26
C ALA A 30 15.43 63.25 -10.66
N PHE A 31 14.37 64.04 -10.80
CA PHE A 31 13.76 64.32 -12.09
C PHE A 31 14.68 65.12 -13.02
N LYS A 32 15.39 66.15 -12.49
CA LYS A 32 16.34 66.91 -13.32
C LYS A 32 17.46 66.03 -13.86
N ILE A 33 17.86 65.00 -13.10
CA ILE A 33 18.95 64.13 -13.54
C ILE A 33 18.46 63.18 -14.62
N LEU A 34 17.29 62.60 -14.42
CA LEU A 34 16.83 61.46 -15.21
C LEU A 34 15.86 61.87 -16.30
N GLY A 35 15.26 63.05 -16.15
CA GLY A 35 14.43 63.65 -17.17
C GLY A 35 15.09 63.78 -18.53
N PRO A 36 16.26 64.40 -18.60
CA PRO A 36 16.95 64.47 -19.91
C PRO A 36 17.43 63.11 -20.42
N ILE A 37 17.82 62.18 -19.53
CA ILE A 37 18.20 60.84 -19.99
C ILE A 37 17.02 60.19 -20.68
N SER A 38 15.86 60.29 -20.06
CA SER A 38 14.61 59.78 -20.57
C SER A 38 14.19 60.50 -21.84
N ALA A 39 14.37 61.82 -21.86
CA ALA A 39 14.07 62.58 -23.07
C ALA A 39 14.89 62.08 -24.25
N ALA A 40 16.14 61.68 -24.02
CA ALA A 40 16.91 61.10 -25.12
C ALA A 40 16.49 59.69 -25.44
N ASN A 41 15.46 59.15 -24.79
CA ASN A 41 15.06 57.75 -24.94
C ASN A 41 16.15 56.75 -24.54
N VAL A 42 17.04 57.06 -23.59
CA VAL A 42 17.93 56.04 -23.09
C VAL A 42 17.20 55.27 -21.99
N GLU A 43 17.16 53.95 -22.13
CA GLU A 43 16.60 53.12 -21.09
C GLU A 43 17.49 53.07 -19.84
N VAL A 44 16.85 52.96 -18.70
CA VAL A 44 17.53 52.92 -17.43
C VAL A 44 17.24 51.59 -16.74
N ASP A 45 18.27 50.97 -16.21
CA ASP A 45 18.02 49.73 -15.50
C ASP A 45 18.01 49.93 -13.99
N MET A 46 19.20 50.02 -13.44
CA MET A 46 19.40 50.11 -12.00
C MET A 46 19.45 51.58 -11.65
N ILE A 47 18.84 51.95 -10.53
CA ILE A 47 18.97 53.28 -9.95
C ILE A 47 19.25 53.14 -8.46
N VAL A 48 20.32 53.76 -7.97
CA VAL A 48 20.68 53.65 -6.56
C VAL A 48 20.92 55.02 -5.95
N GLN A 49 20.25 55.32 -4.85
CA GLN A 49 20.51 56.54 -4.11
C GLN A 49 20.45 56.26 -2.61
N ASN A 50 21.55 56.53 -1.90
CA ASN A 50 21.57 56.39 -0.45
C ASN A 50 21.22 57.74 0.20
N VAL A 51 21.18 57.76 1.54
CA VAL A 51 20.69 58.92 2.26
C VAL A 51 21.60 60.11 2.06
N ALA A 52 21.02 61.30 2.14
CA ALA A 52 21.81 62.51 2.01
C ALA A 52 22.66 62.72 3.26
N HIS A 53 23.79 63.36 3.06
CA HIS A 53 24.59 63.80 4.18
C HIS A 53 25.00 65.23 3.96
N ASP A 54 24.78 66.07 4.97
CA ASP A 54 25.01 67.52 4.86
C ASP A 54 24.47 68.10 3.56
N ASN A 55 23.24 67.71 3.25
CA ASN A 55 22.41 68.31 2.20
C ASN A 55 22.87 68.03 0.79
N THR A 56 23.77 67.07 0.59
CA THR A 56 24.08 66.57 -0.74
C THR A 56 24.01 65.06 -0.73
N THR A 57 23.70 64.48 -1.89
CA THR A 57 23.74 63.05 -2.05
C THR A 57 24.33 62.69 -3.42
N ASP A 58 24.60 61.41 -3.61
CA ASP A 58 25.07 60.85 -4.87
C ASP A 58 23.96 60.03 -5.51
N PHE A 59 23.91 60.05 -6.83
CA PHE A 59 22.85 59.40 -7.58
C PHE A 59 23.51 58.58 -8.68
N THR A 60 23.26 57.25 -8.70
CA THR A 60 23.86 56.36 -9.70
C THR A 60 22.78 55.62 -10.45
N PHE A 61 23.01 55.43 -11.75
CA PHE A 61 22.12 54.57 -12.51
C PHE A 61 22.93 53.81 -13.54
N THR A 62 22.29 52.84 -14.14
CA THR A 62 22.91 52.02 -15.17
C THR A 62 22.10 52.09 -16.45
N VAL A 63 22.82 51.90 -17.55
CA VAL A 63 22.27 51.85 -18.91
C VAL A 63 22.99 50.75 -19.68
N HIS A 64 22.36 50.36 -20.79
CA HIS A 64 22.95 49.44 -21.75
C HIS A 64 24.24 50.05 -22.26
N ARG A 65 25.20 49.18 -22.59
CA ARG A 65 26.53 49.66 -22.96
C ARG A 65 26.48 50.58 -24.18
N ASN A 66 25.58 50.29 -25.13
CA ASN A 66 25.50 51.15 -26.32
C ASN A 66 25.14 52.58 -25.98
N ASP A 67 24.41 52.82 -24.89
CA ASP A 67 24.06 54.21 -24.57
C ASP A 67 25.01 54.90 -23.61
N TYR A 68 26.13 54.28 -23.21
CA TYR A 68 26.96 54.85 -22.15
C TYR A 68 27.43 56.26 -22.51
N LEU A 69 28.08 56.41 -23.67
CA LEU A 69 28.71 57.68 -24.01
C LEU A 69 27.67 58.78 -24.09
N ASN A 70 26.51 58.46 -24.66
CA ASN A 70 25.41 59.39 -24.71
C ASN A 70 24.93 59.81 -23.31
N ALA A 71 24.63 58.82 -22.45
CA ALA A 71 24.20 59.14 -21.10
C ALA A 71 25.28 59.91 -20.35
N LEU A 72 26.53 59.55 -20.56
CA LEU A 72 27.60 60.22 -19.83
C LEU A 72 27.58 61.72 -20.13
N GLU A 73 27.43 62.09 -21.39
CA GLU A 73 27.50 63.51 -21.74
C GLU A 73 26.28 64.28 -21.27
N ILE A 74 25.09 63.68 -21.34
CA ILE A 74 23.92 64.35 -20.78
C ILE A 74 24.09 64.53 -19.27
N LEU A 75 24.58 63.50 -18.58
CA LEU A 75 24.79 63.60 -17.15
C LEU A 75 25.86 64.64 -16.82
N LYS A 76 26.94 64.68 -17.61
CA LYS A 76 27.99 65.67 -17.38
C LYS A 76 27.42 67.09 -17.55
N GLN A 77 26.56 67.29 -18.57
CA GLN A 77 25.95 68.61 -18.77
C GLN A 77 24.97 68.94 -17.66
N THR A 78 24.18 67.96 -17.22
CA THR A 78 23.34 68.17 -16.05
C THR A 78 24.19 68.45 -14.81
N ALA A 79 25.31 67.76 -14.64
CA ALA A 79 26.11 67.97 -13.43
C ALA A 79 26.55 69.42 -13.31
N ALA A 80 26.97 70.02 -14.43
CA ALA A 80 27.34 71.43 -14.43
C ALA A 80 26.14 72.33 -14.21
N ASN A 81 24.99 71.98 -14.79
CA ASN A 81 23.83 72.84 -14.66
C ASN A 81 23.35 72.96 -13.22
N ILE A 82 23.27 71.83 -12.48
CA ILE A 82 22.73 71.85 -11.13
C ILE A 82 23.79 71.99 -10.05
N GLY A 83 25.00 72.29 -10.40
CA GLY A 83 26.02 72.48 -9.40
C GLY A 83 26.58 71.29 -8.68
N ALA A 84 26.40 70.11 -9.23
CA ALA A 84 26.89 68.91 -8.65
C ALA A 84 28.36 68.92 -8.75
N ARG A 85 29.01 68.12 -7.94
CA ARG A 85 30.43 68.02 -7.96
C ARG A 85 31.08 67.42 -9.23
N GLU A 86 30.56 66.32 -9.73
CA GLU A 86 31.12 65.69 -10.90
C GLU A 86 30.22 64.63 -11.44
N ALA A 87 30.48 64.20 -12.65
CA ALA A 87 29.75 63.10 -13.24
C ALA A 87 30.80 62.11 -13.71
N ILE A 88 30.66 60.83 -13.33
CA ILE A 88 31.68 59.85 -13.60
C ILE A 88 31.01 58.62 -14.15
N GLY A 89 31.74 57.88 -14.97
CA GLY A 89 31.20 56.71 -15.62
C GLY A 89 32.21 55.59 -15.61
N ASP A 90 31.68 54.38 -15.76
CA ASP A 90 32.44 53.14 -15.72
C ASP A 90 31.76 52.13 -16.62
N THR A 91 32.54 51.46 -17.42
CA THR A 91 32.00 50.45 -18.30
C THR A 91 32.39 49.02 -17.90
N ASN A 92 33.29 48.86 -16.93
CA ASN A 92 33.92 47.57 -16.62
C ASN A 92 33.29 46.93 -15.37
N ILE A 93 31.97 46.71 -15.44
CA ILE A 93 31.15 46.25 -14.32
C ILE A 93 30.21 45.14 -14.78
N ALA A 94 29.73 44.40 -13.81
CA ALA A 94 28.72 43.38 -14.02
C ALA A 94 27.70 43.42 -12.89
N LYS A 95 26.46 43.10 -13.22
CA LYS A 95 25.40 43.00 -12.24
C LYS A 95 25.09 41.53 -12.06
N VAL A 96 25.18 41.05 -10.83
CA VAL A 96 24.83 39.68 -10.52
C VAL A 96 23.79 39.69 -9.39
N SER A 97 22.80 38.81 -9.52
CA SER A 97 21.66 38.81 -8.62
C SER A 97 21.32 37.40 -8.15
N ILE A 98 20.81 37.33 -6.91
CA ILE A 98 20.14 36.15 -6.39
C ILE A 98 18.65 36.38 -6.53
N VAL A 99 17.97 35.47 -7.21
CA VAL A 99 16.55 35.57 -7.43
C VAL A 99 15.77 34.53 -6.69
N GLY A 100 14.48 34.80 -6.57
CA GLY A 100 13.56 33.94 -5.85
C GLY A 100 13.88 33.82 -4.39
N VAL A 101 14.27 34.93 -3.84
CA VAL A 101 14.70 35.04 -2.49
C VAL A 101 13.74 34.75 -1.35
N GLY A 102 12.53 35.24 -1.41
CA GLY A 102 11.61 35.05 -0.31
C GLY A 102 11.71 36.31 0.51
N MET A 103 10.59 36.95 0.70
CA MET A 103 10.51 38.24 1.36
C MET A 103 10.98 38.38 2.78
N ARG A 104 10.71 37.39 3.59
CA ARG A 104 11.11 37.40 4.98
C ARG A 104 12.55 37.02 5.15
N SER A 105 13.16 36.50 4.10
CA SER A 105 14.52 36.04 4.20
C SER A 105 15.62 36.91 3.62
N HIS A 106 15.37 38.20 3.41
CA HIS A 106 16.41 39.02 2.76
C HIS A 106 17.69 39.08 3.58
N ALA A 107 17.57 39.00 4.90
CA ALA A 107 18.77 39.18 5.72
C ALA A 107 19.62 37.93 5.68
N GLY A 108 19.00 36.77 5.56
CA GLY A 108 19.76 35.55 5.44
C GLY A 108 20.49 35.41 4.13
N VAL A 109 19.77 35.48 2.99
CA VAL A 109 20.42 35.24 1.71
C VAL A 109 21.45 36.32 1.41
N ALA A 110 21.15 37.57 1.78
CA ALA A 110 22.12 38.62 1.51
C ALA A 110 23.37 38.42 2.35
N SER A 111 23.21 37.99 3.62
CA SER A 111 24.38 37.66 4.42
C SER A 111 25.24 36.59 3.75
N ARG A 112 24.62 35.52 3.25
CA ARG A 112 25.39 34.47 2.59
C ARG A 112 26.04 34.98 1.32
N MET A 113 25.34 35.81 0.53
CA MET A 113 25.93 36.27 -0.73
C MET A 113 27.15 37.14 -0.48
N PHE A 114 27.06 38.05 0.47
CA PHE A 114 28.19 38.91 0.76
C PHE A 114 29.34 38.09 1.30
N GLU A 115 29.03 37.05 2.04
CA GLU A 115 30.02 36.15 2.58
C GLU A 115 30.75 35.38 1.48
N ALA A 116 30.01 34.90 0.53
CA ALA A 116 30.57 34.15 -0.56
C ALA A 116 31.50 34.98 -1.41
N LEU A 117 31.13 36.21 -1.63
CA LEU A 117 31.94 37.11 -2.41
C LEU A 117 33.21 37.46 -1.69
N ALA A 118 33.08 37.62 -0.40
CA ALA A 118 34.19 37.97 0.45
C ALA A 118 35.25 36.90 0.56
N LYS A 119 34.90 35.63 0.41
CA LYS A 119 35.89 34.59 0.49
C LYS A 119 36.87 34.70 -0.63
N GLU A 120 36.38 35.03 -1.81
CA GLU A 120 37.21 35.32 -2.95
C GLU A 120 37.38 36.74 -2.58
N SER A 121 38.29 37.48 -3.16
CA SER A 121 38.43 38.88 -2.75
C SER A 121 37.63 39.84 -3.59
N ILE A 122 36.41 39.50 -3.92
CA ILE A 122 35.59 40.35 -4.78
C ILE A 122 34.94 41.45 -3.95
N ASN A 123 35.34 42.68 -4.22
CA ASN A 123 34.78 43.87 -3.60
C ASN A 123 33.45 44.24 -4.24
N ILE A 124 32.44 44.48 -3.39
CA ILE A 124 31.11 44.89 -3.84
C ILE A 124 31.08 46.41 -3.90
N GLN A 125 30.72 46.95 -5.07
CA GLN A 125 30.60 48.39 -5.21
C GLN A 125 29.19 48.90 -5.01
N MET A 126 28.18 48.14 -5.42
CA MET A 126 26.81 48.61 -5.23
C MET A 126 25.92 47.46 -4.78
N ILE A 127 24.90 47.81 -4.00
CA ILE A 127 23.92 46.87 -3.51
C ILE A 127 22.52 47.43 -3.70
N SER A 128 21.64 46.64 -4.29
CA SER A 128 20.25 47.05 -4.36
C SER A 128 19.34 45.86 -4.07
N THR A 129 18.12 46.16 -3.66
CA THR A 129 17.24 45.11 -3.20
C THR A 129 15.85 45.29 -3.79
N SER A 130 15.14 44.18 -3.87
CA SER A 130 13.76 44.14 -4.26
C SER A 130 13.11 43.04 -3.42
N GLU A 131 11.79 42.87 -3.55
CA GLU A 131 11.12 41.88 -2.70
C GLU A 131 11.67 40.47 -2.90
N ILE A 132 12.07 40.13 -4.13
CA ILE A 132 12.43 38.77 -4.49
C ILE A 132 13.85 38.64 -5.03
N LYS A 133 14.68 39.68 -4.89
CA LYS A 133 16.01 39.76 -5.50
C LYS A 133 16.95 40.48 -4.56
N VAL A 134 18.20 40.05 -4.52
CA VAL A 134 19.27 40.87 -3.98
C VAL A 134 20.29 41.00 -5.11
N SER A 135 20.69 42.24 -5.44
CA SER A 135 21.55 42.49 -6.59
C SER A 135 22.86 43.15 -6.19
N VAL A 136 23.94 42.76 -6.89
CA VAL A 136 25.27 43.27 -6.57
C VAL A 136 25.93 43.78 -7.85
N VAL A 137 26.78 44.80 -7.72
CA VAL A 137 27.55 45.33 -8.81
C VAL A 137 29.01 45.15 -8.44
N ILE A 138 29.75 44.55 -9.34
CA ILE A 138 31.14 44.25 -9.18
C ILE A 138 31.91 44.57 -10.45
N GLU A 139 33.22 44.59 -10.34
CA GLU A 139 34.06 44.78 -11.48
C GLU A 139 33.79 43.61 -12.38
N GLU A 140 33.75 43.87 -13.67
CA GLU A 140 33.42 42.87 -14.67
C GLU A 140 34.32 41.66 -14.77
N LYS A 141 35.61 41.84 -14.55
CA LYS A 141 36.53 40.74 -14.68
C LYS A 141 36.32 39.60 -13.69
N TYR A 142 35.68 39.85 -12.59
CA TYR A 142 35.47 38.85 -11.57
C TYR A 142 34.17 38.09 -11.70
N LEU A 143 33.45 38.29 -12.75
CA LEU A 143 32.11 37.75 -12.89
C LEU A 143 32.07 36.24 -12.71
N GLU A 144 32.92 35.54 -13.46
CA GLU A 144 32.93 34.09 -13.49
C GLU A 144 33.26 33.53 -12.11
N LEU A 145 34.25 34.12 -11.45
CA LEU A 145 34.56 33.70 -10.11
C LEU A 145 33.37 33.96 -9.18
N ALA A 146 32.70 35.12 -9.34
CA ALA A 146 31.56 35.46 -8.48
C ALA A 146 30.39 34.50 -8.71
N VAL A 147 30.08 34.20 -9.97
CA VAL A 147 28.99 33.25 -10.23
C VAL A 147 29.32 31.87 -9.66
N ARG A 148 30.56 31.39 -9.85
CA ARG A 148 30.95 30.09 -9.32
C ARG A 148 30.87 30.07 -7.82
N ALA A 149 31.33 31.14 -7.16
CA ALA A 149 31.21 31.24 -5.72
C ALA A 149 29.75 31.17 -5.28
N LEU A 150 28.87 31.91 -5.96
CA LEU A 150 27.45 31.90 -5.60
C LEU A 150 26.81 30.53 -5.83
N HIS A 151 27.19 29.83 -6.89
CA HIS A 151 26.63 28.50 -7.11
C HIS A 151 27.04 27.54 -6.01
N THR A 152 28.29 27.65 -5.53
CA THR A 152 28.67 26.83 -4.41
C THR A 152 27.96 27.26 -3.13
N ALA A 153 27.87 28.56 -2.90
CA ALA A 153 27.30 29.03 -1.64
C ALA A 153 25.82 28.68 -1.47
N PHE A 154 25.06 28.61 -2.53
CA PHE A 154 23.66 28.38 -2.41
C PHE A 154 23.14 27.09 -3.01
N GLU A 155 21.92 26.79 -2.67
CA GLU A 155 21.28 25.65 -3.25
C GLU A 155 20.17 26.13 -4.18
N LEU A 156 20.29 25.73 -5.43
CA LEU A 156 19.30 26.07 -6.41
C LEU A 156 18.06 25.28 -6.11
N ASP A 157 16.92 25.88 -6.37
CA ASP A 157 15.68 25.20 -6.13
C ASP A 157 15.48 24.36 -7.37
N GLU B 2 -28.50 -23.03 1.22
CA GLU B 2 -27.55 -23.18 2.31
C GLU B 2 -26.98 -21.84 2.70
N GLN B 3 -27.73 -20.79 2.44
CA GLN B 3 -27.26 -19.46 2.75
C GLN B 3 -27.09 -19.18 4.25
N PRO B 4 -28.06 -19.68 5.10
CA PRO B 4 -27.85 -19.33 6.52
C PRO B 4 -26.59 -19.84 7.20
N ILE B 5 -26.05 -19.01 8.07
CA ILE B 5 -24.84 -19.37 8.81
C ILE B 5 -25.22 -19.84 10.19
N ILE B 6 -24.58 -20.91 10.58
CA ILE B 6 -24.77 -21.46 11.89
C ILE B 6 -23.44 -21.99 12.35
N SER B 7 -23.29 -22.25 13.63
CA SER B 7 -22.06 -22.81 14.12
C SER B 7 -21.83 -24.30 13.78
N GLY B 8 -22.87 -25.11 13.81
CA GLY B 8 -22.74 -26.50 13.50
C GLY B 8 -23.96 -27.38 13.62
N ILE B 9 -23.81 -28.68 13.37
CA ILE B 9 -24.92 -29.59 13.51
C ILE B 9 -24.54 -30.64 14.56
N ALA B 10 -25.35 -30.76 15.61
CA ALA B 10 -25.08 -31.70 16.68
C ALA B 10 -26.17 -32.73 16.72
N PHE B 11 -25.86 -33.90 17.19
CA PHE B 11 -26.83 -34.94 17.32
C PHE B 11 -26.46 -35.83 18.47
N ASN B 12 -27.44 -36.43 19.09
CA ASN B 12 -27.22 -37.33 20.20
C ASN B 12 -27.98 -38.58 19.94
N ARG B 13 -27.30 -39.71 19.86
CA ARG B 13 -27.97 -40.98 19.64
C ARG B 13 -28.32 -41.72 20.93
N ASP B 14 -27.71 -41.34 22.03
CA ASP B 14 -27.97 -41.95 23.33
C ASP B 14 -29.12 -41.25 24.07
N GLU B 15 -30.32 -41.47 23.62
CA GLU B 15 -31.47 -40.86 24.22
C GLU B 15 -32.69 -41.74 24.13
N ALA B 16 -33.59 -41.58 25.10
CA ALA B 16 -34.83 -42.32 25.20
C ALA B 16 -35.92 -41.35 25.60
N LYS B 17 -37.06 -41.47 24.95
CA LYS B 17 -38.18 -40.58 25.11
C LYS B 17 -39.20 -41.20 26.07
N LEU B 18 -39.69 -40.40 27.02
CA LEU B 18 -40.75 -40.82 27.93
C LEU B 18 -41.87 -39.78 27.91
N THR B 19 -43.09 -40.23 27.75
CA THR B 19 -44.21 -39.32 27.76
C THR B 19 -45.24 -39.88 28.71
N ILE B 20 -45.79 -38.98 29.51
CA ILE B 20 -46.97 -39.23 30.33
C ILE B 20 -48.06 -38.30 29.80
N ARG B 21 -49.20 -38.87 29.43
CA ARG B 21 -50.29 -38.14 28.78
C ARG B 21 -51.49 -37.88 29.69
N GLY B 22 -52.22 -36.80 29.38
CA GLY B 22 -53.45 -36.48 30.11
C GLY B 22 -53.26 -36.25 31.58
N VAL B 23 -52.26 -35.46 31.92
CA VAL B 23 -51.88 -35.14 33.27
C VAL B 23 -52.60 -33.87 33.72
N PRO B 24 -53.16 -33.81 34.92
CA PRO B 24 -53.93 -32.62 35.29
C PRO B 24 -53.05 -31.37 35.29
N ASP B 25 -53.62 -30.29 34.75
CA ASP B 25 -52.90 -29.04 34.51
C ASP B 25 -53.04 -28.13 35.73
N THR B 26 -52.25 -28.44 36.76
CA THR B 26 -52.33 -27.80 38.06
C THR B 26 -50.93 -27.74 38.65
N PRO B 27 -50.64 -26.73 39.47
CA PRO B 27 -49.28 -26.58 40.01
C PRO B 27 -48.86 -27.79 40.82
N GLY B 28 -47.56 -28.06 40.81
CA GLY B 28 -46.97 -29.19 41.50
C GLY B 28 -46.90 -30.47 40.70
N VAL B 29 -47.57 -30.54 39.56
CA VAL B 29 -47.61 -31.79 38.81
C VAL B 29 -46.28 -32.11 38.13
N ALA B 30 -45.60 -31.10 37.59
CA ALA B 30 -44.28 -31.33 36.98
C ALA B 30 -43.29 -31.79 38.05
N PHE B 31 -43.41 -31.28 39.27
CA PHE B 31 -42.59 -31.77 40.36
C PHE B 31 -42.94 -33.22 40.73
N LYS B 32 -44.24 -33.57 40.79
CA LYS B 32 -44.64 -34.95 41.08
C LYS B 32 -44.12 -35.92 40.01
N ILE B 33 -44.02 -35.48 38.74
CA ILE B 33 -43.54 -36.35 37.67
C ILE B 33 -42.02 -36.48 37.74
N LEU B 34 -41.33 -35.38 37.96
CA LEU B 34 -39.88 -35.35 37.83
C LEU B 34 -39.17 -35.50 39.16
N GLY B 35 -39.88 -35.27 40.27
CA GLY B 35 -39.40 -35.52 41.61
C GLY B 35 -38.86 -36.92 41.85
N PRO B 36 -39.67 -37.97 41.63
CA PRO B 36 -39.12 -39.34 41.77
C PRO B 36 -38.07 -39.71 40.75
N ILE B 37 -38.14 -39.19 39.51
CA ILE B 37 -37.07 -39.49 38.55
C ILE B 37 -35.77 -38.97 39.10
N SER B 38 -35.79 -37.75 39.60
CA SER B 38 -34.61 -37.16 40.20
C SER B 38 -34.17 -37.95 41.44
N ALA B 39 -35.13 -38.47 42.21
CA ALA B 39 -34.82 -39.26 43.39
C ALA B 39 -34.05 -40.53 43.05
N ALA B 40 -34.37 -41.17 41.91
CA ALA B 40 -33.65 -42.35 41.42
C ALA B 40 -32.31 -41.98 40.87
N ASN B 41 -31.97 -40.71 41.00
CA ASN B 41 -30.75 -40.13 40.49
C ASN B 41 -30.66 -40.22 38.98
N VAL B 42 -31.79 -40.35 38.29
CA VAL B 42 -31.74 -40.43 36.84
C VAL B 42 -31.59 -39.04 36.28
N GLU B 43 -30.54 -38.85 35.50
CA GLU B 43 -30.37 -37.59 34.80
C GLU B 43 -31.38 -37.43 33.67
N VAL B 44 -31.77 -36.18 33.46
CA VAL B 44 -32.73 -35.78 32.44
C VAL B 44 -32.07 -34.80 31.47
N ASP B 45 -32.34 -34.97 30.18
CA ASP B 45 -31.82 -33.95 29.26
C ASP B 45 -32.92 -32.99 28.78
N MET B 46 -33.75 -33.47 27.86
CA MET B 46 -34.79 -32.69 27.20
C MET B 46 -36.05 -32.83 28.04
N ILE B 47 -36.76 -31.73 28.24
CA ILE B 47 -38.09 -31.70 28.86
C ILE B 47 -38.98 -30.83 27.99
N VAL B 48 -40.09 -31.36 27.50
CA VAL B 48 -40.95 -30.62 26.59
C VAL B 48 -42.40 -30.74 27.04
N GLN B 49 -43.05 -29.61 27.26
CA GLN B 49 -44.45 -29.57 27.63
C GLN B 49 -45.12 -28.42 26.88
N ASN B 50 -46.17 -28.73 26.12
CA ASN B 50 -46.96 -27.72 25.41
C ASN B 50 -48.17 -27.33 26.26
N VAL B 51 -48.94 -26.36 25.77
CA VAL B 51 -49.99 -25.73 26.57
C VAL B 51 -51.10 -26.73 26.87
N ALA B 52 -51.70 -26.56 28.04
CA ALA B 52 -52.79 -27.43 28.40
C ALA B 52 -53.99 -27.16 27.51
N HIS B 53 -54.79 -28.20 27.32
CA HIS B 53 -56.09 -28.12 26.70
C HIS B 53 -57.07 -28.96 27.51
N ASP B 54 -58.24 -28.40 27.82
CA ASP B 54 -59.25 -29.04 28.65
C ASP B 54 -58.66 -29.61 29.93
N ASN B 55 -57.83 -28.79 30.59
CA ASN B 55 -57.30 -28.99 31.93
C ASN B 55 -56.36 -30.19 32.02
N THR B 56 -55.91 -30.73 30.89
CA THR B 56 -54.87 -31.74 30.88
C THR B 56 -53.81 -31.38 29.85
N THR B 57 -52.61 -31.87 30.10
CA THR B 57 -51.51 -31.66 29.19
C THR B 57 -50.72 -32.96 29.07
N ASP B 58 -49.77 -32.97 28.14
CA ASP B 58 -48.80 -34.04 27.99
C ASP B 58 -47.43 -33.52 28.42
N PHE B 59 -46.60 -34.40 28.96
CA PHE B 59 -45.30 -34.04 29.52
C PHE B 59 -44.28 -35.08 29.04
N THR B 60 -43.24 -34.65 28.29
CA THR B 60 -42.24 -35.56 27.75
C THR B 60 -40.85 -35.18 28.23
N PHE B 61 -40.02 -36.20 28.52
CA PHE B 61 -38.62 -35.94 28.81
C PHE B 61 -37.73 -37.05 28.28
N THR B 62 -36.44 -36.76 28.22
CA THR B 62 -35.51 -37.74 27.71
C THR B 62 -34.42 -38.05 28.74
N VAL B 63 -33.98 -39.30 28.73
CA VAL B 63 -32.93 -39.77 29.62
C VAL B 63 -31.97 -40.60 28.79
N HIS B 64 -30.79 -40.83 29.37
CA HIS B 64 -29.85 -41.76 28.78
C HIS B 64 -30.48 -43.14 28.63
N ARG B 65 -30.03 -43.85 27.59
CA ARG B 65 -30.64 -45.13 27.22
C ARG B 65 -30.50 -46.16 28.32
N ASN B 66 -29.38 -46.13 29.04
CA ASN B 66 -29.23 -47.05 30.16
C ASN B 66 -30.32 -46.85 31.20
N ASP B 67 -30.84 -45.62 31.35
CA ASP B 67 -31.85 -45.40 32.37
C ASP B 67 -33.29 -45.52 31.88
N TYR B 68 -33.53 -45.90 30.63
CA TYR B 68 -34.89 -45.87 30.09
C TYR B 68 -35.82 -46.75 30.93
N LEU B 69 -35.43 -48.01 31.16
CA LEU B 69 -36.33 -48.97 31.80
C LEU B 69 -36.68 -48.53 33.22
N ASN B 70 -35.69 -48.05 33.95
CA ASN B 70 -35.94 -47.50 35.27
C ASN B 70 -36.89 -46.28 35.22
N ALA B 71 -36.58 -45.31 34.36
CA ALA B 71 -37.43 -44.16 34.23
C ALA B 71 -38.82 -44.55 33.78
N LEU B 72 -38.94 -45.51 32.86
CA LEU B 72 -40.25 -45.87 32.36
C LEU B 72 -41.14 -46.38 33.49
N GLU B 73 -40.61 -47.26 34.34
CA GLU B 73 -41.46 -47.79 35.41
C GLU B 73 -41.81 -46.73 36.44
N ILE B 74 -40.85 -45.87 36.81
CA ILE B 74 -41.20 -44.83 37.76
C ILE B 74 -42.32 -43.96 37.19
N LEU B 75 -42.20 -43.58 35.92
CA LEU B 75 -43.22 -42.76 35.28
C LEU B 75 -44.54 -43.50 35.21
N LYS B 76 -44.50 -44.79 34.93
CA LYS B 76 -45.73 -45.59 34.90
C LYS B 76 -46.42 -45.61 36.27
N GLN B 77 -45.64 -45.68 37.35
CA GLN B 77 -46.25 -45.66 38.69
C GLN B 77 -46.82 -44.29 39.02
N THR B 78 -46.08 -43.23 38.68
CA THR B 78 -46.56 -41.86 38.85
C THR B 78 -47.82 -41.61 38.03
N ALA B 79 -47.85 -42.14 36.80
CA ALA B 79 -49.02 -42.00 35.95
C ALA B 79 -50.24 -42.61 36.60
N ALA B 80 -50.07 -43.79 37.21
CA ALA B 80 -51.15 -44.40 37.96
C ALA B 80 -51.46 -43.61 39.23
N ASN B 81 -50.45 -43.04 39.89
CA ASN B 81 -50.73 -42.36 41.15
C ASN B 81 -51.55 -41.08 40.93
N ILE B 82 -51.19 -40.26 39.94
CA ILE B 82 -51.82 -38.95 39.72
C ILE B 82 -52.96 -38.98 38.72
N GLY B 83 -53.39 -40.14 38.25
CA GLY B 83 -54.56 -40.20 37.40
C GLY B 83 -54.35 -39.87 35.94
N ALA B 84 -53.12 -39.85 35.46
CA ALA B 84 -52.83 -39.60 34.05
C ALA B 84 -53.42 -40.69 33.16
N ARG B 85 -53.46 -40.42 31.86
CA ARG B 85 -54.10 -41.40 30.99
C ARG B 85 -53.19 -42.60 30.73
N GLU B 86 -51.91 -42.36 30.49
CA GLU B 86 -50.96 -43.44 30.22
C GLU B 86 -49.56 -42.87 30.29
N ALA B 87 -48.59 -43.78 30.35
CA ALA B 87 -47.17 -43.48 30.23
C ALA B 87 -46.56 -44.41 29.18
N ILE B 88 -45.82 -43.82 28.23
CA ILE B 88 -45.32 -44.54 27.08
C ILE B 88 -43.86 -44.15 26.89
N GLY B 89 -43.06 -45.02 26.33
CA GLY B 89 -41.66 -44.78 26.11
C GLY B 89 -41.17 -45.13 24.75
N ASP B 90 -40.05 -44.57 24.34
CA ASP B 90 -39.52 -44.85 23.03
C ASP B 90 -38.02 -44.87 23.15
N THR B 91 -37.38 -45.78 22.45
CA THR B 91 -35.96 -45.90 22.49
C THR B 91 -35.33 -45.63 21.13
N ASN B 92 -36.13 -45.78 20.12
CA ASN B 92 -35.71 -45.65 18.77
C ASN B 92 -35.82 -44.22 18.27
N ILE B 93 -35.04 -43.34 18.86
CA ILE B 93 -35.04 -41.93 18.55
C ILE B 93 -33.66 -41.31 18.58
N ALA B 94 -33.53 -40.16 17.96
CA ALA B 94 -32.31 -39.40 17.94
C ALA B 94 -32.58 -37.92 18.08
N LYS B 95 -31.64 -37.23 18.68
CA LYS B 95 -31.77 -35.82 18.85
C LYS B 95 -30.81 -35.10 17.92
N VAL B 96 -31.32 -34.22 17.10
CA VAL B 96 -30.46 -33.44 16.22
C VAL B 96 -30.78 -31.96 16.42
N SER B 97 -29.72 -31.15 16.48
CA SER B 97 -29.79 -29.73 16.83
C SER B 97 -28.96 -28.87 15.88
N ILE B 98 -29.42 -27.63 15.67
CA ILE B 98 -28.61 -26.60 15.02
C ILE B 98 -28.07 -25.70 16.11
N VAL B 99 -26.77 -25.55 16.15
CA VAL B 99 -26.23 -24.73 17.17
C VAL B 99 -25.57 -23.52 16.58
N GLY B 100 -25.40 -22.50 17.40
CA GLY B 100 -24.86 -21.24 17.00
C GLY B 100 -25.86 -20.41 16.23
N VAL B 101 -27.12 -20.54 16.58
CA VAL B 101 -28.16 -19.86 15.84
C VAL B 101 -28.22 -18.33 15.77
N GLY B 102 -28.04 -17.64 16.87
CA GLY B 102 -28.17 -16.20 16.85
C GLY B 102 -29.62 -16.04 17.26
N MET B 103 -29.82 -15.41 18.39
CA MET B 103 -31.11 -15.24 18.98
C MET B 103 -32.07 -14.51 18.08
N ARG B 104 -31.53 -13.66 17.26
CA ARG B 104 -32.29 -12.86 16.33
C ARG B 104 -32.93 -13.65 15.20
N SER B 105 -32.36 -14.81 14.87
CA SER B 105 -32.78 -15.61 13.74
C SER B 105 -33.49 -16.95 13.90
N HIS B 106 -34.15 -17.21 15.03
CA HIS B 106 -34.79 -18.49 15.19
C HIS B 106 -35.77 -18.74 14.08
N ALA B 107 -36.53 -17.74 13.68
CA ALA B 107 -37.48 -17.92 12.61
C ALA B 107 -36.81 -18.32 11.33
N GLY B 108 -35.68 -17.75 11.02
CA GLY B 108 -35.10 -18.16 9.74
C GLY B 108 -34.41 -19.50 9.76
N VAL B 109 -33.63 -19.79 10.79
CA VAL B 109 -32.94 -21.06 10.80
C VAL B 109 -33.93 -22.20 10.99
N ALA B 110 -34.99 -21.99 11.78
CA ALA B 110 -35.93 -23.07 12.03
C ALA B 110 -36.73 -23.38 10.77
N SER B 111 -37.15 -22.34 10.05
CA SER B 111 -37.83 -22.55 8.77
C SER B 111 -36.97 -23.42 7.87
N ARG B 112 -35.68 -23.11 7.77
CA ARG B 112 -34.81 -23.86 6.88
C ARG B 112 -34.60 -25.29 7.36
N MET B 113 -34.45 -25.49 8.68
CA MET B 113 -34.25 -26.85 9.19
C MET B 113 -35.48 -27.71 8.94
N PHE B 114 -36.68 -27.18 9.21
CA PHE B 114 -37.91 -27.94 8.97
C PHE B 114 -38.09 -28.24 7.49
N GLU B 115 -37.65 -27.33 6.62
CA GLU B 115 -37.76 -27.56 5.19
C GLU B 115 -36.78 -28.64 4.73
N ALA B 116 -35.53 -28.58 5.19
CA ALA B 116 -34.58 -29.61 4.75
C ALA B 116 -35.04 -31.00 5.18
N LEU B 117 -35.57 -31.11 6.40
CA LEU B 117 -36.10 -32.39 6.87
C LEU B 117 -37.35 -32.79 6.10
N ALA B 118 -38.20 -31.83 5.76
CA ALA B 118 -39.38 -32.19 4.98
C ALA B 118 -39.07 -32.60 3.55
N LYS B 119 -37.97 -32.14 2.96
CA LYS B 119 -37.69 -32.53 1.59
C LYS B 119 -37.30 -34.00 1.51
N GLU B 120 -36.52 -34.46 2.47
CA GLU B 120 -36.55 -35.88 2.81
C GLU B 120 -37.90 -36.16 3.49
N SER B 121 -38.29 -37.41 3.62
CA SER B 121 -39.60 -37.54 4.23
C SER B 121 -39.50 -37.77 5.74
N ILE B 122 -38.63 -37.00 6.41
CA ILE B 122 -38.39 -37.17 7.85
C ILE B 122 -39.44 -36.39 8.62
N ASN B 123 -40.29 -37.11 9.35
CA ASN B 123 -41.28 -36.51 10.22
C ASN B 123 -40.63 -36.05 11.52
N ILE B 124 -40.90 -34.82 11.92
CA ILE B 124 -40.41 -34.28 13.17
C ILE B 124 -41.43 -34.63 14.23
N GLN B 125 -40.99 -35.26 15.31
CA GLN B 125 -41.93 -35.55 16.38
C GLN B 125 -41.86 -34.54 17.50
N MET B 126 -40.68 -34.02 17.83
CA MET B 126 -40.61 -33.02 18.87
C MET B 126 -39.73 -31.86 18.43
N ILE B 127 -40.07 -30.68 18.93
CA ILE B 127 -39.28 -29.49 18.69
C ILE B 127 -39.10 -28.75 20.00
N SER B 128 -37.86 -28.36 20.28
CA SER B 128 -37.59 -27.54 21.45
C SER B 128 -36.54 -26.49 21.09
N THR B 129 -36.52 -25.40 21.87
CA THR B 129 -35.72 -24.25 21.51
C THR B 129 -34.97 -23.70 22.71
N SER B 130 -33.88 -23.02 22.41
CA SER B 130 -33.03 -22.31 23.33
C SER B 130 -32.53 -21.06 22.62
N GLU B 131 -31.85 -20.17 23.34
CA GLU B 131 -31.42 -18.91 22.72
C GLU B 131 -30.53 -19.15 21.53
N ILE B 132 -29.69 -20.18 21.58
CA ILE B 132 -28.67 -20.40 20.57
C ILE B 132 -28.80 -21.74 19.88
N LYS B 133 -29.94 -22.44 20.03
CA LYS B 133 -30.08 -23.78 19.52
C LYS B 133 -31.54 -24.02 19.11
N VAL B 134 -31.70 -24.78 18.03
CA VAL B 134 -32.99 -25.35 17.66
C VAL B 134 -32.81 -26.86 17.65
N SER B 135 -33.67 -27.60 18.37
CA SER B 135 -33.51 -29.03 18.54
C SER B 135 -34.70 -29.82 18.04
N VAL B 136 -34.42 -30.97 17.42
CA VAL B 136 -35.44 -31.80 16.82
C VAL B 136 -35.26 -33.25 17.26
N VAL B 137 -36.36 -33.97 17.45
CA VAL B 137 -36.31 -35.40 17.75
C VAL B 137 -36.97 -36.15 16.60
N ILE B 138 -36.28 -37.15 16.11
CA ILE B 138 -36.67 -37.97 15.00
C ILE B 138 -36.40 -39.46 15.20
N GLU B 139 -37.02 -40.29 14.38
CA GLU B 139 -36.81 -41.70 14.45
C GLU B 139 -35.35 -41.91 14.16
N GLU B 140 -34.72 -42.75 14.92
CA GLU B 140 -33.31 -42.98 14.86
C GLU B 140 -32.78 -43.45 13.51
N LYS B 141 -33.56 -44.22 12.78
CA LYS B 141 -33.10 -44.73 11.51
C LYS B 141 -32.77 -43.62 10.53
N TYR B 142 -33.38 -42.46 10.69
CA TYR B 142 -33.17 -41.36 9.78
C TYR B 142 -32.11 -40.36 10.14
N LEU B 143 -31.31 -40.66 11.14
CA LEU B 143 -30.31 -39.72 11.57
C LEU B 143 -29.29 -39.33 10.54
N GLU B 144 -28.79 -40.29 9.80
CA GLU B 144 -27.79 -40.05 8.80
C GLU B 144 -28.31 -39.24 7.69
N LEU B 145 -29.49 -39.59 7.22
CA LEU B 145 -30.11 -38.83 6.14
C LEU B 145 -30.40 -37.40 6.60
N ALA B 146 -30.87 -37.25 7.85
CA ALA B 146 -31.20 -35.94 8.39
C ALA B 146 -29.96 -35.06 8.50
N VAL B 147 -28.88 -35.61 9.03
CA VAL B 147 -27.65 -34.82 9.22
C VAL B 147 -27.09 -34.39 7.86
N ARG B 148 -27.08 -35.29 6.88
CA ARG B 148 -26.61 -34.88 5.57
C ARG B 148 -27.50 -33.79 4.98
N ALA B 149 -28.82 -33.95 5.10
CA ALA B 149 -29.71 -32.91 4.61
C ALA B 149 -29.42 -31.57 5.28
N LEU B 150 -29.21 -31.56 6.59
CA LEU B 150 -28.93 -30.29 7.26
C LEU B 150 -27.61 -29.67 6.81
N HIS B 151 -26.64 -30.49 6.49
CA HIS B 151 -25.37 -30.01 6.06
C HIS B 151 -25.48 -29.36 4.71
N THR B 152 -26.28 -29.95 3.86
CA THR B 152 -26.51 -29.42 2.56
C THR B 152 -27.28 -28.09 2.61
N ALA B 153 -28.31 -28.02 3.43
CA ALA B 153 -29.12 -26.84 3.57
C ALA B 153 -28.52 -25.67 4.33
N PHE B 154 -27.46 -25.89 5.07
CA PHE B 154 -26.86 -24.82 5.84
C PHE B 154 -25.38 -24.58 5.55
N GLU B 155 -24.90 -23.42 5.95
CA GLU B 155 -23.50 -23.07 5.78
C GLU B 155 -22.86 -22.99 7.16
N LEU B 156 -21.84 -23.80 7.40
CA LEU B 156 -21.13 -23.81 8.67
C LEU B 156 -19.92 -22.91 8.82
N ASP B 157 -19.52 -22.67 10.05
CA ASP B 157 -18.37 -21.84 10.35
C ASP B 157 -17.17 -22.59 10.86
N ILE C 5 -1.13 -30.29 17.65
CA ILE C 5 -2.40 -29.92 17.08
C ILE C 5 -3.23 -31.01 16.44
N ILE C 6 -4.54 -30.90 16.64
CA ILE C 6 -5.52 -31.78 16.08
C ILE C 6 -6.75 -30.97 15.76
N SER C 7 -7.55 -31.41 14.80
CA SER C 7 -8.76 -30.68 14.48
C SER C 7 -9.79 -30.70 15.58
N GLY C 8 -10.04 -31.86 16.19
CA GLY C 8 -11.03 -31.94 17.23
C GLY C 8 -11.10 -33.19 18.04
N ILE C 9 -11.94 -33.17 19.07
CA ILE C 9 -12.18 -34.32 19.93
C ILE C 9 -13.61 -34.72 19.67
N ALA C 10 -13.79 -35.97 19.33
CA ALA C 10 -15.06 -36.59 19.02
C ALA C 10 -15.33 -37.65 20.05
N PHE C 11 -16.59 -37.99 20.19
CA PHE C 11 -16.97 -39.05 21.05
C PHE C 11 -18.31 -39.59 20.62
N ASN C 12 -18.59 -40.80 21.03
CA ASN C 12 -19.86 -41.40 20.80
C ASN C 12 -20.28 -42.11 22.06
N ARG C 13 -21.41 -41.68 22.60
CA ARG C 13 -21.98 -42.22 23.79
C ARG C 13 -22.80 -43.46 23.55
N ASP C 14 -23.27 -43.64 22.32
CA ASP C 14 -24.14 -44.73 22.01
C ASP C 14 -23.34 -45.97 21.60
N GLU C 15 -22.80 -46.64 22.59
CA GLU C 15 -22.00 -47.80 22.33
C GLU C 15 -22.13 -48.88 23.36
N ALA C 16 -21.99 -50.11 22.90
CA ALA C 16 -22.03 -51.30 23.69
C ALA C 16 -20.85 -52.16 23.31
N LYS C 17 -20.13 -52.67 24.30
CA LYS C 17 -18.93 -53.47 24.08
C LYS C 17 -19.25 -54.96 24.17
N LEU C 18 -18.74 -55.73 23.21
CA LEU C 18 -18.89 -57.18 23.21
C LEU C 18 -17.55 -57.86 23.01
N THR C 19 -17.24 -58.84 23.86
CA THR C 19 -15.96 -59.55 23.76
C THR C 19 -16.19 -61.04 23.82
N ILE C 20 -15.56 -61.76 22.89
CA ILE C 20 -15.52 -63.21 22.89
C ILE C 20 -14.06 -63.61 23.05
N ARG C 21 -13.76 -64.31 24.14
CA ARG C 21 -12.39 -64.57 24.56
C ARG C 21 -11.93 -66.00 24.28
N GLY C 22 -10.63 -66.14 24.05
CA GLY C 22 -10.03 -67.43 23.75
C GLY C 22 -10.62 -68.09 22.51
N VAL C 23 -10.80 -67.33 21.43
CA VAL C 23 -11.30 -67.93 20.20
C VAL C 23 -10.09 -68.53 19.48
N PRO C 24 -10.27 -69.62 18.74
CA PRO C 24 -9.13 -70.25 18.04
C PRO C 24 -8.55 -69.39 16.91
N ASP C 25 -7.23 -69.32 16.86
CA ASP C 25 -6.53 -68.41 15.96
C ASP C 25 -6.28 -69.07 14.61
N THR C 26 -7.32 -69.11 13.80
CA THR C 26 -7.31 -69.85 12.57
C THR C 26 -8.09 -69.06 11.54
N PRO C 27 -7.70 -69.08 10.27
CA PRO C 27 -8.45 -68.34 9.26
C PRO C 27 -9.91 -68.78 9.27
N GLY C 28 -10.79 -67.84 8.96
CA GLY C 28 -12.21 -68.08 8.96
C GLY C 28 -12.91 -67.86 10.28
N VAL C 29 -12.16 -67.70 11.37
CA VAL C 29 -12.76 -67.47 12.68
C VAL C 29 -13.33 -66.05 12.81
N ALA C 30 -12.63 -65.05 12.26
CA ALA C 30 -13.15 -63.68 12.31
C ALA C 30 -14.50 -63.60 11.60
N PHE C 31 -14.62 -64.33 10.48
CA PHE C 31 -15.89 -64.39 9.76
C PHE C 31 -16.95 -65.15 10.54
N LYS C 32 -16.57 -66.27 11.18
CA LYS C 32 -17.54 -67.01 11.98
C LYS C 32 -18.12 -66.16 13.10
N ILE C 33 -17.32 -65.23 13.65
CA ILE C 33 -17.82 -64.38 14.73
C ILE C 33 -18.75 -63.32 14.17
N LEU C 34 -18.36 -62.69 13.05
CA LEU C 34 -19.04 -61.49 12.57
C LEU C 34 -20.08 -61.80 11.50
N GLY C 35 -20.01 -62.97 10.86
CA GLY C 35 -21.01 -63.42 9.89
C GLY C 35 -22.45 -63.36 10.39
N PRO C 36 -22.73 -64.00 11.52
CA PRO C 36 -24.11 -63.94 12.06
C PRO C 36 -24.52 -62.57 12.58
N ILE C 37 -23.59 -61.75 13.09
CA ILE C 37 -23.98 -60.40 13.49
C ILE C 37 -24.52 -59.64 12.29
N SER C 38 -23.76 -59.67 11.18
CA SER C 38 -24.18 -59.02 9.95
C SER C 38 -25.44 -59.66 9.38
N ALA C 39 -25.54 -60.99 9.51
CA ALA C 39 -26.73 -61.69 9.03
C ALA C 39 -28.02 -61.22 9.70
N ALA C 40 -27.94 -60.83 10.98
CA ALA C 40 -29.04 -60.22 11.73
C ALA C 40 -29.22 -58.73 11.44
N ASN C 41 -28.44 -58.14 10.53
CA ASN C 41 -28.53 -56.72 10.23
C ASN C 41 -28.14 -55.82 11.38
N VAL C 42 -27.21 -56.26 12.23
CA VAL C 42 -26.66 -55.42 13.29
C VAL C 42 -25.45 -54.68 12.72
N GLU C 43 -25.45 -53.36 12.83
CA GLU C 43 -24.27 -52.59 12.46
C GLU C 43 -23.16 -52.75 13.50
N VAL C 44 -21.91 -52.76 13.03
CA VAL C 44 -20.73 -52.83 13.88
C VAL C 44 -19.91 -51.56 13.67
N ASP C 45 -19.45 -50.96 14.76
CA ASP C 45 -18.60 -49.79 14.70
C ASP C 45 -17.16 -50.24 14.88
N MET C 46 -16.78 -50.48 16.13
CA MET C 46 -15.41 -50.78 16.46
C MET C 46 -15.21 -52.28 16.36
N ILE C 47 -14.03 -52.67 15.86
CA ILE C 47 -13.53 -54.03 15.94
C ILE C 47 -12.07 -53.93 16.37
N VAL C 48 -11.73 -54.65 17.44
CA VAL C 48 -10.38 -54.63 18.01
C VAL C 48 -9.97 -56.08 18.23
N GLN C 49 -8.83 -56.48 17.68
CA GLN C 49 -8.29 -57.80 17.94
C GLN C 49 -6.79 -57.70 18.03
N ASN C 50 -6.22 -58.06 19.17
CA ASN C 50 -4.81 -58.01 19.30
C ASN C 50 -4.12 -59.35 18.98
N VAL C 51 -2.80 -59.36 18.97
CA VAL C 51 -2.08 -60.58 18.65
C VAL C 51 -2.33 -61.76 19.57
N ALA C 52 -2.33 -62.93 18.98
CA ALA C 52 -2.56 -64.15 19.70
C ALA C 52 -1.36 -64.65 20.49
N HIS C 53 -1.68 -65.44 21.50
CA HIS C 53 -0.73 -66.09 22.34
C HIS C 53 -1.26 -67.45 22.62
N ASP C 54 -0.44 -68.47 22.54
CA ASP C 54 -0.91 -69.81 22.80
C ASP C 54 -2.09 -70.19 21.94
N ASN C 55 -2.03 -69.75 20.70
CA ASN C 55 -2.99 -70.05 19.67
C ASN C 55 -4.42 -69.67 19.86
N THR C 56 -4.67 -68.63 20.60
CA THR C 56 -6.01 -68.16 20.80
C THR C 56 -5.96 -66.69 20.89
N THR C 57 -7.09 -66.08 20.57
CA THR C 57 -7.25 -64.65 20.65
C THR C 57 -8.61 -64.29 21.20
N ASP C 58 -8.67 -62.99 21.52
CA ASP C 58 -9.86 -62.27 21.90
C ASP C 58 -10.23 -61.31 20.78
N PHE C 59 -11.52 -61.15 20.61
CA PHE C 59 -12.13 -60.40 19.52
C PHE C 59 -13.18 -59.52 20.17
N THR C 60 -13.05 -58.21 20.02
CA THR C 60 -13.99 -57.29 20.64
C THR C 60 -14.55 -56.40 19.56
N PHE C 61 -15.86 -56.16 19.61
CA PHE C 61 -16.46 -55.20 18.71
C PHE C 61 -17.61 -54.52 19.44
N THR C 62 -18.02 -53.37 18.90
CA THR C 62 -19.03 -52.52 19.51
C THR C 62 -20.22 -52.41 18.57
N VAL C 63 -21.40 -52.21 19.15
CA VAL C 63 -22.63 -52.08 18.41
C VAL C 63 -23.41 -50.94 19.04
N HIS C 64 -24.40 -50.44 18.29
CA HIS C 64 -25.30 -49.44 18.84
C HIS C 64 -25.96 -50.01 20.09
N ARG C 65 -26.32 -49.16 21.04
CA ARG C 65 -26.88 -49.62 22.30
C ARG C 65 -28.15 -50.37 22.11
N ASN C 66 -28.92 -49.92 21.17
CA ASN C 66 -30.17 -50.60 20.86
C ASN C 66 -29.99 -52.02 20.31
N ASP C 67 -28.81 -52.36 19.78
CA ASP C 67 -28.58 -53.72 19.31
C ASP C 67 -27.85 -54.61 20.33
N TYR C 68 -27.61 -54.11 21.54
CA TYR C 68 -26.69 -54.79 22.47
C TYR C 68 -27.15 -56.21 22.76
N LEU C 69 -28.40 -56.35 23.19
CA LEU C 69 -28.89 -57.62 23.70
C LEU C 69 -28.94 -58.67 22.61
N ASN C 70 -29.42 -58.28 21.44
CA ASN C 70 -29.47 -59.15 20.27
C ASN C 70 -28.08 -59.63 19.85
N ALA C 71 -27.13 -58.70 19.75
CA ALA C 71 -25.77 -59.08 19.39
C ALA C 71 -25.13 -59.94 20.46
N LEU C 72 -25.30 -59.55 21.72
CA LEU C 72 -24.73 -60.30 22.83
C LEU C 72 -25.21 -61.75 22.80
N GLU C 73 -26.48 -61.97 22.48
CA GLU C 73 -26.99 -63.33 22.44
C GLU C 73 -26.38 -64.12 21.30
N ILE C 74 -26.33 -63.53 20.10
CA ILE C 74 -25.75 -64.21 18.94
C ILE C 74 -24.32 -64.60 19.23
N LEU C 75 -23.58 -63.68 19.86
CA LEU C 75 -22.17 -63.93 20.16
C LEU C 75 -22.01 -65.07 21.15
N LYS C 76 -22.89 -65.15 22.15
CA LYS C 76 -22.79 -66.24 23.11
C LYS C 76 -22.98 -67.58 22.44
N GLN C 77 -23.93 -67.67 21.51
CA GLN C 77 -24.11 -68.92 20.81
C GLN C 77 -22.90 -69.25 19.92
N THR C 78 -22.35 -68.26 19.24
CA THR C 78 -21.14 -68.51 18.46
C THR C 78 -20.01 -68.96 19.37
N ALA C 79 -19.89 -68.35 20.56
CA ALA C 79 -18.86 -68.75 21.51
C ALA C 79 -19.02 -70.22 21.87
N ALA C 80 -20.27 -70.66 22.03
CA ALA C 80 -20.54 -72.07 22.24
C ALA C 80 -20.25 -72.89 20.98
N ASN C 81 -20.53 -72.33 19.80
CA ASN C 81 -20.35 -73.11 18.56
C ASN C 81 -18.89 -73.38 18.25
N ILE C 82 -18.02 -72.41 18.45
CA ILE C 82 -16.63 -72.58 18.14
C ILE C 82 -15.68 -72.95 19.27
N GLY C 83 -16.18 -73.16 20.47
CA GLY C 83 -15.31 -73.50 21.57
C GLY C 83 -14.52 -72.40 22.24
N ALA C 84 -15.02 -71.19 22.20
CA ALA C 84 -14.38 -70.06 22.85
C ALA C 84 -14.56 -70.14 24.35
N ARG C 85 -13.73 -69.40 25.09
CA ARG C 85 -13.85 -69.39 26.54
C ARG C 85 -15.16 -68.80 27.06
N GLU C 86 -15.59 -67.65 26.55
CA GLU C 86 -16.84 -67.02 26.96
C GLU C 86 -17.21 -65.83 26.10
N ALA C 87 -18.46 -65.39 26.11
CA ALA C 87 -18.87 -64.19 25.40
C ALA C 87 -19.59 -63.27 26.41
N ILE C 88 -19.10 -62.04 26.55
CA ILE C 88 -19.46 -61.05 27.58
C ILE C 88 -19.65 -59.66 26.99
N GLY C 89 -20.50 -58.87 27.65
CA GLY C 89 -20.85 -57.56 27.14
C GLY C 89 -20.82 -56.50 28.22
N ASP C 90 -20.70 -55.26 27.77
CA ASP C 90 -20.63 -54.13 28.66
C ASP C 90 -21.32 -52.95 27.99
N THR C 91 -22.22 -52.33 28.71
CA THR C 91 -22.96 -51.23 28.14
C THR C 91 -22.51 -49.87 28.66
N ASN C 92 -21.62 -49.82 29.64
CA ASN C 92 -21.27 -48.54 30.27
C ASN C 92 -19.92 -48.02 29.77
N ILE C 93 -19.80 -47.83 28.46
CA ILE C 93 -18.54 -47.43 27.87
C ILE C 93 -18.79 -46.24 26.98
N ALA C 94 -17.75 -45.46 26.75
CA ALA C 94 -17.86 -44.37 25.81
C ALA C 94 -16.64 -44.41 24.93
N LYS C 95 -16.81 -43.95 23.71
CA LYS C 95 -15.71 -43.89 22.76
C LYS C 95 -15.34 -42.43 22.61
N VAL C 96 -14.08 -42.11 22.87
CA VAL C 96 -13.58 -40.75 22.66
C VAL C 96 -12.39 -40.85 21.72
N SER C 97 -12.32 -39.96 20.76
CA SER C 97 -11.27 -39.97 19.78
C SER C 97 -10.66 -38.62 19.49
N ILE C 98 -9.44 -38.62 19.00
CA ILE C 98 -8.80 -37.39 18.61
C ILE C 98 -8.85 -37.47 17.10
N VAL C 99 -9.13 -36.37 16.43
CA VAL C 99 -9.23 -36.38 14.99
C VAL C 99 -8.30 -35.39 14.30
N GLY C 100 -8.04 -35.61 13.03
CA GLY C 100 -7.14 -34.76 12.27
C GLY C 100 -5.75 -34.81 12.81
N VAL C 101 -5.28 -36.01 13.10
CA VAL C 101 -3.98 -36.28 13.67
C VAL C 101 -2.73 -35.93 12.84
N GLY C 102 -2.75 -36.24 11.57
CA GLY C 102 -1.61 -36.02 10.72
C GLY C 102 -1.10 -37.42 10.73
N MET C 103 -0.88 -38.01 9.57
CA MET C 103 -0.48 -39.39 9.46
C MET C 103 0.83 -39.64 10.17
N ARG C 104 1.69 -38.64 10.08
CA ARG C 104 3.02 -38.58 10.64
C ARG C 104 3.19 -38.67 12.13
N SER C 105 2.26 -38.06 12.84
CA SER C 105 2.36 -37.91 14.27
C SER C 105 1.63 -38.79 15.26
N HIS C 106 1.18 -39.97 14.90
CA HIS C 106 0.44 -40.75 15.89
C HIS C 106 1.14 -40.91 17.20
N ALA C 107 2.43 -41.20 17.21
CA ALA C 107 3.12 -41.40 18.46
C ALA C 107 3.04 -40.15 19.31
N GLY C 108 3.12 -38.99 18.71
CA GLY C 108 2.99 -37.81 19.51
C GLY C 108 1.65 -37.47 20.14
N VAL C 109 0.57 -37.52 19.36
CA VAL C 109 -0.77 -37.24 19.83
C VAL C 109 -1.32 -38.28 20.78
N ALA C 110 -1.04 -39.51 20.46
CA ALA C 110 -1.51 -40.59 21.25
C ALA C 110 -0.92 -40.47 22.61
N SER C 111 0.35 -40.17 22.67
CA SER C 111 1.00 -40.02 23.95
C SER C 111 0.43 -38.89 24.74
N ARG C 112 0.20 -37.77 24.11
CA ARG C 112 -0.35 -36.65 24.81
C ARG C 112 -1.69 -37.08 25.32
N MET C 113 -2.43 -37.76 24.47
CA MET C 113 -3.75 -38.21 24.86
C MET C 113 -3.69 -39.20 26.01
N PHE C 114 -2.79 -40.15 25.95
CA PHE C 114 -2.64 -41.12 26.99
C PHE C 114 -2.19 -40.47 28.27
N GLU C 115 -1.36 -39.45 28.18
CA GLU C 115 -0.91 -38.73 29.34
C GLU C 115 -2.06 -37.97 29.97
N ALA C 116 -2.89 -37.34 29.17
CA ALA C 116 -3.99 -36.57 29.72
C ALA C 116 -4.96 -37.40 30.50
N LEU C 117 -5.30 -38.54 29.96
CA LEU C 117 -6.21 -39.43 30.62
C LEU C 117 -5.60 -39.97 31.90
N ALA C 118 -4.31 -40.23 31.87
CA ALA C 118 -3.58 -40.74 33.00
C ALA C 118 -3.57 -39.77 34.18
N LYS C 119 -3.56 -38.49 33.86
CA LYS C 119 -3.58 -37.42 34.82
C LYS C 119 -4.89 -37.42 35.60
N GLU C 120 -5.98 -37.72 34.93
CA GLU C 120 -7.29 -37.69 35.55
C GLU C 120 -7.76 -38.99 36.13
N SER C 121 -6.85 -39.94 36.20
CA SER C 121 -7.08 -41.28 36.70
C SER C 121 -8.09 -42.03 35.89
N ILE C 122 -8.04 -41.82 34.59
CA ILE C 122 -8.91 -42.50 33.68
C ILE C 122 -8.21 -43.68 33.07
N ASN C 123 -8.80 -44.83 33.29
CA ASN C 123 -8.30 -46.06 32.76
C ASN C 123 -8.71 -46.29 31.33
N ILE C 124 -7.76 -46.65 30.51
CA ILE C 124 -8.06 -46.90 29.11
C ILE C 124 -8.26 -48.39 28.93
N GLN C 125 -9.43 -48.80 28.47
CA GLN C 125 -9.63 -50.24 28.28
C GLN C 125 -9.30 -50.71 26.88
N MET C 126 -9.51 -49.87 25.87
CA MET C 126 -9.29 -50.24 24.48
C MET C 126 -8.62 -49.08 23.77
N ILE C 127 -7.77 -49.41 22.80
CA ILE C 127 -7.17 -48.41 21.93
C ILE C 127 -7.25 -48.92 20.50
N SER C 128 -7.70 -48.07 19.59
CA SER C 128 -7.69 -48.40 18.18
C SER C 128 -7.28 -47.17 17.39
N THR C 129 -6.82 -47.41 16.17
CA THR C 129 -6.11 -46.38 15.46
C THR C 129 -6.51 -46.34 14.00
N SER C 130 -6.33 -45.18 13.41
CA SER C 130 -6.59 -45.01 12.01
C SER C 130 -5.60 -43.95 11.55
N GLU C 131 -5.59 -43.66 10.24
CA GLU C 131 -4.62 -42.70 9.74
C GLU C 131 -4.78 -41.33 10.40
N ILE C 132 -6.02 -40.90 10.62
CA ILE C 132 -6.24 -39.54 11.08
C ILE C 132 -6.92 -39.48 12.45
N LYS C 133 -7.06 -40.60 13.13
CA LYS C 133 -7.75 -40.58 14.42
C LYS C 133 -7.13 -41.60 15.36
N VAL C 134 -7.10 -41.22 16.64
CA VAL C 134 -6.77 -42.13 17.74
C VAL C 134 -7.98 -42.21 18.66
N SER C 135 -8.45 -43.44 18.89
CA SER C 135 -9.69 -43.71 19.60
C SER C 135 -9.43 -44.50 20.87
N VAL C 136 -10.18 -44.14 21.90
CA VAL C 136 -10.07 -44.78 23.20
C VAL C 136 -11.47 -45.15 23.67
N VAL C 137 -11.56 -46.25 24.40
CA VAL C 137 -12.80 -46.64 25.06
C VAL C 137 -12.55 -46.57 26.55
N ILE C 138 -13.45 -45.88 27.27
CA ILE C 138 -13.34 -45.67 28.71
C ILE C 138 -14.69 -45.93 29.34
N GLU C 139 -14.66 -46.03 30.67
CA GLU C 139 -15.85 -46.22 31.49
C GLU C 139 -16.77 -45.02 31.25
N GLU C 140 -18.05 -45.25 31.01
CA GLU C 140 -18.94 -44.14 30.63
C GLU C 140 -18.94 -43.00 31.66
N LYS C 141 -18.79 -43.30 32.96
CA LYS C 141 -18.89 -42.25 33.96
C LYS C 141 -17.83 -41.16 33.79
N TYR C 142 -16.67 -41.47 33.21
CA TYR C 142 -15.54 -40.55 33.12
C TYR C 142 -15.53 -39.71 31.86
N LEU C 143 -16.58 -39.77 31.05
CA LEU C 143 -16.60 -39.13 29.74
C LEU C 143 -16.33 -37.63 29.81
N GLU C 144 -17.05 -36.92 30.67
CA GLU C 144 -16.92 -35.47 30.76
C GLU C 144 -15.51 -35.09 31.18
N LEU C 145 -14.98 -35.79 32.19
CA LEU C 145 -13.61 -35.53 32.63
C LEU C 145 -12.61 -35.77 31.48
N ALA C 146 -12.80 -36.87 30.73
CA ALA C 146 -11.88 -37.20 29.64
C ALA C 146 -11.92 -36.19 28.51
N VAL C 147 -13.12 -35.79 28.09
CA VAL C 147 -13.24 -34.78 27.04
C VAL C 147 -12.55 -33.50 27.45
N ARG C 148 -12.82 -33.07 28.68
CA ARG C 148 -12.22 -31.83 29.16
C ARG C 148 -10.72 -31.90 29.32
N ALA C 149 -10.20 -32.97 29.92
CA ALA C 149 -8.76 -33.11 30.09
C ALA C 149 -8.04 -33.03 28.74
N LEU C 150 -8.59 -33.71 27.72
CA LEU C 150 -8.04 -33.66 26.37
C LEU C 150 -8.13 -32.26 25.77
N HIS C 151 -9.21 -31.54 26.05
CA HIS C 151 -9.32 -30.17 25.57
C HIS C 151 -8.25 -29.26 26.13
N THR C 152 -7.86 -29.46 27.36
CA THR C 152 -6.87 -28.57 27.81
C THR C 152 -5.57 -29.07 27.22
N ALA C 153 -5.44 -30.37 27.14
CA ALA C 153 -4.24 -31.02 26.66
C ALA C 153 -3.86 -30.68 25.25
N PHE C 154 -4.83 -30.55 24.38
CA PHE C 154 -4.54 -30.25 23.01
C PHE C 154 -4.61 -28.79 22.62
N GLU C 155 -3.70 -28.42 21.72
CA GLU C 155 -3.55 -27.07 21.16
C GLU C 155 -4.46 -25.97 21.71
N ALA D 2 -11.65 21.34 -20.23
CA ALA D 2 -10.62 21.83 -19.33
C ALA D 2 -10.82 21.39 -17.90
N LEU D 3 -9.72 21.36 -17.16
CA LEU D 3 -9.71 20.94 -15.78
C LEU D 3 -9.45 22.10 -14.86
N ILE D 4 -10.26 22.20 -13.83
CA ILE D 4 -10.14 23.29 -12.90
C ILE D 4 -10.03 22.90 -11.45
N VAL D 5 -9.12 23.50 -10.74
CA VAL D 5 -9.03 23.24 -9.31
C VAL D 5 -9.54 24.45 -8.55
N GLN D 6 -10.46 24.22 -7.60
CA GLN D 6 -11.07 25.28 -6.80
C GLN D 6 -10.85 24.99 -5.32
N LYS D 7 -10.52 26.02 -4.56
CA LYS D 7 -10.26 25.91 -3.14
C LYS D 7 -11.23 26.82 -2.41
N PHE D 8 -11.81 26.30 -1.36
CA PHE D 8 -12.73 27.04 -0.54
C PHE D 8 -12.28 27.10 0.89
N GLY D 9 -12.21 28.32 1.40
CA GLY D 9 -11.76 28.61 2.73
C GLY D 9 -12.76 28.30 3.79
N GLY D 10 -12.38 28.50 5.03
CA GLY D 10 -13.23 28.20 6.13
C GLY D 10 -14.54 28.93 6.13
N THR D 11 -14.51 30.20 5.76
CA THR D 11 -15.75 30.95 5.73
C THR D 11 -16.69 30.43 4.69
N SER D 12 -16.17 30.05 3.55
CA SER D 12 -16.98 29.57 2.45
C SER D 12 -17.76 28.31 2.77
N VAL D 13 -17.17 27.47 3.57
CA VAL D 13 -17.69 26.19 4.02
C VAL D 13 -18.03 26.23 5.51
N GLY D 14 -18.19 27.44 6.06
CA GLY D 14 -18.36 27.60 7.50
C GLY D 14 -19.63 27.00 8.07
N THR D 15 -20.66 26.88 7.25
CA THR D 15 -21.95 26.34 7.67
C THR D 15 -22.52 25.45 6.59
N VAL D 16 -23.48 24.63 6.96
CA VAL D 16 -24.08 23.72 5.98
C VAL D 16 -24.68 24.52 4.87
N GLU D 17 -25.30 25.64 5.20
CA GLU D 17 -25.92 26.49 4.22
C GLU D 17 -24.87 26.99 3.25
N ARG D 18 -23.69 27.31 3.78
CA ARG D 18 -22.61 27.76 2.96
C ARG D 18 -22.12 26.65 2.05
N ILE D 19 -21.99 25.45 2.58
CA ILE D 19 -21.54 24.33 1.79
C ILE D 19 -22.49 24.06 0.66
N GLU D 20 -23.77 24.17 0.93
CA GLU D 20 -24.75 23.92 -0.10
C GLU D 20 -24.54 24.90 -1.22
N GLN D 21 -24.22 26.13 -0.88
CA GLN D 21 -23.97 27.13 -1.89
C GLN D 21 -22.73 26.80 -2.73
N VAL D 22 -21.69 26.33 -2.08
CA VAL D 22 -20.46 25.96 -2.76
C VAL D 22 -20.78 24.88 -3.78
N ALA D 23 -21.61 23.95 -3.38
CA ALA D 23 -22.00 22.88 -4.27
C ALA D 23 -22.73 23.42 -5.48
N GLU D 24 -23.60 24.38 -5.27
CA GLU D 24 -24.36 24.91 -6.37
C GLU D 24 -23.45 25.53 -7.39
N LYS D 25 -22.42 26.24 -6.95
CA LYS D 25 -21.49 26.84 -7.87
C LYS D 25 -20.68 25.81 -8.61
N VAL D 26 -20.17 24.85 -7.86
CA VAL D 26 -19.37 23.81 -8.44
C VAL D 26 -20.22 23.09 -9.42
N LYS D 27 -21.51 23.02 -9.18
CA LYS D 27 -22.39 22.36 -10.10
C LYS D 27 -22.34 23.07 -11.43
N LYS D 28 -22.29 24.38 -11.40
CA LYS D 28 -22.27 25.16 -12.61
C LYS D 28 -21.05 24.94 -13.48
N PHE D 29 -19.89 24.80 -12.86
CA PHE D 29 -18.71 24.50 -13.60
C PHE D 29 -18.74 23.11 -14.19
N ARG D 30 -19.20 22.14 -13.45
CA ARG D 30 -19.28 20.82 -13.99
C ARG D 30 -20.26 20.81 -15.14
N GLU D 31 -21.35 21.56 -14.99
CA GLU D 31 -22.36 21.60 -16.02
C GLU D 31 -21.84 22.21 -17.29
N ALA D 32 -20.82 22.99 -17.15
CA ALA D 32 -20.22 23.64 -18.33
C ALA D 32 -19.24 22.79 -19.10
N GLY D 33 -19.03 21.52 -18.75
CA GLY D 33 -18.08 20.67 -19.44
C GLY D 33 -16.74 20.61 -18.76
N ASP D 34 -16.63 21.13 -17.55
CA ASP D 34 -15.38 21.15 -16.82
C ASP D 34 -15.37 20.00 -15.84
N ASP D 35 -14.23 19.31 -15.80
CA ASP D 35 -13.88 18.44 -14.70
C ASP D 35 -13.40 19.28 -13.54
N VAL D 36 -13.85 18.98 -12.33
CA VAL D 36 -13.56 19.83 -11.19
C VAL D 36 -12.92 19.04 -10.06
N VAL D 37 -11.86 19.63 -9.49
CA VAL D 37 -11.29 19.15 -8.25
C VAL D 37 -11.49 20.27 -7.23
N VAL D 38 -12.10 19.94 -6.11
CA VAL D 38 -12.41 20.93 -5.10
C VAL D 38 -11.58 20.59 -3.88
N VAL D 39 -10.93 21.62 -3.31
CA VAL D 39 -10.17 21.53 -2.07
C VAL D 39 -10.92 22.34 -1.03
N VAL D 40 -11.21 21.73 0.13
CA VAL D 40 -11.97 22.41 1.19
C VAL D 40 -11.22 22.33 2.50
N SER D 41 -11.53 23.30 3.37
CA SER D 41 -10.93 23.39 4.68
C SER D 41 -12.01 23.05 5.70
N ALA D 42 -11.63 22.95 6.94
CA ALA D 42 -12.54 22.64 7.99
C ALA D 42 -13.53 23.78 8.15
N MET D 43 -14.70 23.48 8.67
CA MET D 43 -15.71 24.49 8.85
C MET D 43 -15.16 25.45 9.87
N SER D 44 -15.70 26.65 9.91
CA SER D 44 -15.18 27.65 10.79
C SER D 44 -15.19 27.25 12.24
N GLY D 45 -14.07 27.51 12.89
CA GLY D 45 -13.88 27.25 14.29
C GLY D 45 -13.38 25.89 14.67
N GLU D 46 -13.49 24.92 13.78
CA GLU D 46 -13.03 23.59 14.11
C GLU D 46 -11.54 23.45 14.30
N THR D 47 -10.76 24.08 13.43
CA THR D 47 -9.34 23.98 13.58
C THR D 47 -8.92 24.64 14.89
N ASN D 48 -9.39 25.86 15.17
CA ASN D 48 -9.05 26.49 16.44
C ASN D 48 -9.63 25.69 17.60
N ARG D 49 -10.85 25.19 17.45
CA ARG D 49 -11.46 24.40 18.51
C ARG D 49 -10.67 23.14 18.83
N LEU D 50 -10.25 22.40 17.82
CA LEU D 50 -9.44 21.23 18.08
C LEU D 50 -8.06 21.56 18.67
N ILE D 51 -7.36 22.57 18.13
CA ILE D 51 -6.09 22.97 18.74
C ILE D 51 -6.31 23.31 20.19
N GLY D 52 -7.37 24.07 20.48
CA GLY D 52 -7.68 24.45 21.84
C GLY D 52 -7.92 23.24 22.72
N LEU D 53 -8.52 22.20 22.15
CA LEU D 53 -8.71 20.93 22.87
C LEU D 53 -7.38 20.29 23.24
N ALA D 54 -6.38 20.37 22.35
CA ALA D 54 -5.08 19.80 22.63
C ALA D 54 -4.28 20.62 23.64
N ASN D 55 -4.27 21.97 23.48
CA ASN D 55 -3.56 22.79 24.46
C ASN D 55 -4.20 22.68 25.82
N GLN D 56 -5.51 22.45 25.83
CA GLN D 56 -6.20 22.07 27.04
C GLN D 56 -5.55 20.86 27.70
N ILE D 57 -5.02 19.94 26.91
CA ILE D 57 -4.30 18.79 27.44
C ILE D 57 -2.86 19.14 27.82
N MET D 58 -2.09 19.81 26.93
CA MET D 58 -0.70 20.13 27.19
C MET D 58 -0.37 21.53 26.69
N GLU D 59 0.68 22.11 27.29
CA GLU D 59 1.15 23.46 26.94
C GLU D 59 1.80 23.42 25.55
N GLN D 60 2.67 22.40 25.31
CA GLN D 60 3.25 22.17 23.98
C GLN D 60 2.71 20.81 23.58
N PRO D 61 1.57 20.77 22.90
CA PRO D 61 0.96 19.49 22.51
C PRO D 61 1.86 18.73 21.53
N VAL D 62 1.89 17.41 21.67
CA VAL D 62 2.72 16.51 20.86
C VAL D 62 2.48 16.69 19.37
N PRO D 63 3.49 17.11 18.59
CA PRO D 63 3.22 17.45 17.17
C PRO D 63 2.60 16.29 16.41
N ARG D 64 3.16 15.08 16.53
CA ARG D 64 2.65 13.95 15.77
C ARG D 64 1.20 13.64 16.09
N GLU D 65 0.82 13.73 17.37
CA GLU D 65 -0.56 13.44 17.74
C GLU D 65 -1.47 14.59 17.41
N LEU D 66 -0.98 15.83 17.53
CA LEU D 66 -1.80 16.98 17.17
C LEU D 66 -2.28 16.88 15.74
N ASP D 67 -1.43 16.37 14.85
CA ASP D 67 -1.78 16.33 13.43
C ASP D 67 -3.01 15.46 13.18
N VAL D 68 -3.10 14.32 13.87
CA VAL D 68 -4.24 13.44 13.64
C VAL D 68 -5.52 14.07 14.23
N MET D 69 -5.42 14.85 15.32
CA MET D 69 -6.58 15.60 15.78
C MET D 69 -7.03 16.64 14.76
N VAL D 70 -6.15 17.60 14.44
CA VAL D 70 -6.53 18.79 13.68
C VAL D 70 -6.94 18.41 12.27
N SER D 71 -6.33 17.35 11.74
CA SER D 71 -6.62 16.92 10.38
C SER D 71 -8.06 16.47 10.20
N THR D 72 -8.74 16.07 11.29
CA THR D 72 -10.11 15.54 11.13
C THR D 72 -11.07 16.61 10.65
N GLY D 73 -10.79 17.87 10.94
CA GLY D 73 -11.76 18.89 10.57
C GLY D 73 -12.06 18.88 9.09
N GLU D 74 -11.01 18.86 8.26
CA GLU D 74 -11.24 18.83 6.82
C GLU D 74 -11.97 17.57 6.40
N GLN D 75 -11.79 16.46 7.13
CA GLN D 75 -12.46 15.22 6.74
C GLN D 75 -13.98 15.31 6.94
N VAL D 76 -14.44 16.01 7.96
CA VAL D 76 -15.88 16.26 8.05
C VAL D 76 -16.33 17.03 6.82
N THR D 77 -15.58 18.07 6.47
CA THR D 77 -16.02 18.97 5.40
C THR D 77 -16.10 18.25 4.06
N ILE D 78 -15.10 17.41 3.73
CA ILE D 78 -15.07 16.80 2.41
C ILE D 78 -16.30 15.93 2.21
N ALA D 79 -16.79 15.31 3.26
CA ALA D 79 -17.95 14.45 3.10
C ALA D 79 -19.22 15.24 2.88
N LEU D 80 -19.46 16.30 3.67
CA LEU D 80 -20.69 17.07 3.53
C LEU D 80 -20.83 17.62 2.12
N LEU D 81 -19.77 18.22 1.58
CA LEU D 81 -19.85 18.77 0.22
C LEU D 81 -20.04 17.67 -0.83
N SER D 82 -19.45 16.49 -0.60
CA SER D 82 -19.75 15.37 -1.49
C SER D 82 -21.23 15.01 -1.41
N MET D 83 -21.80 14.99 -0.19
CA MET D 83 -23.23 14.72 -0.04
C MET D 83 -24.08 15.83 -0.65
N ALA D 84 -23.76 17.08 -0.32
CA ALA D 84 -24.52 18.18 -0.89
C ALA D 84 -24.40 18.20 -2.42
N LEU D 85 -23.26 17.79 -2.97
CA LEU D 85 -23.14 17.64 -4.43
C LEU D 85 -23.98 16.46 -4.93
N ILE D 86 -23.83 15.28 -4.31
CA ILE D 86 -24.59 14.13 -4.77
C ILE D 86 -26.08 14.40 -4.68
N LYS D 87 -26.52 15.05 -3.60
CA LYS D 87 -27.92 15.43 -3.48
C LYS D 87 -28.34 16.28 -4.65
N ARG D 88 -27.49 17.20 -5.08
CA ARG D 88 -27.86 18.06 -6.18
C ARG D 88 -27.76 17.35 -7.52
N GLY D 89 -27.49 16.06 -7.53
CA GLY D 89 -27.42 15.35 -8.77
C GLY D 89 -26.09 15.41 -9.47
N VAL D 90 -25.03 15.82 -8.80
CA VAL D 90 -23.70 15.81 -9.39
C VAL D 90 -22.85 14.79 -8.62
N PRO D 91 -22.30 13.79 -9.31
CA PRO D 91 -21.51 12.77 -8.62
C PRO D 91 -20.24 13.35 -8.03
N ALA D 92 -19.88 12.86 -6.86
CA ALA D 92 -18.71 13.38 -6.17
C ALA D 92 -18.10 12.23 -5.37
N VAL D 93 -16.80 12.30 -5.15
CA VAL D 93 -16.07 11.38 -4.27
C VAL D 93 -15.18 12.18 -3.37
N SER D 94 -15.16 11.85 -2.09
CA SER D 94 -14.25 12.52 -1.18
C SER D 94 -12.91 11.79 -1.14
N TYR D 95 -11.85 12.55 -0.91
CA TYR D 95 -10.51 12.00 -0.78
C TYR D 95 -9.84 12.49 0.49
N THR D 96 -9.35 11.54 1.27
CA THR D 96 -8.42 11.87 2.33
C THR D 96 -7.08 12.22 1.74
N GLY D 97 -6.28 12.93 2.53
CA GLY D 97 -4.90 13.17 2.15
C GLY D 97 -4.20 11.88 1.79
N ASN D 98 -4.36 10.86 2.62
CA ASN D 98 -3.72 9.59 2.35
C ASN D 98 -4.30 8.85 1.16
N GLN D 99 -5.59 9.00 0.87
CA GLN D 99 -6.21 8.34 -0.29
C GLN D 99 -5.74 8.78 -1.67
N VAL D 100 -5.57 10.07 -1.86
CA VAL D 100 -5.03 10.57 -3.12
C VAL D 100 -3.56 10.19 -3.27
N ARG D 101 -2.93 10.31 -2.11
CA ARG D 101 -1.61 10.13 -1.69
C ARG D 101 -0.88 11.43 -1.90
N ILE D 102 -1.08 12.34 -0.94
CA ILE D 102 -0.31 13.58 -0.87
C ILE D 102 0.84 13.26 0.10
N LEU D 103 1.91 12.71 -0.47
CA LEU D 103 3.10 12.37 0.32
C LEU D 103 3.86 13.62 0.75
N THR D 104 4.31 13.64 2.02
CA THR D 104 4.83 14.87 2.63
C THR D 104 6.07 14.61 3.49
N ASP D 105 6.58 15.72 4.05
CA ASP D 105 7.60 15.81 5.09
C ASP D 105 7.23 15.06 6.35
N SER D 106 8.12 15.13 7.31
CA SER D 106 7.88 14.60 8.61
C SER D 106 7.80 15.71 9.62
N ALA D 107 7.83 16.95 9.19
CA ALA D 107 7.79 18.07 10.12
C ALA D 107 6.34 18.18 10.43
N HIS D 108 5.96 17.78 11.62
CA HIS D 108 4.57 17.59 11.97
C HIS D 108 3.46 18.58 11.91
N THR D 109 3.63 19.82 12.31
CA THR D 109 2.54 20.76 12.14
C THR D 109 2.86 21.70 10.99
N LYS D 110 4.00 21.48 10.35
CA LYS D 110 4.52 22.29 9.26
C LYS D 110 5.02 21.49 8.05
N ALA D 111 4.38 20.38 7.73
CA ALA D 111 4.83 19.54 6.63
C ALA D 111 4.73 20.13 5.26
N ARG D 112 5.66 19.74 4.39
CA ARG D 112 5.71 20.22 3.02
C ARG D 112 5.40 19.10 2.07
N ILE D 113 4.70 19.41 0.99
CA ILE D 113 4.32 18.40 0.01
C ILE D 113 5.55 17.94 -0.76
N LEU D 114 5.72 16.63 -0.87
CA LEU D 114 6.80 16.02 -1.64
C LEU D 114 6.34 15.46 -2.98
N HIS D 115 5.20 14.78 -3.01
CA HIS D 115 4.74 14.13 -4.21
C HIS D 115 3.23 13.96 -4.15
N ILE D 116 2.57 14.08 -5.30
CA ILE D 116 1.14 13.86 -5.39
C ILE D 116 0.88 12.88 -6.52
N ASP D 117 0.17 11.79 -6.20
CA ASP D 117 -0.22 10.76 -7.15
C ASP D 117 -1.42 11.25 -7.96
N ASP D 118 -1.27 11.31 -9.27
CA ASP D 118 -2.36 11.74 -10.13
C ASP D 118 -3.25 10.58 -10.61
N THR D 119 -2.86 9.33 -10.33
CA THR D 119 -3.53 8.18 -10.93
C THR D 119 -4.96 8.01 -10.41
N HIS D 120 -5.16 8.02 -9.08
CA HIS D 120 -6.52 7.76 -8.61
C HIS D 120 -7.46 8.90 -8.98
N ILE D 121 -7.02 10.14 -8.80
CA ILE D 121 -7.89 11.28 -9.11
C ILE D 121 -8.24 11.31 -10.59
N ARG D 122 -7.23 11.09 -11.46
CA ARG D 122 -7.46 11.10 -12.90
C ARG D 122 -8.53 10.10 -13.29
N ALA D 123 -8.53 8.93 -12.64
CA ALA D 123 -9.58 7.96 -12.93
C ALA D 123 -10.94 8.47 -12.49
N ASP D 124 -11.03 9.06 -11.29
CA ASP D 124 -12.32 9.59 -10.87
C ASP D 124 -12.81 10.70 -11.80
N LEU D 125 -11.90 11.57 -12.23
CA LEU D 125 -12.30 12.64 -13.15
C LEU D 125 -12.77 12.08 -14.48
N LYS D 126 -12.05 11.11 -15.04
CA LYS D 126 -12.46 10.55 -16.34
C LYS D 126 -13.79 9.82 -16.25
N ALA D 127 -14.09 9.24 -15.09
CA ALA D 127 -15.39 8.66 -14.81
C ALA D 127 -16.48 9.71 -14.64
N GLY D 128 -16.15 10.99 -14.73
CA GLY D 128 -17.14 12.04 -14.60
C GLY D 128 -17.45 12.48 -13.19
N ARG D 129 -16.65 12.12 -12.20
CA ARG D 129 -16.97 12.54 -10.85
C ARG D 129 -16.13 13.75 -10.47
N VAL D 130 -16.66 14.52 -9.52
CA VAL D 130 -16.00 15.68 -8.92
C VAL D 130 -15.22 15.19 -7.71
N VAL D 131 -13.94 15.56 -7.63
CA VAL D 131 -13.07 15.07 -6.60
C VAL D 131 -12.98 16.13 -5.51
N VAL D 132 -13.36 15.77 -4.30
CA VAL D 132 -13.32 16.67 -3.14
C VAL D 132 -12.17 16.20 -2.26
N VAL D 133 -11.14 17.03 -2.14
CA VAL D 133 -9.91 16.67 -1.45
C VAL D 133 -9.79 17.49 -0.17
N ALA D 134 -9.27 16.83 0.82
CA ALA D 134 -9.06 17.43 2.07
C ALA D 134 -7.86 18.27 1.92
N GLY D 135 -8.02 19.51 2.25
CA GLY D 135 -6.92 20.41 2.24
C GLY D 135 -6.15 20.29 3.52
N PHE D 136 -4.92 20.72 3.42
CA PHE D 136 -4.08 20.88 4.56
C PHE D 136 -3.61 19.59 5.21
N GLN D 137 -3.88 18.45 4.58
CA GLN D 137 -3.31 17.20 5.11
C GLN D 137 -2.46 16.45 4.09
N GLY D 138 -1.72 15.50 4.64
CA GLY D 138 -0.99 14.49 3.90
C GLY D 138 -0.48 13.41 4.84
N VAL D 139 0.45 12.60 4.36
CA VAL D 139 1.15 11.62 5.20
C VAL D 139 2.62 11.55 4.80
N ASP D 140 3.49 11.31 5.79
CA ASP D 140 4.92 11.11 5.55
C ASP D 140 5.17 9.70 5.02
N GLY D 141 6.44 9.43 4.69
CA GLY D 141 6.83 8.14 4.14
C GLY D 141 6.51 6.95 5.04
N ASN D 142 6.27 7.20 6.33
CA ASN D 142 5.97 6.12 7.25
C ASN D 142 4.50 5.90 7.51
N GLY D 143 3.61 6.68 6.90
CA GLY D 143 2.19 6.53 7.16
C GLY D 143 1.64 7.42 8.25
N ASN D 144 2.47 8.25 8.87
CA ASN D 144 1.98 9.17 9.88
C ASN D 144 1.25 10.32 9.22
N ILE D 145 0.10 10.71 9.80
CA ILE D 145 -0.68 11.84 9.32
C ILE D 145 0.10 13.12 9.54
N THR D 146 -0.02 14.07 8.61
CA THR D 146 0.61 15.38 8.74
C THR D 146 -0.35 16.48 8.32
N THR D 147 -0.05 17.70 8.82
CA THR D 147 -0.70 18.97 8.48
C THR D 147 0.36 19.94 7.97
N LEU D 148 -0.07 20.65 6.97
CA LEU D 148 0.71 21.59 6.25
C LEU D 148 1.11 22.87 6.89
N GLY D 149 0.26 23.42 7.72
CA GLY D 149 0.55 24.69 8.34
C GLY D 149 -0.41 25.70 7.80
N ARG D 150 -0.29 26.95 8.20
CA ARG D 150 -1.25 27.93 7.73
C ARG D 150 -1.16 28.06 6.24
N GLY D 151 -2.30 28.30 5.62
CA GLY D 151 -2.36 28.40 4.17
C GLY D 151 -2.18 27.03 3.57
N GLY D 152 -2.33 26.01 4.39
CA GLY D 152 -2.14 24.66 3.92
C GLY D 152 -3.10 24.30 2.85
N SER D 153 -4.34 24.69 2.97
CA SER D 153 -5.32 24.37 1.96
C SER D 153 -4.94 25.03 0.67
N ASP D 154 -4.45 26.26 0.74
CA ASP D 154 -4.10 26.95 -0.47
C ASP D 154 -2.98 26.21 -1.18
N THR D 155 -2.04 25.72 -0.39
CA THR D 155 -0.92 24.96 -0.87
C THR D 155 -1.36 23.69 -1.52
N THR D 156 -2.28 23.01 -0.88
CA THR D 156 -2.81 21.77 -1.44
C THR D 156 -3.46 22.02 -2.79
N GLY D 157 -4.31 23.05 -2.87
CA GLY D 157 -4.96 23.35 -4.13
C GLY D 157 -3.96 23.62 -5.24
N VAL D 158 -2.91 24.41 -4.93
CA VAL D 158 -1.91 24.70 -5.94
C VAL D 158 -1.11 23.44 -6.26
N ALA D 159 -0.76 22.65 -5.23
CA ALA D 159 -0.04 21.41 -5.49
C ALA D 159 -0.88 20.45 -6.34
N LEU D 160 -2.18 20.35 -6.05
CA LEU D 160 -3.04 19.54 -6.92
C LEU D 160 -3.05 20.09 -8.35
N ALA D 161 -3.07 21.42 -8.51
CA ALA D 161 -3.07 22.01 -9.85
C ALA D 161 -1.81 21.66 -10.64
N ALA D 162 -0.66 21.65 -9.98
CA ALA D 162 0.59 21.30 -10.64
C ALA D 162 0.64 19.81 -11.02
N ALA D 163 0.35 18.92 -10.07
CA ALA D 163 0.43 17.50 -10.37
C ALA D 163 -0.58 17.07 -11.43
N LEU D 164 -1.75 17.67 -11.43
CA LEU D 164 -2.79 17.33 -12.37
C LEU D 164 -2.66 18.10 -13.68
N LYS D 165 -1.67 18.99 -13.77
CA LYS D 165 -1.56 19.97 -14.84
C LYS D 165 -2.92 20.58 -15.16
N ALA D 166 -3.59 21.07 -14.14
CA ALA D 166 -4.84 21.80 -14.31
C ALA D 166 -4.67 23.03 -15.20
N ASP D 167 -5.78 23.47 -15.79
CA ASP D 167 -5.73 24.72 -16.56
C ASP D 167 -5.56 25.91 -15.63
N GLU D 168 -6.28 25.95 -14.53
CA GLU D 168 -6.07 26.98 -13.53
C GLU D 168 -6.53 26.60 -12.17
N CYS D 169 -6.01 27.26 -11.17
CA CYS D 169 -6.45 27.00 -9.79
C CYS D 169 -7.13 28.26 -9.27
N GLN D 170 -8.37 28.09 -8.79
CA GLN D 170 -9.21 29.19 -8.35
C GLN D 170 -9.27 29.19 -6.83
N ILE D 171 -8.89 30.32 -6.23
CA ILE D 171 -8.88 30.50 -4.79
C ILE D 171 -10.05 31.43 -4.46
N TYR D 172 -11.02 30.92 -3.72
CA TYR D 172 -12.16 31.71 -3.36
C TYR D 172 -12.04 32.34 -2.01
N THR D 173 -12.30 33.63 -1.97
CA THR D 173 -12.18 34.41 -0.78
C THR D 173 -13.08 35.61 -0.79
N ASP D 174 -12.91 36.43 0.24
CA ASP D 174 -13.67 37.65 0.42
C ASP D 174 -13.42 38.73 -0.63
N VAL D 175 -12.16 38.95 -1.01
CA VAL D 175 -11.82 39.96 -2.01
C VAL D 175 -12.17 39.61 -3.44
N ASP D 176 -12.46 40.62 -4.24
CA ASP D 176 -12.85 40.51 -5.63
C ASP D 176 -11.67 40.34 -6.57
N GLY D 177 -10.49 40.56 -6.05
CA GLY D 177 -9.26 40.42 -6.78
C GLY D 177 -8.17 41.17 -6.08
N VAL D 178 -7.04 41.28 -6.75
CA VAL D 178 -5.91 42.07 -6.31
C VAL D 178 -6.01 43.41 -7.05
N TYR D 179 -5.96 44.50 -6.30
CA TYR D 179 -6.23 45.82 -6.85
C TYR D 179 -4.97 46.62 -7.18
N THR D 180 -5.14 47.72 -7.90
CA THR D 180 -4.04 48.59 -8.32
C THR D 180 -3.29 49.11 -7.10
N THR D 181 -4.02 49.41 -6.04
CA THR D 181 -3.36 49.70 -4.77
C THR D 181 -4.40 49.50 -3.68
N ASP D 182 -4.04 49.79 -2.46
CA ASP D 182 -4.99 49.54 -1.39
C ASP D 182 -6.23 50.42 -1.56
N PRO D 183 -7.43 49.85 -1.73
CA PRO D 183 -8.59 50.70 -1.97
C PRO D 183 -8.90 51.61 -0.78
N ARG D 184 -8.40 51.26 0.41
CA ARG D 184 -8.57 52.08 1.61
C ARG D 184 -7.80 53.39 1.49
N VAL D 185 -6.72 53.38 0.71
CA VAL D 185 -5.88 54.54 0.53
C VAL D 185 -6.26 55.32 -0.73
N VAL D 186 -6.48 54.62 -1.84
CA VAL D 186 -6.93 55.24 -3.09
C VAL D 186 -8.31 54.68 -3.42
N PRO D 187 -9.38 55.42 -3.20
CA PRO D 187 -10.72 54.89 -3.49
C PRO D 187 -10.96 54.59 -4.96
N GLN D 188 -10.12 55.09 -5.83
CA GLN D 188 -10.26 54.87 -7.23
C GLN D 188 -9.43 53.70 -7.72
N ALA D 189 -8.88 52.94 -6.79
CA ALA D 189 -8.11 51.78 -7.16
C ALA D 189 -9.06 50.86 -7.83
N ARG D 190 -8.56 50.12 -8.79
CA ARG D 190 -9.40 49.21 -9.53
C ARG D 190 -8.88 47.81 -9.63
N ARG D 191 -9.78 46.89 -9.87
CA ARG D 191 -9.43 45.50 -9.99
C ARG D 191 -8.61 45.19 -11.22
N LEU D 192 -7.62 44.35 -11.06
CA LEU D 192 -6.73 43.92 -12.14
C LEU D 192 -7.24 42.62 -12.77
N ASP D 193 -7.16 42.54 -14.09
CA ASP D 193 -7.53 41.31 -14.78
C ASP D 193 -6.38 40.31 -14.78
N LYS D 194 -5.16 40.74 -15.09
CA LYS D 194 -4.04 39.81 -15.14
C LYS D 194 -2.80 40.50 -14.59
N ILE D 195 -1.99 39.74 -13.85
CA ILE D 195 -0.67 40.16 -13.37
C ILE D 195 0.23 38.93 -13.38
N THR D 196 1.53 39.13 -13.51
CA THR D 196 2.44 37.98 -13.43
C THR D 196 2.69 37.59 -11.98
N PHE D 197 3.15 36.35 -11.78
CA PHE D 197 3.55 35.94 -10.44
C PHE D 197 4.56 36.93 -9.88
N GLU D 198 5.48 37.38 -10.73
CA GLU D 198 6.54 38.28 -10.29
C GLU D 198 5.99 39.61 -9.80
N GLU D 199 4.97 40.14 -10.48
CA GLU D 199 4.35 41.40 -10.05
C GLU D 199 3.63 41.24 -8.72
N MET D 200 2.87 40.16 -8.59
CA MET D 200 2.12 39.89 -7.36
C MET D 200 3.06 39.75 -6.18
N LEU D 201 4.19 39.07 -6.36
CA LEU D 201 5.14 38.94 -5.26
C LEU D 201 5.75 40.30 -4.93
N GLU D 202 6.00 41.15 -5.90
CA GLU D 202 6.57 42.47 -5.63
C GLU D 202 5.65 43.45 -4.94
N MET D 203 4.37 43.12 -4.86
CA MET D 203 3.41 43.96 -4.20
C MET D 203 2.94 43.15 -3.04
N ALA D 204 3.84 43.02 -2.10
CA ALA D 204 3.71 42.18 -0.96
C ALA D 204 2.55 42.46 -0.11
N SER D 205 2.27 43.71 0.15
CA SER D 205 1.17 44.00 1.01
C SER D 205 -0.18 43.48 0.54
N LEU D 206 -0.30 43.19 -0.74
CA LEU D 206 -1.51 42.56 -1.21
C LEU D 206 -1.47 41.18 -0.51
N GLY D 207 -0.28 40.62 -0.34
CA GLY D 207 -0.16 39.36 0.34
C GLY D 207 -0.71 39.57 1.72
N SER D 208 -1.55 38.67 2.17
CA SER D 208 -2.20 38.81 3.45
C SER D 208 -2.50 37.44 4.01
N LYS D 209 -3.37 37.43 5.01
CA LYS D 209 -3.83 36.23 5.67
C LYS D 209 -4.59 35.27 4.76
N VAL D 210 -5.47 35.80 3.91
CA VAL D 210 -6.26 34.98 3.00
C VAL D 210 -5.51 34.20 1.92
N LEU D 211 -4.58 34.87 1.24
CA LEU D 211 -3.82 34.22 0.19
C LEU D 211 -2.44 34.15 0.72
N GLN D 212 -1.91 32.95 0.88
CA GLN D 212 -0.57 32.92 1.45
C GLN D 212 0.48 33.08 0.37
N ILE D 213 1.54 33.76 0.75
CA ILE D 213 2.60 34.10 -0.13
C ILE D 213 3.22 32.87 -0.67
N ARG D 214 3.31 31.85 0.15
CA ARG D 214 3.92 30.62 -0.29
C ARG D 214 3.13 30.07 -1.46
N ALA D 215 1.82 30.22 -1.43
CA ALA D 215 1.00 29.72 -2.51
C ALA D 215 1.34 30.38 -3.82
N VAL D 216 1.56 31.68 -3.80
CA VAL D 216 1.92 32.39 -5.01
C VAL D 216 3.26 31.86 -5.46
N GLU D 217 4.14 31.62 -4.50
CA GLU D 217 5.47 31.13 -4.81
C GLU D 217 5.49 29.78 -5.49
N PHE D 218 4.68 28.85 -5.00
CA PHE D 218 4.57 27.50 -5.54
C PHE D 218 4.05 27.53 -6.97
N ALA D 219 2.95 28.24 -7.20
CA ALA D 219 2.37 28.28 -8.53
C ALA D 219 3.37 28.81 -9.54
N GLY D 220 4.19 29.78 -9.14
CA GLY D 220 5.17 30.35 -10.06
C GLY D 220 6.20 29.34 -10.49
N LYS D 221 6.62 28.48 -9.55
CA LYS D 221 7.61 27.45 -9.85
C LYS D 221 7.09 26.46 -10.88
N TYR D 222 5.78 26.26 -10.93
CA TYR D 222 5.18 25.26 -11.80
C TYR D 222 4.23 25.87 -12.81
N ASN D 223 4.26 27.20 -12.96
CA ASN D 223 3.45 27.90 -13.97
C ASN D 223 1.96 27.55 -13.83
N VAL D 224 1.46 27.63 -12.60
CA VAL D 224 0.06 27.29 -12.31
C VAL D 224 -0.77 28.57 -12.38
N PRO D 225 -1.64 28.74 -13.41
CA PRO D 225 -2.51 29.92 -13.42
C PRO D 225 -3.37 29.97 -12.16
N LEU D 226 -3.30 31.12 -11.49
CA LEU D 226 -3.97 31.35 -10.23
C LEU D 226 -5.03 32.42 -10.39
N ARG D 227 -6.22 32.15 -9.91
CA ARG D 227 -7.24 33.14 -9.96
C ARG D 227 -7.72 33.43 -8.56
N VAL D 228 -7.85 34.69 -8.19
CA VAL D 228 -8.37 35.02 -6.90
C VAL D 228 -9.69 35.65 -7.19
N LEU D 229 -10.73 35.21 -6.52
CA LEU D 229 -12.07 35.72 -6.74
C LEU D 229 -12.82 35.85 -5.49
N HIS D 230 -13.90 36.61 -5.53
CA HIS D 230 -14.75 36.71 -4.38
C HIS D 230 -15.57 35.41 -4.45
N SER D 231 -15.88 34.85 -3.30
CA SER D 231 -16.53 33.56 -3.29
C SER D 231 -17.76 33.48 -4.13
N PHE D 232 -18.57 34.53 -4.20
CA PHE D 232 -19.80 34.44 -4.96
C PHE D 232 -19.83 34.88 -6.42
N GLN D 233 -18.65 34.94 -7.02
CA GLN D 233 -18.59 35.24 -8.42
C GLN D 233 -19.26 36.55 -8.85
N GLU D 234 -19.03 37.62 -8.11
CA GLU D 234 -19.57 38.90 -8.54
C GLU D 234 -18.85 39.22 -9.83
N GLY D 235 -17.57 38.89 -9.86
CA GLY D 235 -16.72 39.17 -10.99
C GLY D 235 -15.68 38.14 -11.38
N PRO D 236 -14.93 38.46 -12.50
CA PRO D 236 -13.96 37.46 -12.92
C PRO D 236 -12.80 37.27 -12.01
N GLY D 237 -12.59 38.16 -11.08
CA GLY D 237 -11.42 38.02 -10.24
C GLY D 237 -10.16 38.47 -10.98
N THR D 238 -9.02 38.15 -10.39
CA THR D 238 -7.72 38.44 -11.00
C THR D 238 -6.98 37.16 -11.35
N LEU D 239 -6.43 37.12 -12.55
CA LEU D 239 -5.67 35.96 -12.99
C LEU D 239 -4.19 36.26 -12.83
N ILE D 240 -3.51 35.45 -12.05
CA ILE D 240 -2.10 35.60 -11.81
C ILE D 240 -1.45 34.49 -12.55
N THR D 241 -0.71 34.82 -13.57
CA THR D 241 -0.07 33.85 -14.39
C THR D 241 1.20 34.48 -14.80
N ILE D 242 1.87 33.90 -15.78
CA ILE D 242 3.11 34.46 -16.24
C ILE D 242 3.10 34.73 -17.72
N ASP D 243 3.60 35.89 -18.13
CA ASP D 243 3.71 36.21 -19.56
C ASP D 243 4.94 37.05 -19.85
N PRO D 252 -0.76 49.35 -20.15
CA PRO D 252 -0.53 49.59 -18.72
C PRO D 252 0.94 49.70 -18.51
N ILE D 253 1.40 50.92 -18.39
CA ILE D 253 2.79 51.17 -18.20
C ILE D 253 3.24 50.57 -16.88
N ILE D 254 2.42 50.67 -15.85
CA ILE D 254 2.74 50.05 -14.58
C ILE D 254 1.53 49.32 -14.04
N SER D 255 1.73 48.18 -13.45
CA SER D 255 0.67 47.38 -12.88
C SER D 255 0.02 47.91 -11.61
N GLY D 256 0.83 48.40 -10.70
CA GLY D 256 0.32 48.90 -9.46
C GLY D 256 1.25 49.68 -8.58
N ILE D 257 0.72 50.16 -7.48
CA ILE D 257 1.49 50.93 -6.52
C ILE D 257 1.47 50.22 -5.19
N ALA D 258 2.65 50.00 -4.62
CA ALA D 258 2.74 49.32 -3.35
C ALA D 258 3.43 50.21 -2.35
N PHE D 259 3.10 50.01 -1.07
CA PHE D 259 3.68 50.82 -0.02
C PHE D 259 3.71 50.04 1.28
N ASN D 260 4.58 50.51 2.16
CA ASN D 260 4.82 49.95 3.48
C ASN D 260 5.10 51.09 4.45
N ARG D 261 4.23 51.30 5.45
CA ARG D 261 4.45 52.32 6.47
C ARG D 261 5.23 51.80 7.67
N ASP D 262 5.37 50.50 7.78
CA ASP D 262 6.09 49.92 8.91
C ASP D 262 7.55 49.70 8.54
N GLU D 263 8.31 50.80 8.46
CA GLU D 263 9.70 50.74 8.05
C GLU D 263 10.52 51.68 8.92
N ALA D 264 11.77 51.31 9.15
CA ALA D 264 12.76 52.12 9.88
C ALA D 264 14.10 51.98 9.18
N LYS D 265 14.82 53.07 8.97
CA LYS D 265 16.06 52.95 8.21
C LYS D 265 17.28 53.06 9.11
N LEU D 266 18.29 52.24 8.80
CA LEU D 266 19.55 52.21 9.50
C LEU D 266 20.68 52.41 8.50
N THR D 267 21.56 53.37 8.78
CA THR D 267 22.65 53.74 7.91
C THR D 267 23.91 53.74 8.73
N ILE D 268 24.96 53.14 8.19
CA ILE D 268 26.27 53.22 8.82
C ILE D 268 27.16 54.02 7.86
N ARG D 269 27.75 55.07 8.37
CA ARG D 269 28.49 55.97 7.49
C ARG D 269 29.99 55.77 7.56
N GLY D 270 30.65 56.14 6.46
CA GLY D 270 32.10 56.10 6.34
C GLY D 270 32.70 54.72 6.51
N VAL D 271 32.07 53.72 5.93
CA VAL D 271 32.52 52.32 6.07
C VAL D 271 33.69 52.08 5.14
N PRO D 272 34.72 51.36 5.58
CA PRO D 272 35.86 51.10 4.70
C PRO D 272 35.42 50.23 3.52
N ASP D 273 35.83 50.62 2.32
CA ASP D 273 35.37 49.94 1.10
C ASP D 273 36.33 48.78 0.77
N THR D 274 36.08 47.65 1.38
CA THR D 274 36.89 46.48 1.20
C THR D 274 36.02 45.24 1.21
N PRO D 275 36.51 44.17 0.62
CA PRO D 275 35.70 42.94 0.60
C PRO D 275 35.44 42.49 2.03
N GLY D 276 34.31 41.83 2.24
CA GLY D 276 33.94 41.34 3.54
C GLY D 276 33.25 42.35 4.44
N VAL D 277 33.30 43.63 4.12
CA VAL D 277 32.69 44.55 5.05
C VAL D 277 31.18 44.46 5.01
N ALA D 278 30.60 44.27 3.85
CA ALA D 278 29.15 44.14 3.77
C ALA D 278 28.69 42.98 4.63
N PHE D 279 29.48 41.89 4.64
CA PHE D 279 29.14 40.77 5.50
C PHE D 279 29.16 41.19 6.96
N LYS D 280 30.18 41.94 7.38
CA LYS D 280 30.24 42.41 8.75
C LYS D 280 29.05 43.29 9.13
N ILE D 281 28.48 44.01 8.18
CA ILE D 281 27.38 44.87 8.56
C ILE D 281 26.11 44.05 8.74
N LEU D 282 25.81 43.18 7.78
CA LEU D 282 24.53 42.51 7.78
C LEU D 282 24.53 41.18 8.53
N GLY D 283 25.68 40.51 8.64
CA GLY D 283 25.81 39.24 9.34
C GLY D 283 25.23 39.21 10.74
N PRO D 284 25.65 40.12 11.60
CA PRO D 284 25.10 40.14 12.97
C PRO D 284 23.61 40.48 13.01
N ILE D 285 23.11 41.24 12.04
CA ILE D 285 21.67 41.49 11.96
C ILE D 285 20.94 40.21 11.69
N SER D 286 21.48 39.40 10.78
CA SER D 286 20.85 38.15 10.44
C SER D 286 20.87 37.19 11.62
N ALA D 287 22.00 37.15 12.35
CA ALA D 287 22.11 36.27 13.51
C ALA D 287 21.01 36.55 14.55
N ALA D 288 20.64 37.83 14.75
CA ALA D 288 19.58 38.22 15.67
C ALA D 288 18.16 37.93 15.18
N ASN D 289 17.96 37.37 13.98
CA ASN D 289 16.65 37.13 13.40
C ASN D 289 15.86 38.42 13.15
N VAL D 290 16.54 39.51 12.89
CA VAL D 290 15.89 40.74 12.48
C VAL D 290 15.55 40.63 10.99
N GLU D 291 14.29 40.83 10.62
CA GLU D 291 13.98 40.83 9.20
C GLU D 291 14.55 42.10 8.59
N VAL D 292 15.14 41.95 7.42
CA VAL D 292 15.65 43.10 6.67
C VAL D 292 14.85 43.18 5.37
N ASP D 293 14.42 44.38 5.01
CA ASP D 293 13.75 44.55 3.73
C ASP D 293 14.73 45.10 2.71
N MET D 294 14.94 46.41 2.75
CA MET D 294 15.75 47.10 1.78
C MET D 294 17.21 47.05 2.17
N ILE D 295 18.07 46.91 1.17
CA ILE D 295 19.50 47.12 1.37
C ILE D 295 20.01 47.99 0.23
N VAL D 296 20.69 49.08 0.56
CA VAL D 296 21.15 50.03 -0.43
C VAL D 296 22.59 50.40 -0.14
N GLN D 297 23.44 50.27 -1.15
CA GLN D 297 24.81 50.75 -1.08
C GLN D 297 25.19 51.39 -2.41
N ASN D 298 25.62 52.65 -2.38
CA ASN D 298 26.08 53.34 -3.58
C ASN D 298 27.62 53.28 -3.64
N VAL D 299 28.19 53.77 -4.76
CA VAL D 299 29.62 53.61 -5.04
C VAL D 299 30.48 54.36 -4.04
N ALA D 300 31.65 53.79 -3.74
CA ALA D 300 32.55 54.36 -2.75
C ALA D 300 33.18 55.64 -3.25
N HIS D 301 33.57 56.50 -2.33
CA HIS D 301 34.38 57.65 -2.66
C HIS D 301 35.48 57.78 -1.61
N ASP D 302 36.73 57.99 -2.05
CA ASP D 302 37.92 57.94 -1.19
C ASP D 302 37.92 56.70 -0.29
N ASN D 303 37.58 55.55 -0.86
CA ASN D 303 37.75 54.24 -0.23
C ASN D 303 36.85 54.03 0.99
N THR D 304 35.83 54.87 1.13
CA THR D 304 34.77 54.70 2.12
C THR D 304 33.42 54.84 1.44
N THR D 305 32.43 54.16 2.00
CA THR D 305 31.06 54.29 1.51
C THR D 305 30.09 54.27 2.68
N ASP D 306 28.82 54.41 2.36
CA ASP D 306 27.70 54.26 3.27
C ASP D 306 26.89 53.03 2.91
N PHE D 307 26.31 52.40 3.94
CA PHE D 307 25.53 51.16 3.85
C PHE D 307 24.24 51.39 4.60
N THR D 308 23.10 51.20 3.94
CA THR D 308 21.80 51.39 4.59
C THR D 308 20.92 50.17 4.40
N PHE D 309 20.14 49.86 5.43
CA PHE D 309 19.12 48.84 5.30
C PHE D 309 17.92 49.24 6.13
N THR D 310 16.84 48.53 5.91
CA THR D 310 15.55 48.85 6.45
C THR D 310 15.02 47.65 7.26
N VAL D 311 14.33 47.91 8.39
CA VAL D 311 13.74 46.87 9.24
C VAL D 311 12.37 47.35 9.71
N HIS D 312 11.53 46.41 10.16
CA HIS D 312 10.26 46.77 10.78
C HIS D 312 10.49 47.57 12.04
N ARG D 313 9.55 48.48 12.33
CA ARG D 313 9.71 49.38 13.48
C ARG D 313 9.85 48.62 14.80
N ASN D 314 9.20 47.45 14.93
CA ASN D 314 9.33 46.70 16.17
C ASN D 314 10.79 46.37 16.50
N ASP D 315 11.60 46.05 15.49
CA ASP D 315 13.00 45.69 15.68
C ASP D 315 14.00 46.82 15.45
N TYR D 316 13.52 48.06 15.34
CA TYR D 316 14.39 49.17 15.00
C TYR D 316 15.56 49.34 15.98
N LEU D 317 15.28 49.47 17.27
CA LEU D 317 16.36 49.81 18.20
C LEU D 317 17.36 48.68 18.37
N ASN D 318 16.90 47.42 18.34
CA ASN D 318 17.77 46.24 18.38
C ASN D 318 18.73 46.29 17.21
N ALA D 319 18.19 46.53 16.00
CA ALA D 319 19.09 46.61 14.86
C ALA D 319 20.04 47.78 15.02
N LEU D 320 19.56 48.91 15.55
CA LEU D 320 20.40 50.10 15.70
C LEU D 320 21.53 49.88 16.69
N GLU D 321 21.25 49.21 17.81
CA GLU D 321 22.32 49.02 18.77
C GLU D 321 23.33 48.02 18.23
N ILE D 322 22.85 47.00 17.51
CA ILE D 322 23.76 46.06 16.85
C ILE D 322 24.67 46.81 15.88
N LEU D 323 24.06 47.68 15.04
CA LEU D 323 24.85 48.41 14.04
C LEU D 323 25.87 49.34 14.68
N LYS D 324 25.50 50.01 15.79
CA LYS D 324 26.45 50.87 16.49
C LYS D 324 27.64 50.07 16.96
N GLN D 325 27.41 48.84 17.41
CA GLN D 325 28.52 47.98 17.77
C GLN D 325 29.42 47.72 16.57
N THR D 326 28.80 47.35 15.43
CA THR D 326 29.57 47.10 14.20
C THR D 326 30.35 48.35 13.79
N ALA D 327 29.71 49.51 13.83
CA ALA D 327 30.41 50.73 13.47
C ALA D 327 31.63 50.96 14.36
N ALA D 328 31.52 50.57 15.63
CA ALA D 328 32.70 50.63 16.50
C ALA D 328 33.72 49.57 16.10
N ASN D 329 33.26 48.35 15.79
CA ASN D 329 34.17 47.26 15.49
C ASN D 329 34.99 47.55 14.24
N ILE D 330 34.32 47.99 13.16
CA ILE D 330 34.99 48.10 11.86
C ILE D 330 35.52 49.49 11.59
N GLY D 331 35.41 50.41 12.53
CA GLY D 331 35.98 51.73 12.34
C GLY D 331 35.18 52.69 11.48
N ALA D 332 33.88 52.45 11.29
CA ALA D 332 33.04 53.38 10.55
C ALA D 332 32.90 54.69 11.32
N ARG D 333 32.51 55.73 10.60
CA ARG D 333 32.28 57.05 11.16
C ARG D 333 31.11 57.14 12.15
N GLU D 334 29.97 56.55 11.85
CA GLU D 334 28.84 56.55 12.77
C GLU D 334 27.78 55.59 12.27
N ALA D 335 26.84 55.28 13.15
CA ALA D 335 25.65 54.54 12.82
C ALA D 335 24.49 55.42 13.21
N ILE D 336 23.52 55.58 12.31
CA ILE D 336 22.36 56.42 12.59
C ILE D 336 21.12 55.76 12.04
N GLY D 337 19.99 56.09 12.64
CA GLY D 337 18.72 55.50 12.27
C GLY D 337 17.64 56.56 12.30
N ASP D 338 16.52 56.24 11.65
CA ASP D 338 15.36 57.11 11.53
C ASP D 338 14.13 56.23 11.39
N THR D 339 13.09 56.50 12.17
CA THR D 339 11.89 55.70 12.05
C THR D 339 10.78 56.41 11.29
N ASN D 340 10.99 57.67 10.92
CA ASN D 340 9.96 58.55 10.36
C ASN D 340 9.96 58.50 8.81
N ILE D 341 9.86 57.29 8.28
CA ILE D 341 9.97 57.04 6.87
C ILE D 341 8.82 56.16 6.40
N ALA D 342 8.58 56.20 5.10
CA ALA D 342 7.68 55.28 4.42
C ALA D 342 8.33 54.87 3.10
N LYS D 343 8.01 53.67 2.65
CA LYS D 343 8.48 53.12 1.38
C LYS D 343 7.30 53.09 0.41
N VAL D 344 7.50 53.67 -0.79
CA VAL D 344 6.50 53.68 -1.87
C VAL D 344 7.13 53.13 -3.15
N SER D 345 6.41 52.25 -3.84
CA SER D 345 6.95 51.54 -4.99
C SER D 345 5.97 51.50 -6.14
N ILE D 346 6.51 51.59 -7.35
CA ILE D 346 5.76 51.26 -8.57
C ILE D 346 6.25 49.93 -9.08
N VAL D 347 5.33 49.04 -9.38
CA VAL D 347 5.73 47.77 -9.96
C VAL D 347 4.93 47.58 -11.23
N GLY D 348 5.57 46.88 -12.17
CA GLY D 348 4.97 46.58 -13.44
C GLY D 348 5.99 46.07 -14.44
N VAL D 349 5.64 45.04 -15.19
CA VAL D 349 6.51 44.63 -16.27
C VAL D 349 6.39 45.67 -17.38
N GLY D 350 7.30 45.66 -18.31
CA GLY D 350 7.25 46.75 -19.26
C GLY D 350 8.02 47.98 -18.86
N MET D 351 8.39 48.02 -17.61
CA MET D 351 9.27 49.03 -17.14
C MET D 351 10.55 48.75 -17.86
N ARG D 352 10.85 47.46 -18.05
CA ARG D 352 12.03 47.03 -18.74
C ARG D 352 12.11 47.45 -20.19
N SER D 353 10.99 47.46 -20.90
CA SER D 353 10.94 47.84 -22.29
C SER D 353 10.65 49.30 -22.56
N HIS D 354 10.42 50.11 -21.55
CA HIS D 354 10.11 51.52 -21.80
C HIS D 354 11.00 52.50 -21.12
N ALA D 355 11.42 53.56 -21.80
CA ALA D 355 12.27 54.48 -21.05
C ALA D 355 11.35 55.43 -20.27
N GLY D 356 11.93 56.23 -19.39
CA GLY D 356 11.14 57.25 -18.74
C GLY D 356 10.13 56.87 -17.67
N VAL D 357 10.02 55.61 -17.26
CA VAL D 357 9.06 55.31 -16.21
C VAL D 357 9.52 55.90 -14.88
N ALA D 358 10.80 55.80 -14.58
CA ALA D 358 11.31 56.37 -13.34
C ALA D 358 11.24 57.89 -13.36
N SER D 359 11.54 58.52 -14.51
CA SER D 359 11.41 59.96 -14.66
C SER D 359 10.04 60.46 -14.26
N ARG D 360 9.01 59.77 -14.74
CA ARG D 360 7.66 60.20 -14.49
C ARG D 360 7.32 60.04 -13.01
N MET D 361 7.84 58.98 -12.36
CA MET D 361 7.59 58.82 -10.94
C MET D 361 8.26 59.93 -10.16
N PHE D 362 9.51 60.26 -10.49
CA PHE D 362 10.16 61.31 -9.72
C PHE D 362 9.50 62.66 -9.95
N GLU D 363 9.05 62.92 -11.19
CA GLU D 363 8.40 64.20 -11.45
C GLU D 363 7.12 64.33 -10.63
N ALA D 364 6.30 63.28 -10.59
CA ALA D 364 5.06 63.34 -9.86
C ALA D 364 5.31 63.57 -8.36
N LEU D 365 6.37 62.99 -7.80
CA LEU D 365 6.67 63.26 -6.40
C LEU D 365 7.15 64.70 -6.20
N ALA D 366 7.93 65.22 -7.16
CA ALA D 366 8.43 66.58 -7.09
C ALA D 366 7.32 67.62 -7.30
N LYS D 367 6.28 67.30 -8.02
CA LYS D 367 5.19 68.21 -8.16
C LYS D 367 4.52 68.46 -6.81
N GLU D 368 4.50 67.43 -5.99
CA GLU D 368 3.93 67.46 -4.67
C GLU D 368 4.88 67.87 -3.58
N SER D 369 6.06 68.34 -3.90
CA SER D 369 7.05 68.77 -2.91
C SER D 369 7.54 67.70 -1.95
N ILE D 370 7.59 66.48 -2.43
CA ILE D 370 8.05 65.38 -1.63
C ILE D 370 9.49 65.07 -1.94
N ASN D 371 10.35 65.13 -0.94
CA ASN D 371 11.75 64.83 -1.16
C ASN D 371 12.00 63.32 -1.15
N ILE D 372 12.81 62.86 -2.10
CA ILE D 372 13.19 61.45 -2.17
C ILE D 372 14.44 61.26 -1.35
N GLN D 373 14.39 60.36 -0.35
CA GLN D 373 15.60 60.12 0.45
C GLN D 373 16.42 58.95 -0.05
N MET D 374 15.79 57.89 -0.52
CA MET D 374 16.50 56.72 -0.99
C MET D 374 15.80 56.19 -2.24
N ILE D 375 16.60 55.57 -3.11
CA ILE D 375 16.05 54.90 -4.27
C ILE D 375 16.68 53.54 -4.38
N SER D 376 15.84 52.55 -4.61
CA SER D 376 16.24 51.18 -4.84
C SER D 376 15.40 50.66 -5.98
N THR D 377 15.94 49.66 -6.66
CA THR D 377 15.37 49.17 -7.87
C THR D 377 15.41 47.68 -8.20
N SER D 378 14.56 47.35 -9.11
CA SER D 378 14.47 46.06 -9.77
C SER D 378 14.09 46.35 -11.23
N GLU D 379 14.15 45.32 -12.07
CA GLU D 379 13.77 45.45 -13.48
C GLU D 379 12.32 45.92 -13.60
N ILE D 380 11.47 45.50 -12.67
CA ILE D 380 10.05 45.80 -12.78
C ILE D 380 9.56 46.69 -11.65
N LYS D 381 10.47 47.29 -10.89
CA LYS D 381 10.13 47.99 -9.67
C LYS D 381 11.06 49.18 -9.46
N VAL D 382 10.49 50.29 -8.99
CA VAL D 382 11.26 51.40 -8.44
C VAL D 382 10.73 51.71 -7.05
N SER D 383 11.62 51.72 -6.05
CA SER D 383 11.22 51.98 -4.68
C SER D 383 11.89 53.25 -4.20
N VAL D 384 11.12 54.00 -3.42
CA VAL D 384 11.51 55.30 -2.91
C VAL D 384 11.23 55.32 -1.40
N VAL D 385 12.12 55.95 -0.64
CA VAL D 385 11.91 56.16 0.78
C VAL D 385 11.72 57.66 0.99
N ILE D 386 10.63 58.01 1.65
CA ILE D 386 10.21 59.38 1.89
C ILE D 386 9.80 59.50 3.34
N GLU D 387 9.71 60.74 3.80
CA GLU D 387 9.18 61.03 5.11
C GLU D 387 7.77 60.47 5.24
N GLU D 388 7.51 59.78 6.36
CA GLU D 388 6.26 59.06 6.59
C GLU D 388 4.99 59.90 6.37
N LYS D 389 5.04 61.22 6.65
CA LYS D 389 3.85 62.05 6.53
C LYS D 389 3.31 62.10 5.12
N TYR D 390 4.15 61.84 4.11
CA TYR D 390 3.76 61.97 2.72
C TYR D 390 3.21 60.72 2.08
N LEU D 391 3.05 59.63 2.86
CA LEU D 391 2.79 58.32 2.28
C LEU D 391 1.55 58.30 1.41
N GLU D 392 0.41 58.73 1.95
CA GLU D 392 -0.84 58.69 1.19
C GLU D 392 -0.79 59.61 -0.02
N LEU D 393 -0.23 60.81 0.15
CA LEU D 393 -0.10 61.78 -0.94
C LEU D 393 0.80 61.23 -2.07
N ALA D 394 1.92 60.61 -1.71
CA ALA D 394 2.76 60.04 -2.74
C ALA D 394 1.99 58.97 -3.51
N VAL D 395 1.32 58.10 -2.76
CA VAL D 395 0.55 57.02 -3.37
C VAL D 395 -0.52 57.57 -4.29
N ARG D 396 -1.23 58.62 -3.86
CA ARG D 396 -2.21 59.20 -4.74
C ARG D 396 -1.56 59.93 -5.91
N ALA D 397 -0.47 60.66 -5.68
CA ALA D 397 0.18 61.38 -6.76
C ALA D 397 0.56 60.43 -7.90
N LEU D 398 1.23 59.34 -7.55
CA LEU D 398 1.67 58.34 -8.52
C LEU D 398 0.49 57.65 -9.17
N HIS D 399 -0.56 57.43 -8.43
CA HIS D 399 -1.74 56.77 -8.93
C HIS D 399 -2.43 57.56 -10.02
N THR D 400 -2.56 58.86 -9.89
CA THR D 400 -3.11 59.60 -11.03
C THR D 400 -2.08 59.77 -12.13
N ALA D 401 -0.85 59.98 -11.76
CA ALA D 401 0.16 60.23 -12.73
C ALA D 401 0.31 59.08 -13.68
N PHE D 402 0.17 57.86 -13.21
CA PHE D 402 0.33 56.72 -14.08
C PHE D 402 -0.94 56.20 -14.69
N GLU D 403 -1.99 56.96 -14.55
CA GLU D 403 -3.29 56.70 -15.11
C GLU D 403 -4.01 55.45 -14.73
N LEU D 404 -3.88 55.09 -13.48
CA LEU D 404 -4.58 53.95 -12.97
C LEU D 404 -5.91 54.36 -12.36
N ASP D 405 -6.16 55.66 -12.28
CA ASP D 405 -7.38 56.11 -11.63
C ASP D 405 -8.56 55.61 -12.42
N ALA D 406 -9.68 55.51 -11.71
CA ALA D 406 -10.94 55.05 -12.24
C ALA D 406 -12.00 56.13 -12.13
N GLU E 2 4.69 23.65 -27.57
CA GLU E 2 5.26 23.30 -26.28
C GLU E 2 5.48 21.80 -26.19
N GLN E 3 5.14 21.08 -27.25
CA GLN E 3 5.33 19.64 -27.26
C GLN E 3 6.80 19.39 -27.03
N PRO E 4 7.68 20.29 -27.62
CA PRO E 4 9.10 19.99 -27.40
C PRO E 4 9.57 20.27 -25.98
N ILE E 5 10.56 19.50 -25.58
CA ILE E 5 11.11 19.68 -24.28
C ILE E 5 12.50 20.22 -24.48
N ILE E 6 12.75 21.43 -23.98
CA ILE E 6 14.09 21.98 -24.05
C ILE E 6 14.35 22.44 -22.66
N SER E 7 15.60 22.44 -22.25
CA SER E 7 15.93 22.88 -20.93
C SER E 7 15.62 24.35 -20.66
N GLY E 8 15.89 25.23 -21.60
CA GLY E 8 15.64 26.63 -21.40
C GLY E 8 16.16 27.52 -22.47
N ILE E 9 15.96 28.81 -22.27
CA ILE E 9 16.38 29.81 -23.22
C ILE E 9 17.48 30.65 -22.63
N ALA E 10 18.49 30.92 -23.43
CA ALA E 10 19.63 31.70 -22.99
C ALA E 10 19.88 32.84 -23.91
N PHE E 11 20.55 33.86 -23.40
CA PHE E 11 20.86 35.00 -24.21
C PHE E 11 22.05 35.75 -23.70
N ASN E 12 22.69 36.48 -24.59
CA ASN E 12 23.77 37.34 -24.24
C ASN E 12 23.66 38.63 -25.00
N ARG E 13 23.51 39.73 -24.29
CA ARG E 13 23.44 41.01 -24.96
C ARG E 13 24.82 41.63 -25.09
N ASP E 14 25.80 41.11 -24.38
CA ASP E 14 27.15 41.66 -24.42
C ASP E 14 27.98 41.09 -25.56
N GLU E 15 27.57 41.33 -26.76
CA GLU E 15 28.29 40.83 -27.90
C GLU E 15 28.40 41.83 -28.99
N ALA E 16 29.49 41.77 -29.71
CA ALA E 16 29.77 42.63 -30.82
C ALA E 16 30.16 41.70 -31.95
N LYS E 17 29.64 41.99 -33.13
CA LYS E 17 29.83 41.16 -34.30
C LYS E 17 30.93 41.78 -35.14
N LEU E 18 31.85 40.93 -35.61
CA LEU E 18 32.92 41.34 -36.52
C LEU E 18 32.91 40.42 -37.72
N THR E 19 32.99 40.99 -38.92
CA THR E 19 33.00 40.24 -40.16
C THR E 19 34.10 40.76 -41.04
N ILE E 20 34.87 39.83 -41.60
CA ILE E 20 35.84 40.09 -42.65
C ILE E 20 35.36 39.32 -43.86
N ARG E 21 35.13 40.03 -44.96
CA ARG E 21 34.53 39.45 -46.16
C ARG E 21 35.56 39.22 -47.26
N GLY E 22 35.26 38.25 -48.14
CA GLY E 22 36.09 37.90 -49.27
C GLY E 22 37.50 37.44 -48.93
N VAL E 23 37.63 36.56 -47.95
CA VAL E 23 38.94 36.08 -47.53
C VAL E 23 39.39 34.89 -48.40
N PRO E 24 40.68 34.75 -48.75
CA PRO E 24 41.07 33.62 -49.60
C PRO E 24 40.88 32.28 -48.90
N ASP E 25 40.29 31.34 -49.63
CA ASP E 25 39.87 30.07 -49.04
C ASP E 25 41.00 29.04 -49.17
N THR E 26 42.00 29.22 -48.32
CA THR E 26 43.22 28.43 -48.30
C THR E 26 43.56 28.18 -46.85
N PRO E 27 44.26 27.08 -46.55
CA PRO E 27 44.67 26.82 -45.16
C PRO E 27 45.52 27.96 -44.61
N GLY E 28 45.45 28.16 -43.30
CA GLY E 28 46.17 29.20 -42.61
C GLY E 28 45.43 30.53 -42.52
N VAL E 29 44.35 30.69 -43.25
CA VAL E 29 43.66 31.97 -43.23
C VAL E 29 42.88 32.17 -41.93
N ALA E 30 42.20 31.13 -41.43
CA ALA E 30 41.50 31.27 -40.17
C ALA E 30 42.48 31.68 -39.07
N PHE E 31 43.66 31.10 -39.09
CA PHE E 31 44.70 31.48 -38.14
C PHE E 31 45.18 32.91 -38.37
N LYS E 32 45.36 33.32 -39.64
CA LYS E 32 45.73 34.71 -39.91
C LYS E 32 44.68 35.68 -39.39
N ILE E 33 43.40 35.29 -39.40
CA ILE E 33 42.38 36.23 -38.93
C ILE E 33 42.39 36.30 -37.41
N LEU E 34 42.45 35.16 -36.74
CA LEU E 34 42.17 35.09 -35.32
C LEU E 34 43.43 35.11 -34.46
N GLY E 35 44.58 34.71 -35.02
CA GLY E 35 45.85 34.79 -34.31
C GLY E 35 46.17 36.13 -33.65
N PRO E 36 46.15 37.21 -34.45
CA PRO E 36 46.41 38.54 -33.86
C PRO E 36 45.33 38.99 -32.87
N ILE E 37 44.09 38.51 -33.03
CA ILE E 37 43.08 38.72 -32.01
C ILE E 37 43.54 38.07 -30.73
N SER E 38 43.94 36.82 -30.85
CA SER E 38 44.45 36.08 -29.70
C SER E 38 45.67 36.75 -29.11
N ALA E 39 46.56 37.25 -29.95
CA ALA E 39 47.73 37.94 -29.45
C ALA E 39 47.35 39.16 -28.60
N ALA E 40 46.27 39.87 -28.95
CA ALA E 40 45.81 41.01 -28.15
C ALA E 40 45.04 40.62 -26.87
N ASN E 41 44.90 39.32 -26.55
CA ASN E 41 44.14 38.85 -25.38
C ASN E 41 42.67 39.20 -25.46
N VAL E 42 42.16 39.32 -26.67
CA VAL E 42 40.73 39.50 -26.88
C VAL E 42 40.13 38.11 -26.93
N GLU E 43 39.18 37.88 -26.05
CA GLU E 43 38.48 36.62 -25.97
C GLU E 43 37.49 36.61 -27.13
N VAL E 44 37.21 35.42 -27.65
CA VAL E 44 36.24 35.28 -28.73
C VAL E 44 35.13 34.34 -28.28
N ASP E 45 33.90 34.71 -28.58
CA ASP E 45 32.79 33.82 -28.29
C ASP E 45 32.37 33.07 -29.54
N MET E 46 31.60 33.72 -30.41
CA MET E 46 31.03 33.04 -31.55
C MET E 46 32.01 33.09 -32.70
N ILE E 47 32.06 32.00 -33.46
CA ILE E 47 32.75 31.93 -34.75
C ILE E 47 31.85 31.20 -35.73
N VAL E 48 31.61 31.82 -36.89
CA VAL E 48 30.75 31.28 -37.94
C VAL E 48 31.48 31.49 -39.27
N GLN E 49 31.68 30.41 -40.03
CA GLN E 49 32.23 30.50 -41.38
C GLN E 49 31.48 29.51 -42.23
N ASN E 50 30.82 29.93 -43.28
CA ASN E 50 30.08 29.04 -44.15
C ASN E 50 30.93 28.62 -45.31
N VAL E 51 30.43 27.70 -46.12
CA VAL E 51 31.21 27.25 -47.26
C VAL E 51 31.52 28.33 -48.26
N ALA E 52 32.71 28.24 -48.81
CA ALA E 52 33.18 29.18 -49.78
C ALA E 52 32.56 29.01 -51.16
N HIS E 53 32.55 30.10 -51.91
CA HIS E 53 32.08 30.17 -53.29
C HIS E 53 33.10 30.96 -54.10
N ASP E 54 33.58 30.40 -55.19
CA ASP E 54 34.58 31.08 -56.01
C ASP E 54 35.87 31.40 -55.27
N ASN E 55 36.22 30.50 -54.39
CA ASN E 55 37.44 30.57 -53.62
C ASN E 55 37.57 31.62 -52.57
N THR E 56 36.47 32.19 -52.12
CA THR E 56 36.53 33.15 -51.06
C THR E 56 35.37 32.90 -50.18
N THR E 57 35.50 33.33 -48.94
CA THR E 57 34.49 33.15 -47.95
C THR E 57 34.53 34.27 -46.94
N ASP E 58 33.49 34.34 -46.13
CA ASP E 58 33.33 35.30 -45.07
C ASP E 58 33.51 34.60 -43.75
N PHE E 59 34.17 35.26 -42.81
CA PHE E 59 34.54 34.75 -41.50
C PHE E 59 34.06 35.79 -40.50
N THR E 60 33.17 35.40 -39.59
CA THR E 60 32.67 36.37 -38.62
C THR E 60 32.81 35.78 -37.23
N PHE E 61 33.15 36.64 -36.28
CA PHE E 61 33.23 36.20 -34.90
C PHE E 61 32.72 37.33 -34.01
N THR E 62 32.44 36.97 -32.77
CA THR E 62 31.89 37.92 -31.80
C THR E 62 32.87 38.05 -30.66
N VAL E 63 32.80 39.17 -29.97
CA VAL E 63 33.68 39.53 -28.88
C VAL E 63 32.90 40.34 -27.89
N HIS E 64 33.46 40.55 -26.71
CA HIS E 64 32.84 41.36 -25.69
C HIS E 64 32.79 42.78 -26.24
N ARG E 65 31.80 43.52 -25.84
CA ARG E 65 31.60 44.86 -26.32
C ARG E 65 32.77 45.75 -25.98
N ASN E 66 33.34 45.58 -24.82
CA ASN E 66 34.47 46.37 -24.41
C ASN E 66 35.68 46.16 -25.29
N ASP E 67 35.73 45.02 -25.95
CA ASP E 67 36.82 44.69 -26.85
C ASP E 67 36.53 45.00 -28.30
N TYR E 68 35.34 45.48 -28.61
CA TYR E 68 34.96 45.68 -29.98
C TYR E 68 35.82 46.59 -30.81
N LEU E 69 36.15 47.76 -30.32
CA LEU E 69 36.96 48.67 -31.07
C LEU E 69 38.34 48.16 -31.33
N ASN E 70 38.91 47.60 -30.30
CA ASN E 70 40.23 46.99 -30.43
C ASN E 70 40.24 45.87 -31.48
N ALA E 71 39.29 44.92 -31.36
CA ALA E 71 39.19 43.81 -32.29
C ALA E 71 38.88 44.26 -33.71
N LEU E 72 38.01 45.26 -33.84
CA LEU E 72 37.62 45.75 -35.16
C LEU E 72 38.82 46.31 -35.90
N GLU E 73 39.67 47.07 -35.19
CA GLU E 73 40.81 47.73 -35.85
C GLU E 73 41.91 46.75 -36.27
N ILE E 74 42.20 45.76 -35.42
CA ILE E 74 43.14 44.71 -35.80
C ILE E 74 42.60 43.92 -36.98
N LEU E 75 41.29 43.64 -36.97
CA LEU E 75 40.68 42.92 -38.08
C LEU E 75 40.80 43.71 -39.36
N LYS E 76 40.60 45.04 -39.28
CA LYS E 76 40.70 45.89 -40.47
C LYS E 76 42.10 45.85 -41.05
N GLN E 77 43.11 45.88 -40.18
CA GLN E 77 44.47 45.79 -40.68
C GLN E 77 44.75 44.41 -41.26
N THR E 78 44.27 43.36 -40.60
CA THR E 78 44.45 42.03 -41.18
C THR E 78 43.77 41.89 -42.53
N ALA E 79 42.58 42.52 -42.70
CA ALA E 79 41.93 42.49 -44.01
C ALA E 79 42.80 43.17 -45.07
N ALA E 80 43.51 44.21 -44.74
CA ALA E 80 44.39 44.80 -45.73
C ALA E 80 45.59 43.91 -46.03
N ASN E 81 46.09 43.28 -44.99
CA ASN E 81 47.24 42.42 -45.10
C ASN E 81 47.02 41.20 -45.97
N ILE E 82 45.85 40.60 -45.92
CA ILE E 82 45.58 39.43 -46.71
C ILE E 82 44.74 39.62 -47.97
N GLY E 83 44.39 40.84 -48.32
CA GLY E 83 43.61 41.07 -49.51
C GLY E 83 42.13 40.80 -49.53
N ALA E 84 41.50 40.85 -48.37
CA ALA E 84 40.07 40.64 -48.23
C ALA E 84 39.30 41.85 -48.72
N ARG E 85 38.01 41.68 -48.98
CA ARG E 85 37.17 42.76 -49.42
C ARG E 85 36.96 43.82 -48.36
N GLU E 86 36.79 43.41 -47.11
CA GLU E 86 36.61 44.37 -46.06
C GLU E 86 36.43 43.77 -44.69
N ALA E 87 36.52 44.60 -43.67
CA ALA E 87 36.22 44.18 -42.30
C ALA E 87 35.21 45.19 -41.77
N ILE E 88 34.11 44.69 -41.20
CA ILE E 88 32.98 45.52 -40.80
C ILE E 88 32.51 45.03 -39.44
N GLY E 89 31.89 45.93 -38.66
CA GLY E 89 31.48 45.58 -37.31
C GLY E 89 30.08 46.09 -36.96
N ASP E 90 29.49 45.40 -35.98
CA ASP E 90 28.14 45.72 -35.53
C ASP E 90 28.04 45.44 -34.04
N THR E 91 27.55 46.43 -33.30
CA THR E 91 27.37 46.30 -31.87
C THR E 91 25.90 46.17 -31.48
N ASN E 92 24.98 46.23 -32.44
CA ASN E 92 23.56 46.23 -32.09
C ASN E 92 22.96 44.84 -32.37
N ILE E 93 23.55 43.85 -31.70
CA ILE E 93 23.17 42.46 -31.88
C ILE E 93 22.96 41.84 -30.52
N ALA E 94 22.15 40.79 -30.50
CA ALA E 94 21.91 40.01 -29.29
C ALA E 94 21.97 38.55 -29.69
N LYS E 95 22.46 37.73 -28.76
CA LYS E 95 22.54 36.30 -29.01
C LYS E 95 21.53 35.58 -28.16
N VAL E 96 20.66 34.83 -28.80
CA VAL E 96 19.66 34.05 -28.11
C VAL E 96 19.74 32.59 -28.52
N SER E 97 19.70 31.72 -27.54
CA SER E 97 19.82 30.29 -27.77
C SER E 97 18.82 29.39 -27.11
N ILE E 98 18.64 28.23 -27.69
CA ILE E 98 17.78 27.23 -27.14
C ILE E 98 18.79 26.22 -26.64
N VAL E 99 18.62 25.80 -25.42
CA VAL E 99 19.56 24.94 -24.80
C VAL E 99 18.89 23.70 -24.29
N GLY E 100 19.65 22.65 -24.12
CA GLY E 100 19.04 21.43 -23.65
C GLY E 100 18.44 20.59 -24.74
N VAL E 101 18.70 20.95 -25.97
CA VAL E 101 18.21 20.23 -27.09
C VAL E 101 18.79 18.84 -27.07
N GLY E 102 17.99 17.82 -27.30
CA GLY E 102 18.53 16.47 -27.37
C GLY E 102 19.31 16.38 -28.66
N MET E 103 20.37 15.61 -28.70
CA MET E 103 21.18 15.54 -29.91
C MET E 103 20.46 15.08 -31.16
N ARG E 104 19.45 14.24 -31.00
CA ARG E 104 18.63 13.71 -32.05
C ARG E 104 17.62 14.66 -32.61
N SER E 105 17.36 15.75 -31.90
CA SER E 105 16.35 16.70 -32.26
C SER E 105 16.70 18.09 -32.82
N HIS E 106 17.84 18.28 -33.44
CA HIS E 106 18.13 19.62 -33.95
C HIS E 106 17.10 20.09 -34.97
N ALA E 107 16.68 19.20 -35.86
CA ALA E 107 15.74 19.64 -36.88
C ALA E 107 14.46 20.17 -36.30
N GLY E 108 13.89 19.48 -35.32
CA GLY E 108 12.69 19.95 -34.72
C GLY E 108 12.80 21.22 -33.93
N VAL E 109 13.80 21.33 -33.08
CA VAL E 109 14.01 22.51 -32.29
C VAL E 109 14.32 23.76 -33.11
N ALA E 110 15.14 23.57 -34.12
CA ALA E 110 15.52 24.68 -34.94
C ALA E 110 14.30 25.24 -35.58
N SER E 111 13.44 24.37 -36.09
CA SER E 111 12.23 24.83 -36.73
C SER E 111 11.26 25.53 -35.82
N ARG E 112 11.03 24.99 -34.64
CA ARG E 112 10.11 25.63 -33.75
C ARG E 112 10.65 26.98 -33.46
N MET E 113 11.95 27.04 -33.28
CA MET E 113 12.62 28.28 -33.02
C MET E 113 12.58 29.27 -34.18
N PHE E 114 12.85 28.82 -35.39
CA PHE E 114 12.83 29.73 -36.52
C PHE E 114 11.44 30.24 -36.78
N GLU E 115 10.49 29.34 -36.66
CA GLU E 115 9.13 29.70 -36.92
C GLU E 115 8.65 30.73 -35.95
N ALA E 116 9.00 30.58 -34.69
CA ALA E 116 8.57 31.53 -33.70
C ALA E 116 9.13 32.89 -34.02
N LEU E 117 10.39 32.95 -34.40
CA LEU E 117 11.01 34.20 -34.73
C LEU E 117 10.34 34.78 -35.94
N ALA E 118 9.96 33.94 -36.89
CA ALA E 118 9.29 34.44 -38.07
C ALA E 118 7.94 35.09 -37.76
N LYS E 119 7.21 34.53 -36.81
CA LYS E 119 5.89 35.04 -36.47
C LYS E 119 5.97 36.47 -36.02
N GLU E 120 6.92 36.81 -35.16
CA GLU E 120 7.07 38.19 -34.82
C GLU E 120 7.83 38.46 -36.07
N SER E 121 8.05 39.71 -36.46
CA SER E 121 8.78 39.93 -37.69
C SER E 121 10.24 40.00 -37.37
N ILE E 122 10.82 38.91 -36.88
CA ILE E 122 12.22 38.94 -36.51
C ILE E 122 13.16 38.25 -37.45
N ASN E 123 14.08 39.03 -38.00
CA ASN E 123 15.07 38.52 -38.93
C ASN E 123 16.21 37.85 -38.22
N ILE E 124 16.71 36.77 -38.79
CA ILE E 124 17.82 36.08 -38.21
C ILE E 124 19.04 36.41 -39.03
N GLN E 125 20.05 36.97 -38.41
CA GLN E 125 21.25 37.37 -39.11
C GLN E 125 22.26 36.24 -39.21
N MET E 126 22.39 35.42 -38.17
CA MET E 126 23.32 34.31 -38.11
C MET E 126 22.70 33.11 -37.42
N ILE E 127 23.16 31.92 -37.77
CA ILE E 127 22.76 30.72 -37.07
C ILE E 127 24.01 29.89 -36.81
N SER E 128 24.18 29.42 -35.57
CA SER E 128 25.25 28.46 -35.26
C SER E 128 24.70 27.39 -34.34
N THR E 129 25.37 26.26 -34.36
CA THR E 129 24.95 25.04 -33.72
C THR E 129 25.95 24.29 -32.81
N SER E 130 25.42 23.48 -31.92
CA SER E 130 26.21 22.67 -31.02
C SER E 130 25.38 21.45 -30.77
N GLU E 131 25.91 20.44 -30.13
CA GLU E 131 25.16 19.23 -29.91
C GLU E 131 23.95 19.56 -29.10
N ILE E 132 24.12 20.41 -28.11
CA ILE E 132 23.01 20.76 -27.26
C ILE E 132 22.48 22.17 -27.36
N LYS E 133 22.93 22.95 -28.31
CA LYS E 133 22.44 24.31 -28.45
C LYS E 133 22.14 24.74 -29.85
N VAL E 134 21.17 25.62 -30.00
CA VAL E 134 20.89 26.23 -31.27
C VAL E 134 20.97 27.70 -30.94
N SER E 135 21.75 28.44 -31.69
CA SER E 135 22.00 29.85 -31.44
C SER E 135 21.65 30.68 -32.66
N VAL E 136 21.13 31.88 -32.36
CA VAL E 136 20.68 32.85 -33.34
C VAL E 136 21.23 34.22 -32.95
N VAL E 137 21.55 35.04 -33.93
CA VAL E 137 22.00 36.39 -33.71
C VAL E 137 20.95 37.24 -34.36
N ILE E 138 20.54 38.27 -33.65
CA ILE E 138 19.50 39.22 -34.05
C ILE E 138 19.76 40.63 -33.56
N GLU E 139 19.02 41.58 -34.10
CA GLU E 139 19.14 42.97 -33.72
C GLU E 139 18.78 43.07 -32.28
N GLU E 140 19.47 43.92 -31.57
CA GLU E 140 19.32 44.08 -30.14
C GLU E 140 17.93 44.48 -29.67
N LYS E 141 17.30 45.38 -30.41
CA LYS E 141 16.00 45.90 -30.08
C LYS E 141 14.94 44.82 -29.97
N TYR E 142 15.09 43.72 -30.68
CA TYR E 142 14.11 42.65 -30.61
C TYR E 142 14.38 41.56 -29.61
N LEU E 143 15.34 41.73 -28.73
CA LEU E 143 15.63 40.66 -27.80
C LEU E 143 14.50 40.29 -26.90
N GLU E 144 13.87 41.25 -26.24
CA GLU E 144 12.79 40.95 -25.33
C GLU E 144 11.68 40.27 -26.05
N LEU E 145 11.38 40.75 -27.22
CA LEU E 145 10.32 40.19 -27.98
C LEU E 145 10.69 38.76 -28.33
N ALA E 146 11.94 38.53 -28.64
CA ALA E 146 12.37 37.20 -29.00
C ALA E 146 12.25 36.18 -27.93
N VAL E 147 12.67 36.55 -26.74
CA VAL E 147 12.64 35.63 -25.63
C VAL E 147 11.27 35.20 -25.29
N ARG E 148 10.34 36.15 -25.20
CA ARG E 148 8.95 35.83 -24.88
C ARG E 148 8.32 34.90 -25.91
N ALA E 149 8.66 35.10 -27.18
CA ALA E 149 8.12 34.27 -28.23
C ALA E 149 8.62 32.87 -28.05
N LEU E 150 9.89 32.76 -27.76
CA LEU E 150 10.46 31.46 -27.59
C LEU E 150 9.87 30.79 -26.38
N HIS E 151 9.59 31.55 -25.34
CA HIS E 151 9.00 30.98 -24.16
C HIS E 151 7.63 30.45 -24.50
N THR E 152 6.89 31.23 -25.24
CA THR E 152 5.57 30.82 -25.66
C THR E 152 5.67 29.71 -26.68
N ALA E 153 6.62 29.83 -27.59
CA ALA E 153 6.75 28.83 -28.63
C ALA E 153 7.10 27.50 -28.05
N PHE E 154 7.99 27.54 -27.08
CA PHE E 154 8.42 26.33 -26.43
C PHE E 154 7.76 26.16 -25.11
N GLU E 155 8.20 25.11 -24.49
CA GLU E 155 7.79 24.75 -23.13
C GLU E 155 9.10 24.40 -22.42
N LEU E 156 9.33 24.95 -21.24
CA LEU E 156 10.62 24.71 -20.60
C LEU E 156 10.50 23.63 -19.56
N ASP E 157 11.63 23.12 -19.06
CA ASP E 157 11.32 22.20 -17.98
C ASP E 157 11.58 22.89 -16.64
N ALA F 2 30.75 9.15 1.94
CA ALA F 2 29.70 8.65 2.80
C ALA F 2 28.63 7.86 2.04
N LEU F 3 27.75 8.53 1.31
CA LEU F 3 26.73 7.80 0.57
C LEU F 3 27.10 7.66 -0.88
N ILE F 4 27.26 6.43 -1.31
CA ILE F 4 27.65 6.06 -2.63
C ILE F 4 26.68 5.08 -3.24
N VAL F 5 26.30 5.30 -4.46
CA VAL F 5 25.45 4.38 -5.17
C VAL F 5 26.28 3.79 -6.26
N GLN F 6 26.31 2.48 -6.33
CA GLN F 6 27.08 1.81 -7.32
C GLN F 6 26.20 0.96 -8.18
N LYS F 7 26.50 0.91 -9.46
CA LYS F 7 25.73 0.15 -10.44
C LYS F 7 26.66 -0.85 -11.13
N PHE F 8 26.18 -2.08 -11.29
CA PHE F 8 26.97 -3.12 -11.95
C PHE F 8 26.17 -3.67 -13.11
N GLY F 9 26.74 -3.55 -14.31
CA GLY F 9 26.12 -3.96 -15.55
C GLY F 9 26.14 -5.46 -15.72
N GLY F 10 25.77 -5.89 -16.93
CA GLY F 10 25.60 -7.31 -17.18
C GLY F 10 26.83 -8.15 -16.94
N THR F 11 28.01 -7.70 -17.38
CA THR F 11 29.21 -8.55 -17.26
C THR F 11 29.73 -8.58 -15.83
N SER F 12 29.60 -7.48 -15.07
CA SER F 12 30.08 -7.49 -13.67
C SER F 12 29.32 -8.52 -12.84
N VAL F 13 28.14 -8.92 -13.26
CA VAL F 13 27.39 -9.91 -12.53
C VAL F 13 27.03 -11.09 -13.38
N GLY F 14 27.74 -11.26 -14.48
CA GLY F 14 27.49 -12.31 -15.44
C GLY F 14 27.56 -13.70 -14.90
N THR F 15 28.43 -13.93 -13.94
CA THR F 15 28.58 -15.23 -13.35
C THR F 15 28.53 -15.17 -11.86
N VAL F 16 28.39 -16.33 -11.26
CA VAL F 16 28.33 -16.41 -9.84
C VAL F 16 29.60 -15.86 -9.24
N GLU F 17 30.73 -16.28 -9.75
CA GLU F 17 31.99 -15.79 -9.24
C GLU F 17 32.19 -14.29 -9.45
N ARG F 18 31.64 -13.75 -10.52
CA ARG F 18 31.72 -12.33 -10.76
C ARG F 18 30.95 -11.61 -9.67
N ILE F 19 29.81 -12.17 -9.29
CA ILE F 19 28.99 -11.59 -8.26
C ILE F 19 29.77 -11.56 -6.97
N GLU F 20 30.55 -12.59 -6.71
CA GLU F 20 31.33 -12.64 -5.50
C GLU F 20 32.35 -11.52 -5.50
N GLN F 21 32.92 -11.25 -6.66
CA GLN F 21 33.90 -10.21 -6.75
C GLN F 21 33.27 -8.87 -6.46
N VAL F 22 32.06 -8.70 -6.91
CA VAL F 22 31.34 -7.46 -6.67
C VAL F 22 31.17 -7.31 -5.17
N ALA F 23 30.84 -8.40 -4.53
CA ALA F 23 30.66 -8.37 -3.11
C ALA F 23 31.95 -7.99 -2.44
N GLU F 24 33.06 -8.49 -2.91
CA GLU F 24 34.33 -8.13 -2.30
C GLU F 24 34.61 -6.63 -2.39
N LYS F 25 34.23 -6.00 -3.49
CA LYS F 25 34.48 -4.57 -3.63
C LYS F 25 33.54 -3.78 -2.73
N VAL F 26 32.25 -4.13 -2.72
CA VAL F 26 31.30 -3.46 -1.82
C VAL F 26 31.75 -3.64 -0.38
N LYS F 27 32.34 -4.81 -0.07
CA LYS F 27 32.81 -5.02 1.28
C LYS F 27 33.78 -3.91 1.68
N LYS F 28 34.75 -3.61 0.80
CA LYS F 28 35.78 -2.61 1.06
C LYS F 28 35.18 -1.20 1.17
N PHE F 29 34.19 -0.88 0.33
CA PHE F 29 33.56 0.42 0.46
C PHE F 29 32.82 0.53 1.81
N ARG F 30 32.16 -0.51 2.25
CA ARG F 30 31.52 -0.45 3.55
C ARG F 30 32.51 -0.36 4.74
N GLU F 31 33.63 -1.05 4.64
CA GLU F 31 34.64 -1.00 5.70
C GLU F 31 35.19 0.37 5.93
N ALA F 32 35.38 1.09 4.85
CA ALA F 32 35.94 2.40 4.86
C ALA F 32 35.01 3.34 5.56
N GLY F 33 33.77 2.91 5.81
CA GLY F 33 32.87 3.80 6.50
C GLY F 33 31.79 4.46 5.70
N ASP F 34 31.48 3.91 4.56
CA ASP F 34 30.43 4.45 3.71
C ASP F 34 29.13 3.63 3.64
N ASP F 35 27.98 4.29 3.63
CA ASP F 35 26.70 3.66 3.32
C ASP F 35 26.64 3.43 1.81
N VAL F 36 26.19 2.24 1.41
CA VAL F 36 26.23 1.86 0.01
C VAL F 36 24.84 1.41 -0.43
N VAL F 37 24.44 1.84 -1.62
CA VAL F 37 23.30 1.31 -2.34
C VAL F 37 23.85 0.73 -3.62
N VAL F 38 23.49 -0.53 -3.92
CA VAL F 38 24.00 -1.25 -5.05
C VAL F 38 22.85 -1.52 -6.02
N VAL F 39 23.09 -1.24 -7.30
CA VAL F 39 22.14 -1.50 -8.39
C VAL F 39 22.74 -2.56 -9.30
N VAL F 40 21.95 -3.60 -9.58
CA VAL F 40 22.42 -4.68 -10.40
C VAL F 40 21.39 -5.00 -11.46
N SER F 41 21.88 -5.57 -12.51
CA SER F 41 20.99 -5.95 -13.57
C SER F 41 21.11 -7.47 -13.70
N ALA F 42 20.32 -8.08 -14.57
CA ALA F 42 20.35 -9.54 -14.73
C ALA F 42 21.73 -10.05 -15.16
N MET F 43 21.98 -11.35 -14.91
CA MET F 43 23.25 -11.92 -15.36
C MET F 43 23.26 -12.03 -16.88
N SER F 44 24.46 -12.21 -17.43
CA SER F 44 24.66 -12.15 -18.88
C SER F 44 23.67 -13.05 -19.59
N GLY F 45 23.05 -12.51 -20.63
CA GLY F 45 22.15 -13.26 -21.48
C GLY F 45 20.76 -13.48 -20.92
N GLU F 46 20.54 -13.23 -19.63
CA GLU F 46 19.24 -13.50 -19.04
C GLU F 46 18.17 -12.59 -19.61
N THR F 47 18.43 -11.29 -19.71
CA THR F 47 17.45 -10.43 -20.35
C THR F 47 17.17 -10.93 -21.77
N ASN F 48 18.22 -11.14 -22.57
CA ASN F 48 18.03 -11.62 -23.94
C ASN F 48 17.39 -13.00 -23.96
N ARG F 49 17.77 -13.88 -23.02
CA ARG F 49 17.11 -15.18 -22.99
C ARG F 49 15.62 -15.05 -22.68
N LEU F 50 15.25 -14.18 -21.72
CA LEU F 50 13.85 -14.03 -21.35
C LEU F 50 13.02 -13.47 -22.50
N ILE F 51 13.49 -12.38 -23.13
CA ILE F 51 12.77 -11.78 -24.24
C ILE F 51 12.56 -12.80 -25.35
N GLY F 52 13.63 -13.56 -25.66
CA GLY F 52 13.52 -14.55 -26.73
C GLY F 52 12.46 -15.58 -26.42
N LEU F 53 12.39 -15.98 -25.16
CA LEU F 53 11.33 -16.89 -24.75
C LEU F 53 9.95 -16.29 -25.03
N ALA F 54 9.82 -14.97 -24.86
CA ALA F 54 8.53 -14.35 -25.17
C ALA F 54 8.28 -14.23 -26.68
N ASN F 55 9.27 -13.80 -27.47
CA ASN F 55 9.08 -13.73 -28.94
C ASN F 55 8.87 -15.11 -29.53
N GLN F 56 9.41 -16.14 -28.88
CA GLN F 56 9.03 -17.51 -29.19
C GLN F 56 7.52 -17.71 -29.06
N ILE F 57 6.83 -16.93 -28.25
CA ILE F 57 5.38 -17.10 -28.15
C ILE F 57 4.56 -16.24 -29.08
N MET F 58 4.93 -14.98 -29.25
CA MET F 58 4.18 -14.08 -30.08
C MET F 58 5.08 -13.28 -30.99
N GLU F 59 4.52 -12.84 -32.09
CA GLU F 59 5.26 -12.06 -33.02
C GLU F 59 5.72 -10.79 -32.32
N GLN F 60 4.80 -10.14 -31.61
CA GLN F 60 5.14 -8.97 -30.86
C GLN F 60 4.57 -9.18 -29.47
N PRO F 61 5.40 -9.53 -28.51
CA PRO F 61 4.84 -9.81 -27.19
C PRO F 61 4.15 -8.66 -26.52
N VAL F 62 3.09 -9.02 -25.85
CA VAL F 62 2.23 -8.09 -25.13
C VAL F 62 3.07 -7.22 -24.19
N PRO F 63 3.05 -5.89 -24.35
CA PRO F 63 3.99 -5.07 -23.56
C PRO F 63 3.81 -5.21 -22.06
N ARG F 64 2.57 -5.19 -21.55
CA ARG F 64 2.38 -5.29 -20.12
C ARG F 64 2.97 -6.58 -19.55
N GLU F 65 2.78 -7.69 -20.25
CA GLU F 65 3.23 -9.00 -19.81
C GLU F 65 4.72 -9.23 -20.02
N LEU F 66 5.29 -8.65 -21.07
CA LEU F 66 6.73 -8.75 -21.28
C LEU F 66 7.48 -8.20 -20.08
N ASP F 67 6.95 -7.15 -19.47
CA ASP F 67 7.64 -6.52 -18.34
C ASP F 67 7.74 -7.47 -17.14
N VAL F 68 6.71 -8.25 -16.89
CA VAL F 68 6.78 -9.15 -15.74
C VAL F 68 7.78 -10.28 -16.00
N MET F 69 7.89 -10.75 -17.25
CA MET F 69 8.94 -11.72 -17.57
C MET F 69 10.32 -11.14 -17.39
N VAL F 70 10.60 -10.07 -18.13
CA VAL F 70 11.97 -9.57 -18.22
C VAL F 70 12.44 -9.00 -16.90
N SER F 71 11.53 -8.41 -16.11
CA SER F 71 11.92 -7.87 -14.82
C SER F 71 12.49 -8.95 -13.88
N THR F 72 12.16 -10.22 -14.08
CA THR F 72 12.63 -11.26 -13.16
C THR F 72 14.14 -11.40 -13.17
N GLY F 73 14.80 -11.11 -14.30
CA GLY F 73 16.23 -11.36 -14.37
C GLY F 73 16.98 -10.61 -13.29
N GLU F 74 16.65 -9.33 -13.11
CA GLU F 74 17.28 -8.55 -12.06
C GLU F 74 16.92 -9.08 -10.67
N GLN F 75 15.74 -9.67 -10.52
CA GLN F 75 15.37 -10.13 -9.19
C GLN F 75 16.25 -11.26 -8.71
N VAL F 76 16.70 -12.12 -9.62
CA VAL F 76 17.67 -13.17 -9.28
C VAL F 76 18.95 -12.56 -8.78
N THR F 77 19.48 -11.59 -9.52
CA THR F 77 20.81 -11.06 -9.22
C THR F 77 20.84 -10.38 -7.87
N ILE F 78 19.79 -9.63 -7.51
CA ILE F 78 19.84 -8.90 -6.24
C ILE F 78 19.96 -9.88 -5.05
N ALA F 79 19.31 -11.04 -5.15
CA ALA F 79 19.41 -12.00 -4.05
C ALA F 79 20.80 -12.62 -3.99
N LEU F 80 21.34 -13.05 -5.14
CA LEU F 80 22.68 -13.65 -5.14
C LEU F 80 23.72 -12.69 -4.55
N LEU F 81 23.67 -11.40 -4.94
CA LEU F 81 24.60 -10.45 -4.36
C LEU F 81 24.34 -10.26 -2.87
N SER F 82 23.06 -10.23 -2.46
CA SER F 82 22.76 -10.12 -1.03
C SER F 82 23.34 -11.29 -0.24
N MET F 83 23.17 -12.53 -0.73
CA MET F 83 23.74 -13.68 -0.04
C MET F 83 25.26 -13.60 -0.08
N ALA F 84 25.83 -13.29 -1.26
CA ALA F 84 27.28 -13.22 -1.43
C ALA F 84 27.90 -12.21 -0.47
N LEU F 85 27.21 -11.13 -0.18
CA LEU F 85 27.68 -10.18 0.81
C LEU F 85 27.57 -10.71 2.23
N ILE F 86 26.44 -11.32 2.52
CA ILE F 86 26.15 -11.84 3.84
C ILE F 86 27.10 -12.93 4.25
N LYS F 87 27.47 -13.78 3.31
CA LYS F 87 28.40 -14.84 3.59
C LYS F 87 29.73 -14.20 4.03
N ARG F 88 30.08 -13.10 3.37
CA ARG F 88 31.29 -12.36 3.61
C ARG F 88 31.22 -11.49 4.84
N GLY F 89 30.12 -11.53 5.55
CA GLY F 89 29.99 -10.75 6.75
C GLY F 89 29.43 -9.37 6.67
N VAL F 90 28.85 -9.01 5.54
CA VAL F 90 28.26 -7.70 5.41
C VAL F 90 26.75 -7.84 5.28
N PRO F 91 25.98 -7.29 6.20
CA PRO F 91 24.52 -7.38 6.13
C PRO F 91 24.00 -6.67 4.90
N ALA F 92 23.00 -7.26 4.28
CA ALA F 92 22.44 -6.72 3.04
C ALA F 92 20.96 -7.09 2.94
N VAL F 93 20.20 -6.26 2.24
CA VAL F 93 18.80 -6.56 1.94
C VAL F 93 18.59 -6.28 0.46
N SER F 94 17.89 -7.15 -0.23
CA SER F 94 17.50 -6.91 -1.59
C SER F 94 16.19 -6.13 -1.63
N TYR F 95 16.03 -5.34 -2.68
CA TYR F 95 14.83 -4.57 -2.94
C TYR F 95 14.37 -4.79 -4.38
N THR F 96 13.13 -5.21 -4.57
CA THR F 96 12.59 -5.09 -5.91
C THR F 96 12.25 -3.62 -6.17
N GLY F 97 12.08 -3.28 -7.44
CA GLY F 97 11.55 -1.97 -7.77
C GLY F 97 10.29 -1.64 -6.98
N ASN F 98 9.41 -2.61 -6.80
CA ASN F 98 8.16 -2.32 -6.12
C ASN F 98 8.33 -2.09 -4.62
N GLN F 99 9.31 -2.74 -4.01
CA GLN F 99 9.64 -2.58 -2.60
C GLN F 99 10.19 -1.23 -2.14
N VAL F 100 11.09 -0.61 -2.88
CA VAL F 100 11.55 0.73 -2.51
C VAL F 100 10.47 1.77 -2.74
N ARG F 101 9.86 1.52 -3.86
CA ARG F 101 8.88 2.18 -4.59
C ARG F 101 9.39 3.17 -5.57
N ILE F 102 9.75 2.58 -6.68
CA ILE F 102 10.15 3.28 -7.82
C ILE F 102 8.89 3.31 -8.65
N LEU F 103 8.14 4.37 -8.49
CA LEU F 103 6.96 4.70 -9.28
C LEU F 103 7.34 5.21 -10.67
N THR F 104 6.60 4.78 -11.68
CA THR F 104 7.04 4.93 -13.06
C THR F 104 5.83 5.27 -13.95
N ASP F 105 6.13 5.52 -15.22
CA ASP F 105 5.14 5.69 -16.29
C ASP F 105 4.35 4.40 -16.46
N SER F 106 3.45 4.37 -17.45
CA SER F 106 2.80 3.17 -17.93
C SER F 106 3.33 2.75 -19.29
N ALA F 107 4.44 3.33 -19.75
CA ALA F 107 4.98 2.98 -21.05
C ALA F 107 5.84 1.75 -20.86
N HIS F 108 5.25 0.59 -21.14
CA HIS F 108 5.74 -0.66 -20.56
C HIS F 108 7.16 -1.03 -20.94
N THR F 109 7.51 -1.05 -22.19
CA THR F 109 8.89 -1.41 -22.34
C THR F 109 9.79 -0.20 -22.24
N LYS F 110 9.21 0.91 -21.88
CA LYS F 110 9.96 2.14 -21.82
C LYS F 110 9.57 3.09 -20.71
N ALA F 111 9.22 2.59 -19.55
CA ALA F 111 8.76 3.45 -18.48
C ALA F 111 9.77 4.43 -18.04
N ARG F 112 9.27 5.57 -17.60
CA ARG F 112 10.09 6.65 -17.08
C ARG F 112 9.82 6.82 -15.61
N ILE F 113 10.85 6.97 -14.82
CA ILE F 113 10.69 7.09 -13.40
C ILE F 113 10.11 8.41 -12.99
N LEU F 114 9.05 8.36 -12.20
CA LEU F 114 8.38 9.54 -11.72
C LEU F 114 8.78 9.89 -10.32
N HIS F 115 8.91 8.90 -9.47
CA HIS F 115 9.27 9.12 -8.10
C HIS F 115 9.90 7.94 -7.42
N ILE F 116 10.76 8.22 -6.48
CA ILE F 116 11.42 7.19 -5.68
C ILE F 116 11.27 7.52 -4.19
N ASP F 117 10.71 6.57 -3.43
CA ASP F 117 10.58 6.70 -1.99
C ASP F 117 11.97 6.53 -1.41
N ASP F 118 12.41 7.47 -0.59
CA ASP F 118 13.67 7.27 0.13
C ASP F 118 13.45 6.65 1.50
N THR F 119 12.20 6.54 1.95
CA THR F 119 11.95 6.24 3.35
C THR F 119 12.46 4.86 3.74
N HIS F 120 12.06 3.81 3.01
CA HIS F 120 12.49 2.48 3.44
C HIS F 120 13.99 2.26 3.23
N ILE F 121 14.57 2.83 2.16
CA ILE F 121 15.99 2.63 1.93
C ILE F 121 16.83 3.29 3.02
N ARG F 122 16.51 4.55 3.35
CA ARG F 122 17.25 5.29 4.36
C ARG F 122 17.24 4.55 5.71
N ALA F 123 16.10 3.96 6.09
CA ALA F 123 16.08 3.23 7.34
C ALA F 123 17.02 2.01 7.28
N ASP F 124 17.03 1.29 6.18
CA ASP F 124 17.95 0.18 6.09
C ASP F 124 19.41 0.64 6.14
N LEU F 125 19.72 1.77 5.53
CA LEU F 125 21.07 2.27 5.56
C LEU F 125 21.53 2.66 6.94
N LYS F 126 20.66 3.29 7.70
CA LYS F 126 20.97 3.68 9.07
C LYS F 126 21.21 2.45 9.91
N ALA F 127 20.48 1.41 9.63
CA ALA F 127 20.61 0.18 10.34
C ALA F 127 21.98 -0.38 10.06
N GLY F 128 22.66 0.12 9.04
CA GLY F 128 23.97 -0.38 8.72
C GLY F 128 24.07 -1.44 7.67
N ARG F 129 23.03 -1.59 6.90
CA ARG F 129 22.99 -2.58 5.87
C ARG F 129 23.21 -2.02 4.48
N VAL F 130 23.64 -2.87 3.59
CA VAL F 130 23.84 -2.52 2.18
C VAL F 130 22.55 -2.83 1.44
N VAL F 131 22.09 -1.87 0.64
CA VAL F 131 20.83 -2.03 -0.09
C VAL F 131 21.13 -2.43 -1.54
N VAL F 132 20.58 -3.55 -1.97
CA VAL F 132 20.75 -4.05 -3.32
C VAL F 132 19.40 -3.91 -4.01
N VAL F 133 19.36 -3.03 -5.00
CA VAL F 133 18.15 -2.73 -5.71
C VAL F 133 18.22 -3.24 -7.12
N ALA F 134 17.11 -3.74 -7.60
CA ALA F 134 17.02 -4.19 -8.92
C ALA F 134 16.92 -2.98 -9.81
N GLY F 135 17.83 -2.92 -10.75
CA GLY F 135 17.82 -1.89 -11.75
C GLY F 135 16.86 -2.24 -12.86
N PHE F 136 16.50 -1.24 -13.61
CA PHE F 136 15.69 -1.40 -14.81
C PHE F 136 14.20 -1.75 -14.63
N GLN F 137 13.72 -1.68 -13.39
CA GLN F 137 12.32 -1.98 -13.05
C GLN F 137 11.68 -0.98 -12.09
N GLY F 138 10.37 -0.92 -12.10
CA GLY F 138 9.57 -0.07 -11.26
C GLY F 138 8.13 -0.56 -11.30
N VAL F 139 7.22 0.26 -10.76
CA VAL F 139 5.79 -0.05 -10.81
C VAL F 139 5.02 1.22 -11.17
N ASP F 140 3.92 1.04 -11.92
CA ASP F 140 3.10 2.21 -12.23
C ASP F 140 2.07 2.47 -11.14
N GLY F 141 1.32 3.58 -11.30
CA GLY F 141 0.32 4.02 -10.34
C GLY F 141 -0.73 2.97 -10.03
N ASN F 142 -0.85 1.98 -10.90
CA ASN F 142 -1.81 0.90 -10.71
C ASN F 142 -1.20 -0.40 -10.18
N GLY F 143 0.12 -0.46 -9.96
CA GLY F 143 0.73 -1.66 -9.45
C GLY F 143 1.28 -2.61 -10.48
N ASN F 144 1.21 -2.24 -11.76
CA ASN F 144 1.75 -3.06 -12.84
C ASN F 144 3.26 -2.92 -12.89
N ILE F 145 3.94 -4.05 -13.08
CA ILE F 145 5.40 -4.06 -13.23
C ILE F 145 5.77 -3.34 -14.52
N THR F 146 6.90 -2.64 -14.52
CA THR F 146 7.39 -1.96 -15.70
C THR F 146 8.89 -2.16 -15.84
N THR F 147 9.37 -1.96 -17.07
CA THR F 147 10.77 -1.99 -17.46
C THR F 147 11.13 -0.60 -17.97
N LEU F 148 12.32 -0.14 -17.64
CA LEU F 148 12.82 1.15 -18.01
C LEU F 148 13.22 1.36 -19.46
N GLY F 149 13.70 0.31 -20.11
CA GLY F 149 14.17 0.37 -21.45
C GLY F 149 15.66 0.24 -21.41
N ARG F 150 16.31 0.38 -22.55
CA ARG F 150 17.74 0.22 -22.59
C ARG F 150 18.42 1.23 -21.72
N GLY F 151 19.44 0.75 -21.04
CA GLY F 151 20.19 1.55 -20.12
C GLY F 151 19.43 1.78 -18.86
N GLY F 152 18.42 0.95 -18.64
CA GLY F 152 17.58 1.10 -17.48
C GLY F 152 18.28 1.00 -16.15
N SER F 153 19.23 0.11 -16.00
CA SER F 153 19.94 0.03 -14.75
C SER F 153 20.71 1.32 -14.47
N ASP F 154 21.31 1.93 -15.50
CA ASP F 154 22.02 3.20 -15.37
C ASP F 154 21.06 4.29 -14.86
N THR F 155 19.84 4.30 -15.40
CA THR F 155 18.83 5.27 -15.00
C THR F 155 18.44 5.12 -13.52
N THR F 156 18.20 3.88 -13.08
CA THR F 156 17.83 3.61 -11.69
C THR F 156 18.92 4.07 -10.73
N GLY F 157 20.19 3.76 -11.04
CA GLY F 157 21.28 4.18 -10.17
C GLY F 157 21.36 5.68 -9.99
N VAL F 158 21.19 6.44 -11.07
CA VAL F 158 21.22 7.90 -10.98
C VAL F 158 19.99 8.42 -10.28
N ALA F 159 18.82 7.86 -10.62
CA ALA F 159 17.58 8.23 -9.96
C ALA F 159 17.68 7.94 -8.48
N LEU F 160 18.27 6.80 -8.12
CA LEU F 160 18.50 6.52 -6.72
C LEU F 160 19.49 7.52 -6.14
N ALA F 161 20.52 7.88 -6.89
CA ALA F 161 21.47 8.86 -6.37
C ALA F 161 20.80 10.21 -6.18
N ALA F 162 19.90 10.60 -7.07
CA ALA F 162 19.19 11.87 -6.89
C ALA F 162 18.25 11.80 -5.69
N ALA F 163 17.37 10.79 -5.64
CA ALA F 163 16.36 10.74 -4.59
C ALA F 163 17.01 10.65 -3.21
N LEU F 164 18.16 10.01 -3.11
CA LEU F 164 18.85 9.82 -1.86
C LEU F 164 19.85 10.92 -1.53
N LYS F 165 19.95 11.96 -2.36
CA LYS F 165 21.01 12.98 -2.27
C LYS F 165 22.38 12.32 -2.06
N ALA F 166 22.66 11.27 -2.84
CA ALA F 166 23.94 10.59 -2.79
C ALA F 166 25.10 11.51 -3.11
N ASP F 167 26.26 11.20 -2.52
CA ASP F 167 27.45 11.99 -2.79
C ASP F 167 27.93 11.79 -4.22
N GLU F 168 27.95 10.55 -4.69
CA GLU F 168 28.19 10.32 -6.11
C GLU F 168 27.61 8.98 -6.53
N CYS F 169 27.38 8.83 -7.83
CA CYS F 169 26.90 7.58 -8.42
C CYS F 169 28.00 6.97 -9.27
N GLN F 170 28.35 5.72 -9.00
CA GLN F 170 29.48 5.07 -9.66
C GLN F 170 28.96 4.01 -10.61
N ILE F 171 29.40 4.10 -11.85
CA ILE F 171 28.99 3.18 -12.90
C ILE F 171 30.16 2.29 -13.25
N TYR F 172 30.01 1.01 -12.97
CA TYR F 172 31.06 0.06 -13.22
C TYR F 172 30.85 -0.53 -14.59
N THR F 173 31.88 -0.49 -15.41
CA THR F 173 31.81 -0.94 -16.78
C THR F 173 33.12 -1.39 -17.39
N ASP F 174 33.11 -1.66 -18.69
CA ASP F 174 34.30 -2.09 -19.42
C ASP F 174 35.49 -1.11 -19.54
N VAL F 175 35.24 0.17 -19.75
CA VAL F 175 36.29 1.19 -19.85
C VAL F 175 36.81 1.73 -18.54
N ASP F 176 38.00 2.33 -18.56
CA ASP F 176 38.66 2.89 -17.38
C ASP F 176 38.25 4.33 -17.04
N GLY F 177 37.47 4.91 -17.92
CA GLY F 177 36.95 6.25 -17.83
C GLY F 177 36.61 6.74 -19.23
N VAL F 178 36.47 8.05 -19.31
CA VAL F 178 36.26 8.81 -20.54
C VAL F 178 37.60 9.35 -21.03
N TYR F 179 37.93 9.09 -22.29
CA TYR F 179 39.22 9.52 -22.81
C TYR F 179 39.16 10.83 -23.61
N THR F 180 40.32 11.48 -23.70
CA THR F 180 40.51 12.73 -24.42
C THR F 180 40.00 12.64 -25.85
N THR F 181 40.05 11.45 -26.42
CA THR F 181 39.57 11.14 -27.76
C THR F 181 39.44 9.64 -27.89
N ASP F 182 38.90 9.18 -28.99
CA ASP F 182 38.76 7.77 -29.18
C ASP F 182 40.14 7.13 -29.33
N PRO F 183 40.39 6.14 -28.41
CA PRO F 183 41.73 5.56 -28.46
C PRO F 183 42.07 4.83 -29.73
N ARG F 184 41.05 4.39 -30.42
CA ARG F 184 41.26 3.73 -31.67
C ARG F 184 41.93 4.66 -32.63
N VAL F 185 41.55 5.92 -32.61
CA VAL F 185 42.18 6.89 -33.48
C VAL F 185 43.47 7.45 -32.90
N VAL F 186 43.50 7.81 -31.63
CA VAL F 186 44.72 8.35 -31.06
C VAL F 186 45.29 7.41 -30.05
N PRO F 187 46.52 6.97 -30.27
CA PRO F 187 47.08 6.03 -29.31
C PRO F 187 47.49 6.63 -28.00
N GLN F 188 47.71 7.91 -27.90
CA GLN F 188 48.08 8.40 -26.61
C GLN F 188 46.93 9.04 -25.84
N ALA F 189 45.71 8.78 -26.26
CA ALA F 189 44.53 9.30 -25.59
C ALA F 189 44.64 8.93 -24.13
N ARG F 190 44.34 9.86 -23.26
CA ARG F 190 44.45 9.61 -21.84
C ARG F 190 43.13 9.72 -21.16
N ARG F 191 43.02 9.06 -20.02
CA ARG F 191 41.82 9.05 -19.24
C ARG F 191 41.68 10.35 -18.50
N LEU F 192 40.50 10.91 -18.54
CA LEU F 192 40.21 12.15 -17.86
C LEU F 192 39.85 12.02 -16.41
N ASP F 193 40.36 12.94 -15.60
CA ASP F 193 40.01 12.99 -14.22
C ASP F 193 38.59 13.49 -13.97
N LYS F 194 38.23 14.59 -14.59
CA LYS F 194 36.94 15.20 -14.40
C LYS F 194 36.37 15.97 -15.59
N ILE F 195 35.07 15.90 -15.81
CA ILE F 195 34.43 16.67 -16.86
C ILE F 195 33.05 17.09 -16.43
N THR F 196 32.58 18.20 -16.95
CA THR F 196 31.23 18.64 -16.64
C THR F 196 30.24 17.81 -17.45
N PHE F 197 29.00 17.76 -16.96
CA PHE F 197 27.96 17.07 -17.73
C PHE F 197 27.90 17.66 -19.13
N GLU F 198 28.04 18.99 -19.24
CA GLU F 198 27.91 19.63 -20.55
C GLU F 198 29.01 19.16 -21.50
N GLU F 199 30.26 19.11 -21.05
CA GLU F 199 31.31 18.64 -21.93
C GLU F 199 31.03 17.22 -22.40
N MET F 200 30.59 16.36 -21.49
CA MET F 200 30.31 14.98 -21.84
C MET F 200 29.27 14.91 -22.95
N LEU F 201 28.21 15.69 -22.82
CA LEU F 201 27.16 15.68 -23.83
C LEU F 201 27.68 16.25 -25.16
N GLU F 202 28.65 17.16 -25.11
CA GLU F 202 29.27 17.75 -26.30
C GLU F 202 30.11 16.77 -27.11
N MET F 203 30.77 15.86 -26.42
CA MET F 203 31.51 14.81 -27.03
C MET F 203 30.55 13.63 -27.20
N ALA F 204 29.77 13.66 -28.25
CA ALA F 204 28.74 12.69 -28.48
C ALA F 204 29.17 11.25 -28.58
N SER F 205 30.32 11.00 -29.20
CA SER F 205 30.75 9.62 -29.33
C SER F 205 31.07 8.79 -28.08
N LEU F 206 31.62 9.38 -27.02
CA LEU F 206 31.92 8.56 -25.85
C LEU F 206 30.66 7.90 -25.23
N GLY F 207 29.55 8.61 -25.12
CA GLY F 207 28.39 7.91 -24.63
C GLY F 207 28.36 6.79 -25.68
N SER F 208 28.03 5.59 -25.25
CA SER F 208 28.01 4.47 -26.15
C SER F 208 26.98 3.53 -25.63
N LYS F 209 27.10 2.26 -25.96
CA LYS F 209 26.16 1.30 -25.44
C LYS F 209 26.29 1.29 -23.91
N VAL F 210 27.53 1.35 -23.42
CA VAL F 210 27.80 1.30 -21.98
C VAL F 210 27.25 2.40 -21.08
N LEU F 211 27.39 3.66 -21.47
CA LEU F 211 26.81 4.72 -20.66
C LEU F 211 25.83 5.42 -21.56
N GLN F 212 24.55 5.29 -21.25
CA GLN F 212 23.55 5.91 -22.08
C GLN F 212 23.63 7.41 -21.92
N ILE F 213 23.53 8.14 -23.00
CA ILE F 213 23.57 9.58 -22.95
C ILE F 213 22.40 10.02 -22.11
N ARG F 214 21.30 9.31 -22.24
CA ARG F 214 20.12 9.69 -21.55
C ARG F 214 20.38 9.70 -20.10
N ALA F 215 21.19 8.78 -19.60
CA ALA F 215 21.52 8.74 -18.18
C ALA F 215 22.28 9.97 -17.75
N VAL F 216 23.19 10.39 -18.61
CA VAL F 216 24.04 11.53 -18.36
C VAL F 216 23.17 12.74 -18.20
N GLU F 217 22.11 12.81 -18.97
CA GLU F 217 21.20 13.91 -18.86
C GLU F 217 20.52 14.01 -17.49
N PHE F 218 20.12 12.88 -16.93
CA PHE F 218 19.48 12.81 -15.63
C PHE F 218 20.37 13.28 -14.48
N ALA F 219 21.63 12.91 -14.55
CA ALA F 219 22.58 13.30 -13.54
C ALA F 219 22.71 14.78 -13.54
N GLY F 220 22.70 15.33 -14.73
CA GLY F 220 22.81 16.75 -14.93
C GLY F 220 21.67 17.56 -14.39
N LYS F 221 20.45 17.11 -14.61
CA LYS F 221 19.29 17.82 -14.12
C LYS F 221 19.27 17.85 -12.62
N TYR F 222 19.73 16.80 -12.00
CA TYR F 222 19.77 16.76 -10.55
C TYR F 222 21.14 16.93 -9.91
N ASN F 223 22.15 17.33 -10.67
CA ASN F 223 23.45 17.55 -10.09
C ASN F 223 23.97 16.36 -9.32
N VAL F 224 23.89 15.24 -9.97
CA VAL F 224 24.38 13.97 -9.46
C VAL F 224 25.82 13.77 -9.95
N PRO F 225 26.82 13.81 -9.07
CA PRO F 225 28.19 13.49 -9.53
C PRO F 225 28.29 12.05 -10.03
N LEU F 226 28.80 11.87 -11.24
CA LEU F 226 28.87 10.56 -11.89
C LEU F 226 30.32 10.13 -12.09
N ARG F 227 30.62 8.88 -11.79
CA ARG F 227 31.95 8.33 -11.99
C ARG F 227 31.92 7.10 -12.85
N VAL F 228 32.74 7.04 -13.88
CA VAL F 228 32.80 5.88 -14.73
C VAL F 228 34.13 5.19 -14.55
N LEU F 229 34.12 3.92 -14.17
CA LEU F 229 35.33 3.16 -13.93
C LEU F 229 35.26 1.74 -14.37
N HIS F 230 36.42 1.13 -14.58
CA HIS F 230 36.45 -0.25 -14.97
C HIS F 230 36.08 -1.00 -13.75
N SER F 231 35.46 -2.12 -13.97
CA SER F 231 34.87 -2.88 -12.88
C SER F 231 35.83 -3.15 -11.73
N PHE F 232 37.14 -3.08 -11.95
CA PHE F 232 38.10 -3.51 -10.93
C PHE F 232 39.02 -2.43 -10.38
N GLN F 233 38.57 -1.17 -10.38
CA GLN F 233 39.29 -0.08 -9.70
C GLN F 233 40.73 0.05 -10.21
N GLU F 234 40.96 -0.06 -11.51
CA GLU F 234 42.33 0.05 -11.89
C GLU F 234 42.72 1.42 -11.47
N GLY F 235 41.83 2.36 -11.72
CA GLY F 235 42.07 3.75 -11.44
C GLY F 235 40.83 4.41 -10.93
N PRO F 236 40.91 5.72 -10.78
CA PRO F 236 39.82 6.52 -10.25
C PRO F 236 38.72 6.75 -11.25
N GLY F 237 38.93 6.33 -12.48
CA GLY F 237 37.94 6.53 -13.50
C GLY F 237 37.75 7.99 -13.82
N THR F 238 36.58 8.34 -14.32
CA THR F 238 36.26 9.71 -14.65
C THR F 238 35.00 10.19 -13.94
N LEU F 239 35.14 11.32 -13.30
CA LEU F 239 34.07 11.92 -12.57
C LEU F 239 33.42 12.93 -13.48
N ILE F 240 32.11 12.88 -13.56
CA ILE F 240 31.36 13.80 -14.37
C ILE F 240 30.51 14.60 -13.43
N THR F 241 30.76 15.89 -13.36
CA THR F 241 30.02 16.74 -12.44
C THR F 241 29.89 18.12 -12.98
N ILE F 242 29.11 18.94 -12.31
CA ILE F 242 28.92 20.32 -12.71
C ILE F 242 30.14 21.19 -12.45
N ASP F 243 30.23 22.26 -13.23
CA ASP F 243 31.26 23.29 -13.19
C ASP F 243 31.48 23.83 -14.59
N PRO F 252 43.06 22.33 -17.60
CA PRO F 252 43.32 21.85 -18.94
C PRO F 252 42.70 22.83 -19.86
N ILE F 253 43.37 23.21 -20.93
CA ILE F 253 42.78 24.16 -21.83
C ILE F 253 41.54 23.59 -22.51
N ILE F 254 41.59 22.34 -22.92
CA ILE F 254 40.46 21.66 -23.51
C ILE F 254 40.40 20.22 -23.01
N SER F 255 39.21 19.72 -22.82
CA SER F 255 38.99 18.37 -22.39
C SER F 255 39.20 17.28 -23.39
N GLY F 256 38.76 17.49 -24.61
CA GLY F 256 38.87 16.47 -25.62
C GLY F 256 38.58 16.85 -27.05
N ILE F 257 38.73 15.88 -27.93
CA ILE F 257 38.50 16.06 -29.35
C ILE F 257 37.50 15.02 -29.83
N ALA F 258 36.43 15.48 -30.44
CA ALA F 258 35.35 14.63 -30.89
C ALA F 258 35.23 14.73 -32.41
N PHE F 259 34.64 13.70 -33.04
CA PHE F 259 34.53 13.74 -34.49
C PHE F 259 33.37 12.89 -35.00
N ASN F 260 32.94 13.16 -36.21
CA ASN F 260 31.91 12.41 -36.85
C ASN F 260 32.20 12.20 -38.31
N ARG F 261 32.22 10.96 -38.75
CA ARG F 261 32.49 10.68 -40.14
C ARG F 261 31.25 10.60 -41.02
N ASP F 262 30.12 10.27 -40.44
CA ASP F 262 28.88 10.12 -41.17
C ASP F 262 28.16 11.43 -41.34
N GLU F 263 28.67 12.25 -42.21
CA GLU F 263 28.08 13.53 -42.44
C GLU F 263 28.10 13.93 -43.86
N ALA F 264 27.13 14.73 -44.24
CA ALA F 264 27.04 15.27 -45.60
C ALA F 264 26.55 16.71 -45.53
N LYS F 265 27.17 17.61 -46.29
CA LYS F 265 26.79 18.99 -46.15
C LYS F 265 25.83 19.39 -47.28
N LEU F 266 24.81 20.14 -46.91
CA LEU F 266 23.82 20.63 -47.84
C LEU F 266 23.76 22.14 -47.76
N THR F 267 23.84 22.80 -48.89
CA THR F 267 23.79 24.23 -48.93
C THR F 267 22.82 24.78 -49.93
N ILE F 268 22.13 25.82 -49.53
CA ILE F 268 21.24 26.50 -50.39
C ILE F 268 21.78 27.92 -50.43
N ARG F 269 22.11 28.40 -51.60
CA ARG F 269 22.69 29.73 -51.76
C ARG F 269 21.77 30.74 -52.39
N GLY F 270 22.14 31.99 -52.28
CA GLY F 270 21.37 33.07 -52.83
C GLY F 270 20.00 33.18 -52.25
N VAL F 271 19.94 33.04 -50.93
CA VAL F 271 18.71 33.13 -50.18
C VAL F 271 18.42 34.55 -49.72
N PRO F 272 17.09 34.94 -49.74
CA PRO F 272 16.82 36.31 -49.27
C PRO F 272 16.85 36.51 -47.77
N ASP F 273 17.40 37.61 -47.32
CA ASP F 273 17.50 37.90 -45.90
C ASP F 273 16.21 38.47 -45.39
N THR F 274 15.21 37.62 -45.34
CA THR F 274 13.89 38.02 -44.91
C THR F 274 13.45 37.10 -43.82
N PRO F 275 12.64 37.67 -42.85
CA PRO F 275 12.21 36.72 -41.81
C PRO F 275 11.36 35.64 -42.39
N GLY F 276 11.60 34.44 -41.91
CA GLY F 276 10.86 33.27 -42.33
C GLY F 276 11.53 32.39 -43.36
N VAL F 277 12.63 32.84 -43.98
CA VAL F 277 13.26 31.96 -44.96
C VAL F 277 13.97 30.83 -44.24
N ALA F 278 14.46 31.09 -43.05
CA ALA F 278 15.07 30.03 -42.27
C ALA F 278 14.05 28.95 -41.97
N PHE F 279 12.83 29.34 -41.61
CA PHE F 279 11.80 28.34 -41.33
C PHE F 279 11.46 27.56 -42.57
N LYS F 280 11.40 28.24 -43.69
CA LYS F 280 11.10 27.60 -44.94
C LYS F 280 12.15 26.60 -45.40
N ILE F 281 13.42 26.90 -45.20
CA ILE F 281 14.48 26.02 -45.63
C ILE F 281 14.45 24.73 -44.83
N LEU F 282 14.33 24.84 -43.51
CA LEU F 282 14.49 23.70 -42.61
C LEU F 282 13.19 23.04 -42.20
N GLY F 283 12.08 23.78 -42.23
CA GLY F 283 10.77 23.21 -41.98
C GLY F 283 10.50 21.94 -42.79
N PRO F 284 10.68 21.99 -44.12
CA PRO F 284 10.46 20.77 -44.90
C PRO F 284 11.45 19.66 -44.50
N ILE F 285 12.69 20.04 -44.18
CA ILE F 285 13.69 19.07 -43.78
C ILE F 285 13.26 18.32 -42.53
N SER F 286 12.81 19.07 -41.52
CA SER F 286 12.40 18.52 -40.23
C SER F 286 11.17 17.61 -40.33
N ALA F 287 10.16 18.05 -41.05
CA ALA F 287 8.94 17.26 -41.23
C ALA F 287 9.20 15.93 -41.96
N ALA F 288 10.21 15.85 -42.85
CA ALA F 288 10.59 14.59 -43.50
C ALA F 288 11.34 13.65 -42.57
N ASN F 289 11.50 14.07 -41.33
CA ASN F 289 12.19 13.33 -40.30
C ASN F 289 13.63 13.09 -40.58
N VAL F 290 14.26 14.00 -41.29
CA VAL F 290 15.66 13.89 -41.57
C VAL F 290 16.34 14.54 -40.39
N GLU F 291 17.23 13.84 -39.73
CA GLU F 291 17.92 14.42 -38.61
C GLU F 291 18.90 15.42 -39.13
N VAL F 292 19.07 16.48 -38.42
CA VAL F 292 20.01 17.53 -38.74
C VAL F 292 21.02 17.63 -37.61
N ASP F 293 22.28 17.75 -37.95
CA ASP F 293 23.29 17.97 -36.94
C ASP F 293 23.62 19.45 -36.91
N MET F 294 24.45 19.87 -37.86
CA MET F 294 24.94 21.23 -37.93
C MET F 294 24.02 22.12 -38.74
N ILE F 295 23.85 23.34 -38.24
CA ILE F 295 23.20 24.42 -38.97
C ILE F 295 24.07 25.65 -38.84
N VAL F 296 24.45 26.23 -39.97
CA VAL F 296 25.35 27.38 -40.04
C VAL F 296 24.77 28.41 -41.01
N GLN F 297 24.64 29.65 -40.58
CA GLN F 297 24.28 30.72 -41.49
C GLN F 297 25.12 31.93 -41.13
N ASN F 298 25.84 32.47 -42.10
CA ASN F 298 26.58 33.69 -41.85
C ASN F 298 25.72 34.90 -42.28
N VAL F 299 26.21 36.11 -42.00
CA VAL F 299 25.41 37.33 -42.25
C VAL F 299 25.21 37.57 -43.74
N ALA F 300 24.09 38.23 -44.06
CA ALA F 300 23.76 38.56 -45.44
C ALA F 300 24.65 39.66 -46.00
N HIS F 301 24.74 39.68 -47.32
CA HIS F 301 25.40 40.73 -48.08
C HIS F 301 24.51 40.92 -49.29
N ASP F 302 24.23 42.16 -49.67
CA ASP F 302 23.37 42.48 -50.81
C ASP F 302 22.01 41.82 -50.65
N ASN F 303 21.55 41.75 -49.42
CA ASN F 303 20.25 41.18 -49.09
C ASN F 303 20.03 39.71 -49.36
N THR F 304 21.10 38.94 -49.49
CA THR F 304 20.97 37.52 -49.66
C THR F 304 22.05 36.87 -48.86
N THR F 305 21.82 35.64 -48.47
CA THR F 305 22.80 34.90 -47.69
C THR F 305 22.75 33.43 -48.10
N ASP F 306 23.68 32.66 -47.57
CA ASP F 306 23.74 31.21 -47.78
C ASP F 306 23.36 30.49 -46.49
N PHE F 307 22.72 29.34 -46.65
CA PHE F 307 22.25 28.55 -45.51
C PHE F 307 22.73 27.12 -45.66
N THR F 308 23.55 26.65 -44.72
CA THR F 308 24.14 25.32 -44.80
C THR F 308 23.74 24.49 -43.60
N PHE F 309 23.42 23.23 -43.84
CA PHE F 309 23.17 22.30 -42.74
C PHE F 309 23.73 20.94 -43.12
N THR F 310 23.88 20.11 -42.09
CA THR F 310 24.51 18.81 -42.20
C THR F 310 23.54 17.73 -41.76
N VAL F 311 23.61 16.57 -42.41
CA VAL F 311 22.79 15.40 -42.11
C VAL F 311 23.64 14.14 -42.25
N HIS F 312 23.12 13.02 -41.74
CA HIS F 312 23.73 11.71 -41.95
C HIS F 312 23.73 11.34 -43.43
N ARG F 313 24.75 10.58 -43.85
CA ARG F 313 24.89 10.27 -45.28
C ARG F 313 23.69 9.49 -45.79
N ASN F 314 23.10 8.63 -44.95
CA ASN F 314 21.93 7.90 -45.41
C ASN F 314 20.81 8.85 -45.86
N ASP F 315 20.70 10.02 -45.27
CA ASP F 315 19.65 10.95 -45.62
C ASP F 315 20.00 12.02 -46.62
N TYR F 316 21.20 11.98 -47.18
CA TYR F 316 21.60 13.02 -48.09
C TYR F 316 20.79 13.20 -49.36
N LEU F 317 20.54 12.13 -50.09
CA LEU F 317 19.82 12.25 -51.35
C LEU F 317 18.44 12.79 -51.12
N ASN F 318 17.78 12.32 -50.09
CA ASN F 318 16.45 12.77 -49.80
C ASN F 318 16.41 14.25 -49.44
N ALA F 319 17.34 14.69 -48.61
CA ALA F 319 17.42 16.05 -48.18
C ALA F 319 17.76 16.98 -49.29
N LEU F 320 18.65 16.53 -50.14
CA LEU F 320 19.08 17.36 -51.23
C LEU F 320 17.93 17.68 -52.13
N GLU F 321 17.12 16.69 -52.39
CA GLU F 321 15.99 16.87 -53.25
C GLU F 321 15.01 17.85 -52.67
N ILE F 322 14.75 17.74 -51.39
CA ILE F 322 13.83 18.64 -50.74
C ILE F 322 14.41 20.04 -50.75
N LEU F 323 15.70 20.15 -50.57
CA LEU F 323 16.37 21.44 -50.61
C LEU F 323 16.32 22.05 -51.99
N LYS F 324 16.51 21.25 -53.03
CA LYS F 324 16.52 21.71 -54.39
C LYS F 324 15.17 22.29 -54.68
N GLN F 325 14.13 21.68 -54.16
CA GLN F 325 12.78 22.19 -54.35
C GLN F 325 12.52 23.53 -53.68
N THR F 326 12.96 23.66 -52.43
CA THR F 326 12.76 24.89 -51.70
C THR F 326 13.48 26.05 -52.37
N ALA F 327 14.65 25.78 -52.92
CA ALA F 327 15.41 26.79 -53.57
C ALA F 327 14.59 27.29 -54.71
N ALA F 328 13.93 26.37 -55.40
CA ALA F 328 13.10 26.72 -56.51
C ALA F 328 11.94 27.57 -56.01
N ASN F 329 11.39 27.16 -54.89
CA ASN F 329 10.27 27.82 -54.25
C ASN F 329 10.47 29.24 -53.74
N ILE F 330 11.63 29.53 -53.18
CA ILE F 330 11.88 30.84 -52.65
C ILE F 330 12.87 31.71 -53.45
N GLY F 331 13.24 31.28 -54.64
CA GLY F 331 14.15 32.07 -55.45
C GLY F 331 15.66 31.99 -55.26
N ALA F 332 16.13 30.99 -54.54
CA ALA F 332 17.54 30.79 -54.28
C ALA F 332 18.33 30.52 -55.55
N ARG F 333 19.59 30.92 -55.60
CA ARG F 333 20.38 30.68 -56.78
C ARG F 333 20.62 29.20 -57.11
N GLU F 334 21.01 28.40 -56.13
CA GLU F 334 21.22 26.98 -56.33
C GLU F 334 21.23 26.29 -54.98
N ALA F 335 21.10 24.98 -55.02
CA ALA F 335 21.21 24.11 -53.86
C ALA F 335 22.28 23.08 -54.18
N ILE F 336 23.25 22.91 -53.27
CA ILE F 336 24.40 22.04 -53.53
C ILE F 336 24.72 21.23 -52.28
N GLY F 337 25.31 20.06 -52.51
CA GLY F 337 25.63 19.14 -51.44
C GLY F 337 26.96 18.46 -51.69
N ASP F 338 27.54 17.95 -50.60
CA ASP F 338 28.84 17.31 -50.65
C ASP F 338 28.85 16.23 -49.59
N THR F 339 29.34 15.02 -49.94
CA THR F 339 29.36 13.92 -49.00
C THR F 339 30.74 13.64 -48.46
N ASN F 340 31.74 14.32 -49.00
CA ASN F 340 33.15 13.99 -48.74
C ASN F 340 33.68 14.91 -47.64
N ILE F 341 33.01 14.89 -46.48
CA ILE F 341 33.34 15.80 -45.39
C ILE F 341 33.37 15.03 -44.08
N ALA F 342 34.09 15.60 -43.12
CA ALA F 342 34.13 15.11 -41.76
C ALA F 342 34.00 16.30 -40.82
N LYS F 343 33.45 16.05 -39.65
CA LYS F 343 33.36 17.07 -38.63
C LYS F 343 34.34 16.73 -37.53
N VAL F 344 35.17 17.70 -37.14
CA VAL F 344 36.09 17.53 -36.01
C VAL F 344 35.89 18.68 -35.03
N SER F 345 35.93 18.36 -33.73
CA SER F 345 35.64 19.36 -32.70
C SER F 345 36.58 19.25 -31.52
N ILE F 346 36.88 20.37 -30.95
CA ILE F 346 37.61 20.41 -29.73
C ILE F 346 36.61 20.88 -28.68
N VAL F 347 36.59 20.21 -27.56
CA VAL F 347 35.68 20.50 -26.52
C VAL F 347 36.41 20.69 -25.25
N GLY F 348 35.84 21.55 -24.43
CA GLY F 348 36.34 21.90 -23.14
C GLY F 348 35.98 23.26 -22.62
N VAL F 349 35.51 23.27 -21.39
CA VAL F 349 35.12 24.43 -20.65
C VAL F 349 36.42 25.00 -20.43
N GLY F 350 36.52 26.26 -20.12
CA GLY F 350 37.82 26.84 -19.95
C GLY F 350 38.05 27.48 -21.25
N MET F 351 37.32 27.10 -22.24
CA MET F 351 37.38 27.89 -23.46
C MET F 351 36.81 29.27 -23.23
N ARG F 352 35.75 29.37 -22.46
CA ARG F 352 35.16 30.68 -22.24
C ARG F 352 36.01 31.61 -21.43
N SER F 353 36.67 31.09 -20.43
CA SER F 353 37.53 31.91 -19.63
C SER F 353 38.79 32.37 -20.39
N HIS F 354 39.35 31.49 -21.19
CA HIS F 354 40.56 31.77 -21.91
C HIS F 354 40.45 32.33 -23.31
N ALA F 355 41.51 32.95 -23.76
CA ALA F 355 41.54 33.49 -25.08
C ALA F 355 42.62 32.76 -25.77
N GLY F 356 42.43 32.56 -27.05
CA GLY F 356 43.41 31.94 -27.90
C GLY F 356 43.24 30.46 -28.20
N VAL F 357 42.14 29.83 -27.78
CA VAL F 357 41.99 28.39 -28.02
C VAL F 357 41.67 28.11 -29.48
N ALA F 358 40.71 28.84 -30.04
CA ALA F 358 40.29 28.59 -31.41
C ALA F 358 41.44 28.81 -32.37
N SER F 359 42.23 29.82 -32.09
CA SER F 359 43.33 30.18 -32.88
C SER F 359 44.36 29.06 -32.97
N ARG F 360 44.62 28.39 -31.86
CA ARG F 360 45.58 27.32 -31.81
C ARG F 360 45.12 26.16 -32.66
N MET F 361 43.83 25.88 -32.65
CA MET F 361 43.23 24.85 -33.46
C MET F 361 43.37 25.18 -34.93
N PHE F 362 43.14 26.42 -35.28
CA PHE F 362 43.28 26.77 -36.69
C PHE F 362 44.74 26.74 -37.13
N GLU F 363 45.67 27.08 -36.23
CA GLU F 363 47.09 26.95 -36.57
C GLU F 363 47.46 25.48 -36.77
N ALA F 364 47.04 24.60 -35.84
CA ALA F 364 47.43 23.20 -35.94
C ALA F 364 46.89 22.57 -37.21
N LEU F 365 45.62 22.83 -37.53
CA LEU F 365 45.06 22.37 -38.78
C LEU F 365 45.82 22.98 -39.95
N ALA F 366 46.35 24.20 -39.79
CA ALA F 366 47.13 24.78 -40.88
C ALA F 366 48.53 24.16 -41.05
N LYS F 367 49.17 23.65 -39.99
CA LYS F 367 50.51 23.10 -40.16
C LYS F 367 50.47 21.79 -40.95
N GLU F 368 49.48 20.94 -40.70
CA GLU F 368 49.08 20.03 -41.75
C GLU F 368 48.39 20.89 -42.80
N SER F 369 48.32 20.44 -44.02
CA SER F 369 47.75 21.42 -44.95
C SER F 369 46.22 21.29 -45.06
N ILE F 370 45.53 21.26 -43.92
CA ILE F 370 44.09 20.99 -43.88
C ILE F 370 43.31 22.29 -44.03
N ASN F 371 42.53 22.39 -45.10
CA ASN F 371 41.70 23.54 -45.35
C ASN F 371 40.40 23.43 -44.54
N ILE F 372 40.02 24.52 -43.89
CA ILE F 372 38.78 24.55 -43.13
C ILE F 372 37.68 25.05 -44.06
N GLN F 373 36.62 24.27 -44.22
CA GLN F 373 35.49 24.70 -45.03
C GLN F 373 34.38 25.34 -44.22
N MET F 374 34.11 24.87 -42.99
CA MET F 374 33.07 25.46 -42.15
C MET F 374 33.53 25.50 -40.70
N ILE F 375 33.05 26.51 -39.98
CA ILE F 375 33.30 26.65 -38.54
C ILE F 375 31.97 26.91 -37.87
N SER F 376 31.70 26.23 -36.78
CA SER F 376 30.51 26.39 -36.01
C SER F 376 30.97 26.42 -34.60
N THR F 377 30.20 27.00 -33.71
CA THR F 377 30.66 27.21 -32.37
C THR F 377 29.72 27.11 -31.17
N SER F 378 30.31 27.03 -30.01
CA SER F 378 29.61 27.01 -28.76
C SER F 378 30.55 27.65 -27.75
N GLU F 379 30.07 27.94 -26.56
CA GLU F 379 30.90 28.55 -25.57
C GLU F 379 32.04 27.60 -25.27
N ILE F 380 31.74 26.32 -25.23
CA ILE F 380 32.74 25.33 -24.93
C ILE F 380 33.23 24.50 -26.09
N LYS F 381 32.73 24.76 -27.27
CA LYS F 381 33.07 23.97 -28.42
C LYS F 381 33.38 24.71 -29.70
N VAL F 382 34.34 24.18 -30.45
CA VAL F 382 34.66 24.71 -31.76
C VAL F 382 34.58 23.54 -32.71
N SER F 383 33.76 23.67 -33.73
CA SER F 383 33.62 22.59 -34.70
C SER F 383 34.05 23.06 -36.07
N VAL F 384 34.74 22.17 -36.79
CA VAL F 384 35.33 22.45 -38.09
C VAL F 384 34.82 21.41 -39.07
N VAL F 385 34.59 21.80 -40.33
CA VAL F 385 34.20 20.88 -41.38
C VAL F 385 35.32 20.86 -42.42
N ILE F 386 35.84 19.64 -42.70
CA ILE F 386 37.01 19.43 -43.54
C ILE F 386 36.76 18.25 -44.47
N GLU F 387 37.64 18.15 -45.45
CA GLU F 387 37.64 17.02 -46.38
C GLU F 387 37.78 15.70 -45.62
N GLU F 388 36.96 14.71 -46.01
CA GLU F 388 36.83 13.47 -45.26
C GLU F 388 38.17 12.75 -45.05
N LYS F 389 39.04 12.81 -46.04
CA LYS F 389 40.31 12.11 -46.00
C LYS F 389 41.18 12.55 -44.83
N TYR F 390 41.01 13.78 -44.33
CA TYR F 390 41.84 14.36 -43.27
C TYR F 390 41.34 14.11 -41.84
N LEU F 391 40.29 13.31 -41.63
CA LEU F 391 39.68 13.22 -40.30
C LEU F 391 40.69 12.77 -39.24
N GLU F 392 41.34 11.62 -39.46
CA GLU F 392 42.29 11.09 -38.46
C GLU F 392 43.50 12.01 -38.31
N LEU F 393 43.99 12.57 -39.42
CA LEU F 393 45.11 13.48 -39.31
C LEU F 393 44.72 14.72 -38.50
N ALA F 394 43.52 15.24 -38.74
CA ALA F 394 43.12 16.41 -37.97
C ALA F 394 43.03 16.08 -36.49
N VAL F 395 42.37 14.97 -36.13
CA VAL F 395 42.18 14.60 -34.72
C VAL F 395 43.53 14.46 -34.01
N ARG F 396 44.47 13.75 -34.64
CA ARG F 396 45.79 13.57 -34.03
C ARG F 396 46.51 14.89 -33.91
N ALA F 397 46.43 15.73 -34.96
CA ALA F 397 47.09 17.03 -34.94
C ALA F 397 46.59 17.89 -33.79
N LEU F 398 45.27 17.92 -33.57
CA LEU F 398 44.72 18.70 -32.45
C LEU F 398 45.10 18.08 -31.10
N HIS F 399 45.12 16.75 -31.02
CA HIS F 399 45.47 16.04 -29.78
C HIS F 399 46.92 16.26 -29.40
N THR F 400 47.82 16.30 -30.36
CA THR F 400 49.17 16.63 -29.92
C THR F 400 49.30 18.12 -29.68
N ALA F 401 48.63 18.92 -30.48
CA ALA F 401 48.74 20.36 -30.37
C ALA F 401 48.27 20.91 -29.07
N PHE F 402 47.21 20.36 -28.53
CA PHE F 402 46.70 20.79 -27.27
C PHE F 402 47.23 20.00 -26.08
N GLU F 403 48.26 19.21 -26.31
CA GLU F 403 48.96 18.40 -25.33
C GLU F 403 48.14 17.39 -24.58
N LEU F 404 47.22 16.76 -25.26
CA LEU F 404 46.38 15.78 -24.64
C LEU F 404 47.04 14.42 -24.57
N ASP F 405 48.19 14.31 -25.18
CA ASP F 405 48.94 13.09 -25.26
C ASP F 405 49.53 12.69 -23.93
N ALA F 406 49.68 11.39 -23.76
CA ALA F 406 50.21 10.84 -22.54
C ALA F 406 49.94 9.38 -22.63
N ALA G 2 1.50 -9.98 30.18
CA ALA G 2 0.61 -10.51 29.17
C ALA G 2 0.03 -9.37 28.36
N LEU G 3 -0.75 -9.69 27.35
CA LEU G 3 -1.35 -8.68 26.50
C LEU G 3 -2.81 -8.53 26.76
N ILE G 4 -3.24 -7.32 27.02
CA ILE G 4 -4.61 -6.98 27.33
C ILE G 4 -5.15 -5.95 26.39
N VAL G 5 -6.37 -6.14 25.97
CA VAL G 5 -7.02 -5.18 25.12
C VAL G 5 -8.10 -4.54 25.96
N GLN G 6 -8.14 -3.23 25.96
CA GLN G 6 -9.12 -2.48 26.73
C GLN G 6 -9.92 -1.57 25.80
N LYS G 7 -11.23 -1.54 26.03
CA LYS G 7 -12.17 -0.75 25.24
C LYS G 7 -12.89 0.21 26.18
N PHE G 8 -12.96 1.45 25.80
CA PHE G 8 -13.64 2.46 26.58
C PHE G 8 -14.66 3.08 25.69
N GLY G 9 -15.87 3.16 26.16
CA GLY G 9 -16.95 3.72 25.39
C GLY G 9 -17.02 5.21 25.42
N GLY G 10 -18.07 5.75 24.82
CA GLY G 10 -18.25 7.17 24.75
C GLY G 10 -18.29 7.86 26.09
N THR G 11 -19.02 7.32 27.05
CA THR G 11 -19.06 7.98 28.34
C THR G 11 -17.70 8.00 28.99
N SER G 12 -16.93 6.94 28.84
CA SER G 12 -15.59 6.88 29.43
C SER G 12 -14.62 7.91 28.87
N VAL G 13 -14.85 8.34 27.65
CA VAL G 13 -13.99 9.32 27.01
C VAL G 13 -14.78 10.56 26.67
N GLY G 14 -15.85 10.80 27.37
CA GLY G 14 -16.73 11.92 27.11
C GLY G 14 -16.12 13.29 27.20
N THR G 15 -15.20 13.47 28.11
CA THR G 15 -14.57 14.77 28.31
C THR G 15 -13.05 14.59 28.40
N VAL G 16 -12.34 15.70 28.31
CA VAL G 16 -10.91 15.70 28.42
C VAL G 16 -10.56 15.21 29.79
N GLU G 17 -11.32 15.66 30.78
CA GLU G 17 -11.05 15.26 32.15
C GLU G 17 -11.25 13.75 32.26
N ARG G 18 -12.27 13.22 31.61
CA ARG G 18 -12.50 11.81 31.63
C ARG G 18 -11.41 11.05 30.93
N ILE G 19 -10.97 11.57 29.79
CA ILE G 19 -9.93 10.92 29.03
C ILE G 19 -8.69 10.82 29.84
N GLU G 20 -8.43 11.83 30.64
CA GLU G 20 -7.25 11.83 31.46
C GLU G 20 -7.23 10.70 32.46
N GLN G 21 -8.36 10.35 33.03
CA GLN G 21 -8.40 9.23 33.97
C GLN G 21 -8.17 7.88 33.35
N VAL G 22 -8.70 7.65 32.17
CA VAL G 22 -8.50 6.37 31.51
C VAL G 22 -7.02 6.21 31.31
N ALA G 23 -6.36 7.30 30.97
CA ALA G 23 -4.93 7.22 30.77
C ALA G 23 -4.29 6.79 32.05
N GLU G 24 -4.76 7.29 33.18
CA GLU G 24 -4.17 6.87 34.44
C GLU G 24 -4.47 5.41 34.59
N LYS G 25 -5.66 4.97 34.20
CA LYS G 25 -5.99 3.56 34.34
C LYS G 25 -5.04 2.73 33.51
N VAL G 26 -4.82 3.15 32.29
CA VAL G 26 -3.94 2.45 31.40
C VAL G 26 -2.52 2.46 31.94
N LYS G 27 -2.13 3.55 32.56
CA LYS G 27 -0.79 3.66 33.07
C LYS G 27 -0.48 2.59 34.07
N LYS G 28 -1.44 2.30 34.92
CA LYS G 28 -1.25 1.30 35.93
C LYS G 28 -0.99 -0.08 35.36
N PHE G 29 -1.72 -0.45 34.33
CA PHE G 29 -1.51 -1.73 33.70
C PHE G 29 -0.20 -1.86 33.00
N ARG G 30 0.14 -0.82 32.27
CA ARG G 30 1.34 -0.81 31.52
C ARG G 30 2.49 -0.86 32.47
N GLU G 31 2.44 -0.06 33.50
CA GLU G 31 3.55 -0.16 34.45
C GLU G 31 3.68 -1.57 35.03
N ALA G 32 2.58 -2.33 35.15
CA ALA G 32 2.65 -3.68 35.71
C ALA G 32 3.32 -4.69 34.78
N GLY G 33 3.86 -4.29 33.63
CA GLY G 33 4.46 -5.24 32.73
C GLY G 33 3.54 -5.72 31.64
N ASP G 34 2.42 -5.06 31.45
CA ASP G 34 1.42 -5.48 30.48
C ASP G 34 1.58 -4.66 29.21
N ASP G 35 1.60 -5.35 28.07
CA ASP G 35 1.40 -4.65 26.82
C ASP G 35 -0.08 -4.36 26.70
N VAL G 36 -0.40 -3.14 26.31
CA VAL G 36 -1.79 -2.71 26.28
C VAL G 36 -2.12 -2.20 24.89
N VAL G 37 -3.26 -2.65 24.39
CA VAL G 37 -3.91 -2.07 23.23
C VAL G 37 -5.23 -1.51 23.71
N VAL G 38 -5.50 -0.24 23.42
CA VAL G 38 -6.70 0.44 23.87
C VAL G 38 -7.49 0.84 22.63
N VAL G 39 -8.78 0.52 22.62
CA VAL G 39 -9.70 0.94 21.59
C VAL G 39 -10.66 1.93 22.25
N VAL G 40 -10.90 3.08 21.61
CA VAL G 40 -11.73 4.15 22.16
C VAL G 40 -12.81 4.55 21.16
N SER G 41 -13.87 5.16 21.68
CA SER G 41 -14.99 5.62 20.88
C SER G 41 -14.88 7.13 20.78
N ALA G 42 -15.78 7.72 20.04
CA ALA G 42 -15.82 9.14 19.87
C ALA G 42 -16.23 9.75 21.20
N MET G 43 -15.91 11.01 21.40
CA MET G 43 -16.28 11.68 22.62
C MET G 43 -17.80 11.76 22.61
N SER G 44 -18.40 11.92 23.77
CA SER G 44 -19.84 11.94 23.86
C SER G 44 -20.51 12.99 23.01
N GLY G 45 -21.51 12.54 22.30
CA GLY G 45 -22.34 13.36 21.48
C GLY G 45 -21.79 13.56 20.10
N GLU G 46 -20.55 13.21 19.91
CA GLU G 46 -19.96 13.41 18.61
C GLU G 46 -20.52 12.58 17.48
N THR G 47 -20.75 11.30 17.71
CA THR G 47 -21.31 10.48 16.66
C THR G 47 -22.69 10.96 16.28
N ASN G 48 -23.57 11.20 17.26
CA ASN G 48 -24.91 11.69 16.96
C ASN G 48 -24.87 13.09 16.34
N ARG G 49 -23.98 13.95 16.83
CA ARG G 49 -23.86 15.29 16.26
C ARG G 49 -23.46 15.21 14.78
N LEU G 50 -22.55 14.29 14.44
CA LEU G 50 -22.15 14.16 13.04
C LEU G 50 -23.29 13.62 12.18
N ILE G 51 -23.98 12.56 12.65
CA ILE G 51 -25.10 12.01 11.87
C ILE G 51 -26.13 13.11 11.61
N GLY G 52 -26.53 13.82 12.67
CA GLY G 52 -27.56 14.85 12.53
C GLY G 52 -27.14 15.93 11.55
N LEU G 53 -25.85 16.25 11.54
CA LEU G 53 -25.29 17.15 10.55
C LEU G 53 -25.48 16.60 9.13
N ALA G 54 -25.42 15.27 8.98
CA ALA G 54 -25.67 14.67 7.67
C ALA G 54 -27.15 14.65 7.32
N ASN G 55 -28.00 14.37 8.27
CA ASN G 55 -29.40 14.42 7.95
C ASN G 55 -29.80 15.83 7.58
N GLN G 56 -29.05 16.80 8.04
CA GLN G 56 -29.32 18.16 7.70
C GLN G 56 -29.19 18.31 6.21
N ILE G 57 -28.17 17.70 5.64
CA ILE G 57 -27.97 17.74 4.21
C ILE G 57 -28.99 16.92 3.42
N MET G 58 -29.28 15.72 3.88
CA MET G 58 -30.18 14.83 3.18
C MET G 58 -30.99 13.94 4.08
N GLU G 59 -32.13 13.52 3.59
CA GLU G 59 -33.02 12.63 4.28
C GLU G 59 -32.38 11.28 4.51
N GLN G 60 -31.81 10.73 3.45
CA GLN G 60 -31.13 9.46 3.56
C GLN G 60 -29.78 9.86 3.12
N PRO G 61 -28.92 10.01 4.08
CA PRO G 61 -27.56 10.46 3.75
C PRO G 61 -26.78 9.34 3.06
N VAL G 62 -25.95 9.73 2.10
CA VAL G 62 -25.19 8.78 1.29
C VAL G 62 -24.36 7.86 2.16
N PRO G 63 -24.56 6.52 2.11
CA PRO G 63 -23.85 5.67 3.07
C PRO G 63 -22.34 5.80 2.98
N ARG G 64 -21.77 5.77 1.78
CA ARG G 64 -20.32 5.80 1.64
C ARG G 64 -19.72 7.08 2.21
N GLU G 65 -20.36 8.23 1.95
CA GLU G 65 -19.90 9.50 2.47
C GLU G 65 -20.23 9.70 3.94
N LEU G 66 -21.36 9.13 4.41
CA LEU G 66 -21.63 9.17 5.85
C LEU G 66 -20.48 8.53 6.61
N ASP G 67 -19.90 7.47 6.05
CA ASP G 67 -18.82 6.78 6.72
C ASP G 67 -17.62 7.68 6.90
N VAL G 68 -17.36 8.52 5.92
CA VAL G 68 -16.23 9.40 5.98
C VAL G 68 -16.40 10.45 7.09
N MET G 69 -17.60 10.99 7.25
CA MET G 69 -17.85 11.90 8.35
C MET G 69 -17.90 11.34 9.76
N VAL G 70 -18.67 10.27 9.99
CA VAL G 70 -18.82 9.81 11.37
C VAL G 70 -17.53 9.21 11.89
N SER G 71 -16.74 8.57 11.01
CA SER G 71 -15.50 7.95 11.45
C SER G 71 -14.55 8.95 12.10
N THR G 72 -14.69 10.25 11.80
CA THR G 72 -13.73 11.21 12.36
C THR G 72 -13.81 11.31 13.87
N GLY G 73 -14.97 11.04 14.46
CA GLY G 73 -15.09 11.21 15.90
C GLY G 73 -14.09 10.38 16.68
N GLU G 74 -13.95 9.09 16.32
CA GLU G 74 -12.99 8.26 17.04
C GLU G 74 -11.58 8.73 16.81
N GLN G 75 -11.33 9.32 15.64
CA GLN G 75 -9.98 9.76 15.35
C GLN G 75 -9.53 10.90 16.26
N VAL G 76 -10.45 11.79 16.62
CA VAL G 76 -10.10 12.77 17.65
C VAL G 76 -9.75 12.07 18.95
N THR G 77 -10.56 11.10 19.35
CA THR G 77 -10.34 10.55 20.68
C THR G 77 -9.00 9.85 20.77
N ILE G 78 -8.59 9.12 19.73
CA ILE G 78 -7.33 8.36 19.84
C ILE G 78 -6.15 9.31 20.05
N ALA G 79 -6.17 10.48 19.42
CA ALA G 79 -5.04 11.38 19.62
C ALA G 79 -5.00 11.94 21.03
N LEU G 80 -6.16 12.40 21.54
CA LEU G 80 -6.18 12.98 22.88
C LEU G 80 -5.64 12.00 23.91
N LEU G 81 -6.11 10.75 23.88
CA LEU G 81 -5.61 9.74 24.81
C LEU G 81 -4.13 9.41 24.56
N SER G 82 -3.67 9.45 23.31
CA SER G 82 -2.23 9.31 23.08
C SER G 82 -1.49 10.46 23.74
N MET G 83 -1.96 11.69 23.54
CA MET G 83 -1.35 12.85 24.18
C MET G 83 -1.45 12.74 25.71
N ALA G 84 -2.64 12.43 26.22
CA ALA G 84 -2.80 12.29 27.67
C ALA G 84 -1.91 11.18 28.22
N LEU G 85 -1.70 10.11 27.45
CA LEU G 85 -0.73 9.09 27.86
C LEU G 85 0.70 9.61 27.80
N ILE G 86 1.09 10.30 26.76
CA ILE G 86 2.47 10.74 26.72
C ILE G 86 2.86 11.68 27.84
N LYS G 87 1.98 12.58 28.21
CA LYS G 87 2.21 13.55 29.24
C LYS G 87 2.49 12.84 30.52
N ARG G 88 1.77 11.77 30.76
CA ARG G 88 1.94 11.01 31.96
C ARG G 88 3.21 10.24 31.88
N GLY G 89 3.92 10.33 30.77
CA GLY G 89 5.14 9.57 30.75
C GLY G 89 5.02 8.16 30.22
N VAL G 90 3.92 7.79 29.56
CA VAL G 90 3.82 6.47 28.96
C VAL G 90 3.71 6.64 27.43
N PRO G 91 4.65 6.07 26.66
CA PRO G 91 4.61 6.25 25.20
C PRO G 91 3.39 5.62 24.58
N ALA G 92 2.85 6.30 23.56
CA ALA G 92 1.64 5.86 22.90
C ALA G 92 1.68 6.32 21.46
N VAL G 93 1.01 5.56 20.59
CA VAL G 93 0.77 5.92 19.20
C VAL G 93 -0.69 5.65 18.90
N SER G 94 -1.33 6.58 18.25
CA SER G 94 -2.69 6.38 17.79
C SER G 94 -2.66 5.63 16.46
N TYR G 95 -3.69 4.82 16.22
CA TYR G 95 -3.87 4.10 14.96
C TYR G 95 -5.26 4.37 14.40
N THR G 96 -5.33 4.82 13.18
CA THR G 96 -6.59 4.92 12.51
C THR G 96 -6.88 3.49 12.08
N GLY G 97 -8.07 3.21 11.62
CA GLY G 97 -8.41 1.89 11.17
C GLY G 97 -7.56 1.45 10.01
N ASN G 98 -7.34 2.35 9.07
CA ASN G 98 -6.53 2.04 7.92
C ASN G 98 -5.09 1.73 8.25
N GLN G 99 -4.55 2.36 9.27
CA GLN G 99 -3.18 2.12 9.69
C GLN G 99 -2.83 0.74 10.23
N VAL G 100 -3.64 0.23 11.12
CA VAL G 100 -3.47 -1.12 11.62
C VAL G 100 -3.70 -2.11 10.49
N ARG G 101 -4.69 -1.73 9.70
CA ARG G 101 -5.30 -2.31 8.56
C ARG G 101 -6.35 -3.29 8.98
N ILE G 102 -7.48 -2.72 9.30
CA ILE G 102 -8.66 -3.44 9.59
C ILE G 102 -9.42 -3.45 8.29
N LEU G 103 -9.33 -4.54 7.59
CA LEU G 103 -9.98 -4.69 6.32
C LEU G 103 -11.38 -5.13 6.55
N THR G 104 -12.29 -4.54 5.82
CA THR G 104 -13.67 -4.84 5.94
C THR G 104 -14.40 -5.00 4.67
N ASP G 105 -15.67 -5.21 4.91
CA ASP G 105 -16.76 -5.36 4.02
C ASP G 105 -17.13 -4.01 3.44
N SER G 106 -18.03 -4.01 2.47
CA SER G 106 -18.52 -2.77 1.89
C SER G 106 -19.88 -2.26 2.38
N ALA G 107 -20.48 -2.94 3.30
CA ALA G 107 -21.75 -2.47 3.65
C ALA G 107 -21.44 -1.29 4.50
N HIS G 108 -21.54 -0.11 3.90
CA HIS G 108 -20.98 1.06 4.53
C HIS G 108 -21.33 1.50 5.89
N THR G 109 -22.58 1.50 6.27
CA THR G 109 -22.89 1.91 7.62
C THR G 109 -22.85 0.73 8.61
N LYS G 110 -22.74 -0.47 8.07
CA LYS G 110 -22.79 -1.68 8.84
C LYS G 110 -21.73 -2.71 8.48
N ALA G 111 -20.51 -2.27 8.27
CA ALA G 111 -19.41 -3.13 7.89
C ALA G 111 -18.95 -4.19 8.86
N ARG G 112 -18.57 -5.32 8.32
CA ARG G 112 -18.10 -6.41 9.15
C ARG G 112 -16.62 -6.59 8.99
N ILE G 113 -15.92 -6.90 10.06
CA ILE G 113 -14.48 -7.07 9.96
C ILE G 113 -14.17 -8.39 9.27
N LEU G 114 -13.28 -8.33 8.29
CA LEU G 114 -12.80 -9.48 7.54
C LEU G 114 -11.42 -9.92 8.00
N HIS G 115 -10.52 -8.97 8.22
CA HIS G 115 -9.15 -9.30 8.56
C HIS G 115 -8.49 -8.15 9.29
N ILE G 116 -7.58 -8.50 10.22
CA ILE G 116 -6.81 -7.51 10.96
C ILE G 116 -5.33 -7.85 10.83
N ASP G 117 -4.52 -6.87 10.42
CA ASP G 117 -3.06 -7.05 10.33
C ASP G 117 -2.48 -6.93 11.72
N ASP G 118 -1.80 -7.98 12.19
CA ASP G 118 -1.20 -7.90 13.51
C ASP G 118 0.22 -7.35 13.49
N THR G 119 0.83 -7.19 12.31
CA THR G 119 2.27 -6.95 12.23
C THR G 119 2.66 -5.57 12.76
N HIS G 120 1.98 -4.52 12.30
CA HIS G 120 2.43 -3.18 12.71
C HIS G 120 2.15 -2.95 14.19
N ILE G 121 1.00 -3.43 14.70
CA ILE G 121 0.71 -3.25 16.12
C ILE G 121 1.70 -4.05 16.96
N ARG G 122 1.95 -5.30 16.56
CA ARG G 122 2.87 -6.13 17.33
C ARG G 122 4.19 -5.41 17.45
N ALA G 123 4.61 -4.71 16.40
CA ALA G 123 5.87 -3.99 16.42
C ALA G 123 5.85 -2.86 17.44
N ASP G 124 4.77 -2.06 17.43
CA ASP G 124 4.68 -0.98 18.41
C ASP G 124 4.66 -1.54 19.84
N LEU G 125 3.96 -2.66 20.05
CA LEU G 125 3.94 -3.25 21.38
C LEU G 125 5.33 -3.71 21.79
N LYS G 126 6.06 -4.38 20.89
CA LYS G 126 7.39 -4.82 21.27
C LYS G 126 8.32 -3.62 21.49
N ALA G 127 8.07 -2.50 20.81
CA ALA G 127 8.80 -1.27 21.12
C ALA G 127 8.38 -0.68 22.46
N GLY G 128 7.43 -1.31 23.14
CA GLY G 128 7.05 -0.85 24.45
C GLY G 128 6.05 0.27 24.48
N ARG G 129 5.37 0.57 23.38
CA ARG G 129 4.40 1.65 23.35
C ARG G 129 3.00 1.06 23.52
N VAL G 130 2.08 1.89 24.01
CA VAL G 130 0.66 1.56 24.10
C VAL G 130 0.01 2.01 22.79
N VAL G 131 -0.70 1.10 22.11
CA VAL G 131 -1.30 1.42 20.82
C VAL G 131 -2.76 1.74 21.10
N VAL G 132 -3.22 2.92 20.65
CA VAL G 132 -4.60 3.39 20.79
C VAL G 132 -5.24 3.34 19.41
N VAL G 133 -6.27 2.49 19.25
CA VAL G 133 -6.90 2.24 17.95
C VAL G 133 -8.29 2.83 17.97
N ALA G 134 -8.66 3.37 16.85
CA ALA G 134 -9.93 3.91 16.72
C ALA G 134 -10.82 2.75 16.54
N GLY G 135 -11.83 2.68 17.37
CA GLY G 135 -12.82 1.67 17.25
C GLY G 135 -13.86 2.12 16.25
N PHE G 136 -14.66 1.17 15.85
CA PHE G 136 -15.78 1.42 15.00
C PHE G 136 -15.49 1.83 13.56
N GLN G 137 -14.27 1.59 13.08
CA GLN G 137 -13.86 1.87 11.68
C GLN G 137 -12.82 0.94 11.08
N GLY G 138 -12.81 0.88 9.76
CA GLY G 138 -11.93 0.08 8.96
C GLY G 138 -12.02 0.58 7.54
N VAL G 139 -11.45 -0.15 6.61
CA VAL G 139 -11.59 0.17 5.20
C VAL G 139 -11.88 -1.09 4.39
N ASP G 140 -12.69 -0.95 3.34
CA ASP G 140 -12.94 -2.06 2.45
C ASP G 140 -11.76 -2.26 1.50
N GLY G 141 -11.83 -3.32 0.70
CA GLY G 141 -10.77 -3.66 -0.22
C GLY G 141 -10.43 -2.59 -1.23
N ASN G 142 -11.32 -1.63 -1.44
CA ASN G 142 -11.07 -0.56 -2.40
C ASN G 142 -10.52 0.72 -1.78
N GLY G 143 -10.34 0.76 -0.47
CA GLY G 143 -9.84 1.96 0.15
C GLY G 143 -10.90 2.89 0.69
N ASN G 144 -12.16 2.50 0.62
CA ASN G 144 -13.25 3.31 1.17
C ASN G 144 -13.31 3.16 2.68
N ILE G 145 -13.53 4.27 3.39
CA ILE G 145 -13.72 4.26 4.84
C ILE G 145 -15.05 3.59 5.17
N THR G 146 -15.08 2.82 6.28
CA THR G 146 -16.28 2.12 6.68
C THR G 146 -16.51 2.25 8.17
N THR G 147 -17.74 2.13 8.57
CA THR G 147 -18.01 2.16 9.97
C THR G 147 -18.73 0.88 10.30
N LEU G 148 -18.40 0.33 11.45
CA LEU G 148 -18.94 -0.92 11.91
C LEU G 148 -20.43 -0.99 12.17
N GLY G 149 -21.03 0.08 12.66
CA GLY G 149 -22.44 0.06 12.97
C GLY G 149 -22.54 0.14 14.45
N ARG G 150 -23.73 0.04 15.01
CA ARG G 150 -23.85 0.17 16.46
C ARG G 150 -23.13 -0.95 17.16
N GLY G 151 -22.45 -0.61 18.23
CA GLY G 151 -21.68 -1.58 18.97
C GLY G 151 -20.37 -1.85 18.30
N GLY G 152 -19.99 -1.02 17.37
CA GLY G 152 -18.77 -1.23 16.63
C GLY G 152 -17.51 -1.25 17.44
N SER G 153 -17.36 -0.37 18.42
CA SER G 153 -16.16 -0.39 19.22
C SER G 153 -16.01 -1.70 19.97
N ASP G 154 -17.10 -2.23 20.51
CA ASP G 154 -17.01 -3.51 21.21
C ASP G 154 -16.48 -4.58 20.26
N THR G 155 -16.94 -4.56 19.03
CA THR G 155 -16.52 -5.48 18.02
C THR G 155 -15.06 -5.37 17.68
N THR G 156 -14.62 -4.14 17.58
CA THR G 156 -13.22 -3.84 17.25
C THR G 156 -12.27 -4.39 18.30
N GLY G 157 -12.56 -4.11 19.57
CA GLY G 157 -11.72 -4.59 20.65
C GLY G 157 -11.62 -6.10 20.68
N VAL G 158 -12.73 -6.80 20.45
CA VAL G 158 -12.66 -8.26 20.46
C VAL G 158 -11.90 -8.75 19.24
N ALA G 159 -12.13 -8.14 18.07
CA ALA G 159 -11.40 -8.52 16.88
C ALA G 159 -9.91 -8.30 17.07
N LEU G 160 -9.52 -7.15 17.64
CA LEU G 160 -8.11 -6.97 17.93
C LEU G 160 -7.64 -8.04 18.92
N ALA G 161 -8.47 -8.38 19.90
CA ALA G 161 -8.08 -9.42 20.86
C ALA G 161 -7.89 -10.76 20.16
N ALA G 162 -8.76 -11.11 19.22
CA ALA G 162 -8.61 -12.37 18.51
C ALA G 162 -7.38 -12.34 17.59
N ALA G 163 -7.26 -11.31 16.75
CA ALA G 163 -6.15 -11.26 15.82
C ALA G 163 -4.81 -11.21 16.55
N LEU G 164 -4.77 -10.57 17.71
CA LEU G 164 -3.51 -10.48 18.44
C LEU G 164 -3.31 -11.66 19.36
N LYS G 165 -4.29 -12.57 19.46
CA LYS G 165 -4.34 -13.57 20.52
C LYS G 165 -3.99 -12.97 21.89
N ALA G 166 -4.66 -11.88 22.26
CA ALA G 166 -4.53 -11.31 23.59
C ALA G 166 -5.02 -12.25 24.69
N ASP G 167 -4.47 -12.07 25.89
CA ASP G 167 -4.92 -12.88 27.03
C ASP G 167 -6.35 -12.58 27.37
N GLU G 168 -6.73 -11.31 27.43
CA GLU G 168 -8.13 -11.04 27.62
C GLU G 168 -8.49 -9.68 27.06
N CYS G 169 -9.77 -9.51 26.78
CA CYS G 169 -10.28 -8.23 26.34
C CYS G 169 -11.19 -7.69 27.43
N GLN G 170 -10.92 -6.46 27.84
CA GLN G 170 -11.64 -5.79 28.92
C GLN G 170 -12.56 -4.74 28.32
N ILE G 171 -13.85 -4.86 28.64
CA ILE G 171 -14.86 -3.91 28.20
C ILE G 171 -15.22 -3.07 29.41
N TYR G 172 -15.01 -1.78 29.34
CA TYR G 172 -15.29 -0.89 30.44
C TYR G 172 -16.60 -0.23 30.23
N THR G 173 -17.41 -0.24 31.26
CA THR G 173 -18.73 0.35 31.18
C THR G 173 -19.25 0.67 32.56
N ASP G 174 -20.47 1.15 32.65
CA ASP G 174 -21.09 1.51 33.92
C ASP G 174 -21.36 0.37 34.91
N VAL G 175 -21.80 -0.77 34.42
CA VAL G 175 -22.08 -1.89 35.30
C VAL G 175 -20.85 -2.52 35.88
N ASP G 176 -21.02 -3.12 37.05
CA ASP G 176 -20.00 -3.76 37.83
C ASP G 176 -19.59 -5.13 37.35
N GLY G 177 -20.44 -5.73 36.55
CA GLY G 177 -20.32 -7.05 35.98
C GLY G 177 -21.68 -7.53 35.52
N VAL G 178 -21.75 -8.81 35.27
CA VAL G 178 -22.99 -9.45 34.90
C VAL G 178 -23.47 -10.15 36.17
N TYR G 179 -24.72 -9.88 36.54
CA TYR G 179 -25.34 -10.40 37.74
C TYR G 179 -26.15 -11.68 37.65
N THR G 180 -26.43 -12.26 38.80
CA THR G 180 -27.17 -13.50 38.95
C THR G 180 -28.54 -13.36 38.31
N THR G 181 -29.12 -12.20 38.47
CA THR G 181 -30.36 -11.83 37.86
C THR G 181 -30.43 -10.34 37.93
N ASP G 182 -31.47 -9.76 37.36
CA ASP G 182 -31.62 -8.35 37.36
C ASP G 182 -31.78 -7.84 38.77
N PRO G 183 -30.87 -6.88 39.12
CA PRO G 183 -30.98 -6.39 40.50
C PRO G 183 -32.26 -5.65 40.78
N ARG G 184 -32.90 -5.07 39.78
CA ARG G 184 -34.13 -4.38 39.98
C ARG G 184 -35.16 -5.34 40.47
N VAL G 185 -35.13 -6.55 39.97
CA VAL G 185 -36.07 -7.55 40.40
C VAL G 185 -35.67 -8.24 41.68
N VAL G 186 -34.41 -8.58 41.80
CA VAL G 186 -33.92 -9.23 42.97
C VAL G 186 -32.78 -8.42 43.52
N PRO G 187 -33.08 -7.70 44.68
CA PRO G 187 -31.99 -6.89 45.20
C PRO G 187 -30.84 -7.67 45.77
N GLN G 188 -30.99 -8.95 45.96
CA GLN G 188 -29.94 -9.80 46.46
C GLN G 188 -29.10 -10.39 45.35
N ALA G 189 -29.28 -9.95 44.10
CA ALA G 189 -28.46 -10.44 43.01
C ALA G 189 -26.98 -10.20 43.31
N ARG G 190 -26.13 -11.11 42.84
CA ARG G 190 -24.71 -11.05 43.09
C ARG G 190 -23.95 -10.94 41.78
N ARG G 191 -22.82 -10.26 41.84
CA ARG G 191 -21.91 -10.19 40.72
C ARG G 191 -21.23 -11.55 40.54
N LEU G 192 -21.17 -12.02 39.29
CA LEU G 192 -20.59 -13.31 38.94
C LEU G 192 -19.09 -13.18 38.66
N ASP G 193 -18.34 -14.17 39.08
CA ASP G 193 -16.92 -14.14 38.76
C ASP G 193 -16.67 -14.61 37.33
N LYS G 194 -17.21 -15.78 36.98
CA LYS G 194 -17.00 -16.35 35.66
C LYS G 194 -18.27 -17.05 35.21
N ILE G 195 -18.53 -16.93 33.91
CA ILE G 195 -19.61 -17.60 33.20
C ILE G 195 -19.06 -17.92 31.83
N THR G 196 -19.60 -18.96 31.20
CA THR G 196 -19.17 -19.26 29.84
C THR G 196 -19.86 -18.34 28.84
N PHE G 197 -19.29 -18.26 27.63
CA PHE G 197 -19.94 -17.52 26.55
C PHE G 197 -21.35 -18.03 26.38
N GLU G 198 -21.52 -19.35 26.53
CA GLU G 198 -22.81 -19.99 26.31
C GLU G 198 -23.85 -19.56 27.34
N GLU G 199 -23.44 -19.44 28.60
CA GLU G 199 -24.36 -18.97 29.63
C GLU G 199 -24.77 -17.52 29.37
N MET G 200 -23.79 -16.68 29.04
CA MET G 200 -24.03 -15.27 28.81
C MET G 200 -25.03 -15.07 27.67
N LEU G 201 -24.87 -15.82 26.57
CA LEU G 201 -25.80 -15.69 25.46
C LEU G 201 -27.18 -16.19 25.86
N GLU G 202 -27.26 -17.22 26.69
CA GLU G 202 -28.53 -17.76 27.13
C GLU G 202 -29.34 -16.82 28.03
N MET G 203 -28.67 -15.91 28.69
CA MET G 203 -29.29 -14.91 29.51
C MET G 203 -29.36 -13.63 28.68
N ALA G 204 -30.20 -13.62 27.67
CA ALA G 204 -30.28 -12.51 26.72
C ALA G 204 -30.56 -11.17 27.27
N SER G 205 -31.36 -11.06 28.30
CA SER G 205 -31.64 -9.76 28.88
C SER G 205 -30.51 -9.12 29.66
N LEU G 206 -29.47 -9.89 29.94
CA LEU G 206 -28.31 -9.31 30.60
C LEU G 206 -27.49 -8.59 29.54
N GLY G 207 -27.88 -8.71 28.28
CA GLY G 207 -27.20 -8.03 27.23
C GLY G 207 -27.96 -6.78 26.84
N SER G 208 -27.47 -5.67 27.34
CA SER G 208 -27.99 -4.34 27.06
C SER G 208 -27.18 -3.73 25.91
N LYS G 209 -27.47 -2.46 25.64
CA LYS G 209 -26.77 -1.73 24.61
C LYS G 209 -25.34 -1.64 25.04
N VAL G 210 -25.10 -1.79 26.34
CA VAL G 210 -23.74 -1.70 26.82
C VAL G 210 -22.83 -2.77 26.25
N LEU G 211 -23.30 -4.01 26.27
CA LEU G 211 -22.51 -5.09 25.74
C LEU G 211 -23.29 -5.70 24.63
N GLN G 212 -22.88 -5.41 23.41
CA GLN G 212 -23.59 -5.93 22.28
C GLN G 212 -23.43 -7.40 22.31
N ILE G 213 -24.51 -8.08 22.00
CA ILE G 213 -24.54 -9.51 21.93
C ILE G 213 -23.65 -10.05 20.83
N ARG G 214 -23.54 -9.32 19.74
CA ARG G 214 -22.70 -9.74 18.66
C ARG G 214 -21.27 -9.80 19.15
N ALA G 215 -20.89 -8.89 20.03
CA ALA G 215 -19.54 -8.91 20.57
C ALA G 215 -19.22 -10.17 21.35
N VAL G 216 -20.17 -10.66 22.12
CA VAL G 216 -20.05 -11.91 22.87
C VAL G 216 -19.98 -13.10 21.92
N GLU G 217 -20.86 -13.12 20.93
CA GLU G 217 -20.78 -14.13 19.88
C GLU G 217 -19.39 -14.20 19.28
N PHE G 218 -18.84 -13.05 18.88
CA PHE G 218 -17.53 -13.03 18.24
C PHE G 218 -16.48 -13.62 19.18
N ALA G 219 -16.44 -13.14 20.42
CA ALA G 219 -15.45 -13.65 21.36
C ALA G 219 -15.57 -15.15 21.49
N GLY G 220 -16.81 -15.66 21.45
CA GLY G 220 -17.01 -17.09 21.58
C GLY G 220 -16.39 -17.87 20.44
N LYS G 221 -16.50 -17.38 19.20
CA LYS G 221 -15.98 -18.13 18.08
C LYS G 221 -14.47 -18.25 18.11
N TYR G 222 -13.79 -17.31 18.76
CA TYR G 222 -12.34 -17.27 18.78
C TYR G 222 -11.78 -17.39 20.17
N ASN G 223 -12.58 -17.85 21.14
CA ASN G 223 -12.11 -18.09 22.50
C ASN G 223 -11.33 -16.90 23.04
N VAL G 224 -11.93 -15.73 22.88
CA VAL G 224 -11.36 -14.49 23.47
C VAL G 224 -11.97 -14.31 24.82
N PRO G 225 -11.16 -14.45 25.92
CA PRO G 225 -11.68 -14.15 27.25
C PRO G 225 -12.12 -12.70 27.35
N LEU G 226 -13.36 -12.51 27.80
CA LEU G 226 -14.01 -11.21 27.90
C LEU G 226 -14.30 -10.84 29.34
N ARG G 227 -13.94 -9.63 29.74
CA ARG G 227 -14.22 -9.15 31.08
C ARG G 227 -15.02 -7.87 30.97
N VAL G 228 -16.05 -7.74 31.77
CA VAL G 228 -16.87 -6.55 31.77
C VAL G 228 -16.70 -5.94 33.13
N LEU G 229 -16.37 -4.66 33.18
CA LEU G 229 -16.12 -3.95 34.41
C LEU G 229 -16.71 -2.57 34.45
N HIS G 230 -16.73 -2.01 35.64
CA HIS G 230 -17.14 -0.64 35.83
C HIS G 230 -15.88 0.08 35.46
N SER G 231 -16.02 1.25 34.91
CA SER G 231 -14.88 1.99 34.42
C SER G 231 -13.86 2.36 35.48
N PHE G 232 -14.25 2.30 36.75
CA PHE G 232 -13.29 2.66 37.79
C PHE G 232 -12.72 1.56 38.66
N GLN G 233 -12.83 0.36 38.15
CA GLN G 233 -12.29 -0.83 38.81
C GLN G 233 -12.67 -0.86 40.28
N GLU G 234 -13.96 -0.73 40.54
CA GLU G 234 -14.48 -1.07 41.85
C GLU G 234 -14.17 -2.52 42.21
N GLY G 235 -14.12 -3.40 41.21
CA GLY G 235 -14.05 -4.81 41.46
C GLY G 235 -13.49 -5.61 40.28
N PRO G 236 -13.39 -6.92 40.47
CA PRO G 236 -12.84 -7.79 39.42
C PRO G 236 -13.68 -7.81 38.16
N GLY G 237 -14.90 -7.27 38.20
CA GLY G 237 -15.78 -7.42 37.06
C GLY G 237 -16.17 -8.89 36.98
N THR G 238 -16.75 -9.25 35.82
CA THR G 238 -17.06 -10.63 35.49
C THR G 238 -16.23 -11.13 34.32
N LEU G 239 -15.76 -12.35 34.40
CA LEU G 239 -15.04 -12.90 33.30
C LEU G 239 -15.87 -13.87 32.49
N ILE G 240 -15.95 -13.63 31.20
CA ILE G 240 -16.66 -14.49 30.31
C ILE G 240 -15.64 -15.15 29.43
N THR G 241 -15.58 -16.46 29.53
CA THR G 241 -14.64 -17.25 28.81
C THR G 241 -15.26 -18.58 28.57
N ILE G 242 -14.46 -19.58 28.27
CA ILE G 242 -15.00 -20.91 28.07
C ILE G 242 -14.66 -21.95 29.14
N ASP G 243 -15.53 -22.93 29.28
CA ASP G 243 -15.35 -24.06 30.20
C ASP G 243 -16.65 -24.83 30.45
N PRO G 252 -21.24 -24.40 41.56
CA PRO G 252 -22.41 -23.55 41.38
C PRO G 252 -23.40 -24.36 40.63
N ILE G 253 -24.55 -24.61 41.21
CA ILE G 253 -25.54 -25.41 40.53
C ILE G 253 -26.13 -24.75 39.29
N ILE G 254 -26.45 -23.48 39.39
CA ILE G 254 -26.95 -22.75 38.27
C ILE G 254 -26.33 -21.40 38.32
N SER G 255 -25.89 -20.88 37.20
CA SER G 255 -25.28 -19.58 37.14
C SER G 255 -26.18 -18.39 37.32
N GLY G 256 -27.33 -18.41 36.69
CA GLY G 256 -28.23 -17.32 36.75
C GLY G 256 -29.64 -17.58 36.32
N ILE G 257 -30.47 -16.58 36.58
CA ILE G 257 -31.87 -16.58 36.29
C ILE G 257 -32.24 -15.52 35.30
N ALA G 258 -32.80 -15.91 34.19
CA ALA G 258 -33.17 -14.94 33.18
C ALA G 258 -34.67 -14.97 32.96
N PHE G 259 -35.22 -13.83 32.52
CA PHE G 259 -36.64 -13.67 32.22
C PHE G 259 -36.91 -12.62 31.12
N ASN G 260 -38.03 -12.78 30.45
CA ASN G 260 -38.51 -11.88 29.46
C ASN G 260 -40.02 -11.65 29.61
N ARG G 261 -40.40 -10.43 29.89
CA ARG G 261 -41.78 -10.04 30.02
C ARG G 261 -42.48 -9.75 28.69
N ASP G 262 -41.74 -9.37 27.67
CA ASP G 262 -42.30 -9.00 26.37
C ASP G 262 -42.54 -10.17 25.45
N GLU G 263 -43.45 -11.03 25.83
CA GLU G 263 -43.74 -12.20 25.07
C GLU G 263 -45.20 -12.44 24.87
N ALA G 264 -45.48 -13.18 23.82
CA ALA G 264 -46.84 -13.60 23.47
C ALA G 264 -46.80 -15.00 22.88
N LYS G 265 -47.71 -15.87 23.28
CA LYS G 265 -47.67 -17.24 22.79
C LYS G 265 -48.75 -17.44 21.72
N LEU G 266 -48.37 -18.17 20.68
CA LEU G 266 -49.25 -18.56 19.60
C LEU G 266 -49.23 -20.07 19.52
N THR G 267 -50.42 -20.66 19.45
CA THR G 267 -50.58 -22.10 19.38
C THR G 267 -51.57 -22.42 18.28
N ILE G 268 -51.25 -23.43 17.49
CA ILE G 268 -52.15 -23.97 16.49
C ILE G 268 -52.43 -25.41 16.89
N ARG G 269 -53.70 -25.73 17.13
CA ARG G 269 -54.05 -27.04 17.66
C ARG G 269 -54.58 -27.97 16.59
N GLY G 270 -54.40 -29.27 16.84
CA GLY G 270 -54.86 -30.33 15.96
C GLY G 270 -54.23 -30.33 14.59
N VAL G 271 -52.92 -30.18 14.58
CA VAL G 271 -52.18 -30.12 13.32
C VAL G 271 -51.88 -31.53 12.81
N PRO G 272 -52.03 -31.80 11.51
CA PRO G 272 -51.74 -33.15 11.01
C PRO G 272 -50.26 -33.47 11.14
N ASP G 273 -49.95 -34.64 11.67
CA ASP G 273 -48.58 -35.00 12.00
C ASP G 273 -47.91 -35.67 10.79
N THR G 274 -47.48 -34.84 9.85
CA THR G 274 -46.91 -35.29 8.59
C THR G 274 -45.67 -34.42 8.33
N PRO G 275 -44.70 -34.98 7.61
CA PRO G 275 -43.52 -34.17 7.29
C PRO G 275 -43.93 -32.94 6.50
N GLY G 276 -43.23 -31.85 6.70
CA GLY G 276 -43.52 -30.59 6.05
C GLY G 276 -44.53 -29.68 6.76
N VAL G 277 -45.30 -30.16 7.72
CA VAL G 277 -46.26 -29.24 8.33
C VAL G 277 -45.57 -28.20 9.19
N ALA G 278 -44.51 -28.60 9.89
CA ALA G 278 -43.77 -27.64 10.69
C ALA G 278 -43.23 -26.53 9.81
N PHE G 279 -42.81 -26.86 8.59
CA PHE G 279 -42.39 -25.82 7.66
C PHE G 279 -43.57 -24.93 7.27
N LYS G 280 -44.75 -25.52 7.07
CA LYS G 280 -45.93 -24.73 6.77
C LYS G 280 -46.35 -23.80 7.89
N ILE G 281 -46.07 -24.14 9.14
CA ILE G 281 -46.51 -23.27 10.22
C ILE G 281 -45.59 -22.07 10.35
N LEU G 282 -44.28 -22.32 10.33
CA LEU G 282 -43.31 -21.28 10.63
C LEU G 282 -42.76 -20.57 9.40
N GLY G 283 -42.84 -21.18 8.22
CA GLY G 283 -42.38 -20.57 7.00
C GLY G 283 -42.93 -19.16 6.77
N PRO G 284 -44.26 -19.01 6.76
CA PRO G 284 -44.84 -17.68 6.57
C PRO G 284 -44.54 -16.68 7.67
N ILE G 285 -44.32 -17.13 8.90
CA ILE G 285 -43.90 -16.23 9.97
C ILE G 285 -42.55 -15.66 9.65
N SER G 286 -41.63 -16.49 9.19
CA SER G 286 -40.30 -16.03 8.83
C SER G 286 -40.37 -15.06 7.64
N ALA G 287 -41.24 -15.34 6.67
CA ALA G 287 -41.38 -14.43 5.53
C ALA G 287 -41.78 -13.02 5.97
N ALA G 288 -42.68 -12.89 6.97
CA ALA G 288 -43.11 -11.57 7.47
C ALA G 288 -42.09 -10.86 8.35
N ASN G 289 -40.92 -11.46 8.61
CA ASN G 289 -39.91 -10.88 9.48
C ASN G 289 -40.38 -10.73 10.93
N VAL G 290 -41.23 -11.63 11.39
CA VAL G 290 -41.56 -11.68 12.81
C VAL G 290 -40.41 -12.43 13.48
N GLU G 291 -39.76 -11.80 14.47
CA GLU G 291 -38.78 -12.52 15.27
C GLU G 291 -39.51 -13.52 16.19
N VAL G 292 -39.01 -14.74 16.25
CA VAL G 292 -39.56 -15.82 17.06
C VAL G 292 -38.54 -16.21 18.11
N ASP G 293 -39.00 -16.41 19.34
CA ASP G 293 -38.12 -16.86 20.41
C ASP G 293 -38.27 -18.37 20.57
N MET G 294 -39.33 -18.79 21.25
CA MET G 294 -39.55 -20.18 21.59
C MET G 294 -40.33 -20.89 20.54
N ILE G 295 -39.98 -22.16 20.29
CA ILE G 295 -40.78 -23.07 19.48
C ILE G 295 -40.88 -24.40 20.23
N VAL G 296 -42.10 -24.86 20.50
CA VAL G 296 -42.34 -26.06 21.29
C VAL G 296 -43.35 -26.95 20.60
N GLN G 297 -42.99 -28.21 20.42
CA GLN G 297 -43.90 -29.22 19.87
C GLN G 297 -43.71 -30.54 20.60
N ASN G 298 -44.77 -31.09 21.16
CA ASN G 298 -44.69 -32.37 21.83
C ASN G 298 -45.10 -33.50 20.86
N VAL G 299 -45.03 -34.74 21.35
CA VAL G 299 -45.27 -35.90 20.51
C VAL G 299 -46.72 -35.95 20.06
N ALA G 300 -46.94 -36.47 18.86
CA ALA G 300 -48.28 -36.55 18.30
C ALA G 300 -49.12 -37.60 19.02
N HIS G 301 -50.42 -37.40 19.00
CA HIS G 301 -51.36 -38.42 19.43
C HIS G 301 -52.50 -38.47 18.43
N ASP G 302 -52.88 -39.68 18.00
CA ASP G 302 -53.82 -39.91 16.89
C ASP G 302 -53.50 -39.04 15.68
N ASN G 303 -52.21 -38.93 15.38
CA ASN G 303 -51.68 -38.36 14.14
C ASN G 303 -51.93 -36.86 14.02
N THR G 304 -52.24 -36.24 15.15
CA THR G 304 -52.32 -34.79 15.29
C THR G 304 -51.52 -34.39 16.53
N THR G 305 -50.95 -33.19 16.49
CA THR G 305 -50.29 -32.58 17.64
C THR G 305 -50.55 -31.06 17.63
N ASP G 306 -49.99 -30.41 18.63
CA ASP G 306 -50.02 -28.96 18.78
C ASP G 306 -48.64 -28.38 18.49
N PHE G 307 -48.63 -27.15 18.00
CA PHE G 307 -47.42 -26.41 17.62
C PHE G 307 -47.55 -25.02 18.22
N THR G 308 -46.59 -24.63 19.05
CA THR G 308 -46.62 -23.35 19.73
C THR G 308 -45.32 -22.61 19.53
N PHE G 309 -45.42 -21.28 19.42
CA PHE G 309 -44.22 -20.46 19.41
C PHE G 309 -44.53 -19.13 20.08
N THR G 310 -43.46 -18.41 20.36
CA THR G 310 -43.53 -17.19 21.11
C THR G 310 -42.96 -16.04 20.26
N VAL G 311 -43.55 -14.83 20.38
CA VAL G 311 -43.11 -13.64 19.66
C VAL G 311 -43.19 -12.42 20.59
N HIS G 312 -42.48 -11.35 20.22
CA HIS G 312 -42.57 -10.09 20.94
C HIS G 312 -43.98 -9.53 20.87
N ARG G 313 -44.43 -8.86 21.94
CA ARG G 313 -45.83 -8.44 21.98
C ARG G 313 -46.19 -7.55 20.80
N ASN G 314 -45.25 -6.73 20.34
CA ASN G 314 -45.49 -5.86 19.19
C ASN G 314 -45.90 -6.65 17.95
N ASP G 315 -45.43 -7.88 17.78
CA ASP G 315 -45.76 -8.68 16.59
C ASP G 315 -46.93 -9.63 16.77
N TYR G 316 -47.61 -9.59 17.91
CA TYR G 316 -48.57 -10.65 18.23
C TYR G 316 -49.70 -10.72 17.21
N LEU G 317 -50.37 -9.60 16.96
CA LEU G 317 -51.57 -9.65 16.15
C LEU G 317 -51.23 -10.05 14.71
N ASN G 318 -50.10 -9.57 14.21
CA ASN G 318 -49.57 -10.00 12.92
C ASN G 318 -49.37 -11.52 12.88
N ALA G 319 -48.69 -12.07 13.90
CA ALA G 319 -48.46 -13.51 13.92
C ALA G 319 -49.75 -14.30 14.05
N LEU G 320 -50.66 -13.84 14.91
CA LEU G 320 -51.90 -14.59 15.12
C LEU G 320 -52.71 -14.70 13.83
N GLU G 321 -52.85 -13.59 13.12
CA GLU G 321 -53.65 -13.59 11.91
C GLU G 321 -52.97 -14.41 10.80
N ILE G 322 -51.65 -14.47 10.78
CA ILE G 322 -50.98 -15.32 9.83
C ILE G 322 -51.28 -16.79 10.13
N LEU G 323 -51.25 -17.15 11.40
CA LEU G 323 -51.48 -18.50 11.86
C LEU G 323 -52.88 -19.01 11.59
N LYS G 324 -53.87 -18.15 11.75
CA LYS G 324 -55.23 -18.53 11.53
C LYS G 324 -55.46 -18.94 10.11
N GLN G 325 -54.80 -18.24 9.22
CA GLN G 325 -54.86 -18.49 7.81
C GLN G 325 -54.30 -19.88 7.51
N THR G 326 -53.18 -20.21 8.11
CA THR G 326 -52.53 -21.48 7.97
C THR G 326 -53.36 -22.62 8.54
N ALA G 327 -53.97 -22.34 9.68
CA ALA G 327 -54.78 -23.32 10.33
C ALA G 327 -55.88 -23.65 9.36
N ALA G 328 -56.37 -22.65 8.66
CA ALA G 328 -57.37 -22.86 7.67
C ALA G 328 -56.82 -23.64 6.50
N ASN G 329 -55.65 -23.25 6.04
CA ASN G 329 -55.04 -23.93 4.92
C ASN G 329 -54.65 -25.37 5.13
N ILE G 330 -54.03 -25.69 6.26
CA ILE G 330 -53.56 -27.06 6.50
C ILE G 330 -54.63 -27.87 7.25
N GLY G 331 -55.78 -27.26 7.53
CA GLY G 331 -56.85 -28.00 8.17
C GLY G 331 -56.80 -28.22 9.67
N ALA G 332 -56.07 -27.39 10.41
CA ALA G 332 -55.97 -27.50 11.86
C ALA G 332 -57.32 -27.25 12.55
N ARG G 333 -57.38 -27.56 13.84
CA ARG G 333 -58.61 -27.35 14.58
C ARG G 333 -58.80 -25.88 14.99
N GLU G 334 -57.74 -25.21 15.43
CA GLU G 334 -57.83 -23.79 15.76
C GLU G 334 -56.42 -23.25 15.92
N ALA G 335 -56.36 -21.93 15.93
CA ALA G 335 -55.15 -21.19 16.26
C ALA G 335 -55.55 -20.19 17.33
N ILE G 336 -54.79 -20.15 18.42
CA ILE G 336 -55.12 -19.31 19.58
C ILE G 336 -53.88 -18.60 20.04
N GLY G 337 -54.08 -17.47 20.70
CA GLY G 337 -52.98 -16.67 21.17
C GLY G 337 -53.27 -16.18 22.58
N ASP G 338 -52.19 -15.80 23.26
CA ASP G 338 -52.27 -15.32 24.62
C ASP G 338 -51.12 -14.35 24.82
N THR G 339 -51.42 -13.16 25.32
CA THR G 339 -50.39 -12.16 25.55
C THR G 339 -50.04 -12.04 27.02
N ASN G 340 -50.75 -12.76 27.88
CA ASN G 340 -50.64 -12.63 29.33
C ASN G 340 -49.70 -13.72 29.91
N ILE G 341 -48.45 -13.71 29.42
CA ILE G 341 -47.46 -14.71 29.75
C ILE G 341 -46.13 -14.04 30.07
N ALA G 342 -45.29 -14.78 30.77
CA ALA G 342 -43.92 -14.39 31.05
C ALA G 342 -43.03 -15.62 30.84
N LYS G 343 -41.77 -15.38 30.47
CA LYS G 343 -40.80 -16.46 30.33
C LYS G 343 -39.73 -16.30 31.39
N VAL G 344 -39.49 -17.37 32.16
CA VAL G 344 -38.43 -17.39 33.18
C VAL G 344 -37.53 -18.61 32.93
N SER G 345 -36.22 -18.43 33.10
CA SER G 345 -35.26 -19.49 32.84
C SER G 345 -34.19 -19.60 33.93
N ILE G 346 -33.78 -20.83 34.18
CA ILE G 346 -32.56 -21.07 34.92
C ILE G 346 -31.48 -21.43 33.90
N VAL G 347 -30.32 -20.81 34.03
CA VAL G 347 -29.24 -21.22 33.16
C VAL G 347 -28.05 -21.54 34.02
N GLY G 348 -27.32 -22.55 33.63
CA GLY G 348 -26.12 -22.91 34.30
C GLY G 348 -25.45 -24.11 33.70
N VAL G 349 -24.15 -24.10 33.60
CA VAL G 349 -23.45 -25.27 33.15
C VAL G 349 -23.44 -26.14 34.39
N GLY G 350 -23.22 -27.41 34.22
CA GLY G 350 -23.23 -28.31 35.35
C GLY G 350 -24.61 -28.83 35.56
N MET G 351 -25.54 -28.19 34.92
CA MET G 351 -26.87 -28.70 34.86
C MET G 351 -26.72 -30.01 34.11
N ARG G 352 -25.84 -30.09 33.12
CA ARG G 352 -25.61 -31.27 32.31
C ARG G 352 -25.17 -32.41 33.17
N SER G 353 -24.26 -32.12 34.08
CA SER G 353 -23.72 -33.07 35.02
C SER G 353 -24.65 -33.65 36.07
N HIS G 354 -25.49 -32.83 36.65
CA HIS G 354 -26.33 -33.25 37.77
C HIS G 354 -27.78 -33.61 37.59
N ALA G 355 -28.26 -34.59 38.36
CA ALA G 355 -29.68 -34.89 38.21
C ALA G 355 -30.46 -33.91 39.07
N GLY G 356 -31.76 -33.89 38.87
CA GLY G 356 -32.63 -33.19 39.79
C GLY G 356 -32.59 -31.67 39.83
N VAL G 357 -31.95 -31.00 38.88
CA VAL G 357 -31.99 -29.54 38.87
C VAL G 357 -33.36 -29.05 38.43
N ALA G 358 -33.93 -29.69 37.42
CA ALA G 358 -35.24 -29.28 36.92
C ALA G 358 -36.33 -29.55 37.95
N SER G 359 -36.21 -30.69 38.67
CA SER G 359 -37.09 -30.99 39.78
C SER G 359 -37.12 -29.85 40.79
N ARG G 360 -35.95 -29.33 41.14
CA ARG G 360 -35.90 -28.29 42.15
C ARG G 360 -36.54 -27.00 41.67
N MET G 361 -36.38 -26.68 40.37
CA MET G 361 -37.04 -25.50 39.80
C MET G 361 -38.55 -25.67 39.80
N PHE G 362 -39.06 -26.84 39.40
CA PHE G 362 -40.51 -27.01 39.41
C PHE G 362 -41.06 -27.02 40.83
N GLU G 363 -40.31 -27.56 41.79
CA GLU G 363 -40.79 -27.57 43.17
C GLU G 363 -40.93 -26.16 43.70
N ALA G 364 -39.94 -25.30 43.41
CA ALA G 364 -39.99 -23.94 43.90
C ALA G 364 -41.17 -23.19 43.31
N LEU G 365 -41.49 -23.46 42.05
CA LEU G 365 -42.65 -22.81 41.49
C LEU G 365 -43.92 -23.37 42.10
N ALA G 366 -43.92 -24.67 42.41
CA ALA G 366 -45.10 -25.27 43.04
C ALA G 366 -45.32 -24.81 44.48
N LYS G 367 -44.26 -24.48 45.20
CA LYS G 367 -44.43 -23.98 46.53
C LYS G 367 -45.16 -22.66 46.50
N GLU G 368 -44.95 -21.90 45.44
CA GLU G 368 -45.58 -20.60 45.27
C GLU G 368 -46.93 -20.54 44.58
N SER G 369 -47.49 -21.66 44.18
CA SER G 369 -48.79 -21.76 43.49
C SER G 369 -48.82 -21.32 42.04
N ILE G 370 -47.65 -21.15 41.49
CA ILE G 370 -47.46 -20.85 40.10
C ILE G 370 -47.66 -22.02 39.18
N ASN G 371 -48.60 -21.91 38.26
CA ASN G 371 -48.85 -22.97 37.33
C ASN G 371 -47.91 -22.86 36.15
N ILE G 372 -47.25 -23.94 35.79
CA ILE G 372 -46.34 -23.94 34.65
C ILE G 372 -47.16 -24.26 33.41
N GLN G 373 -47.09 -23.38 32.41
CA GLN G 373 -47.88 -23.61 31.22
C GLN G 373 -47.10 -24.29 30.11
N MET G 374 -45.84 -23.92 29.93
CA MET G 374 -44.98 -24.51 28.90
C MET G 374 -43.59 -24.71 29.45
N ILE G 375 -42.92 -25.73 28.92
CA ILE G 375 -41.54 -25.99 29.31
C ILE G 375 -40.69 -26.20 28.08
N SER G 376 -39.55 -25.54 28.06
CA SER G 376 -38.61 -25.77 26.99
C SER G 376 -37.22 -25.87 27.59
N THR G 377 -36.35 -26.56 26.87
CA THR G 377 -35.10 -26.98 27.46
C THR G 377 -33.90 -26.86 26.54
N SER G 378 -32.76 -26.84 27.20
CA SER G 378 -31.45 -26.89 26.60
C SER G 378 -30.57 -27.67 27.58
N GLU G 379 -29.37 -28.07 27.14
CA GLU G 379 -28.49 -28.81 28.06
C GLU G 379 -28.18 -27.97 29.29
N ILE G 380 -28.15 -26.65 29.16
CA ILE G 380 -27.72 -25.79 30.26
C ILE G 380 -28.83 -24.85 30.71
N LYS G 381 -30.07 -25.09 30.27
CA LYS G 381 -31.18 -24.18 30.48
C LYS G 381 -32.46 -24.97 30.63
N VAL G 382 -33.34 -24.49 31.50
CA VAL G 382 -34.75 -24.86 31.52
C VAL G 382 -35.57 -23.59 31.44
N SER G 383 -36.53 -23.54 30.53
CA SER G 383 -37.38 -22.36 30.37
C SER G 383 -38.81 -22.70 30.65
N VAL G 384 -39.47 -21.82 31.36
CA VAL G 384 -40.86 -21.96 31.65
C VAL G 384 -41.65 -20.74 31.24
N VAL G 385 -42.86 -20.99 30.81
CA VAL G 385 -43.80 -19.93 30.50
C VAL G 385 -44.92 -19.99 31.53
N ILE G 386 -45.16 -18.85 32.19
CA ILE G 386 -46.12 -18.73 33.29
C ILE G 386 -46.97 -17.50 33.04
N GLU G 387 -48.04 -17.38 33.84
CA GLU G 387 -48.86 -16.18 33.83
C GLU G 387 -48.02 -14.94 34.16
N GLU G 388 -48.24 -13.87 33.40
CA GLU G 388 -47.41 -12.66 33.49
C GLU G 388 -47.31 -12.08 34.88
N LYS G 389 -48.39 -12.15 35.66
CA LYS G 389 -48.44 -11.55 36.99
C LYS G 389 -47.40 -12.16 37.92
N TYR G 390 -46.96 -13.39 37.64
CA TYR G 390 -46.07 -14.11 38.53
C TYR G 390 -44.60 -13.93 38.25
N LEU G 391 -44.22 -13.07 37.29
CA LEU G 391 -42.84 -13.03 36.82
C LEU G 391 -41.85 -12.78 37.95
N GLU G 392 -42.05 -11.71 38.71
CA GLU G 392 -41.10 -11.35 39.76
C GLU G 392 -41.04 -12.42 40.84
N LEU G 393 -42.20 -12.94 41.24
CA LEU G 393 -42.25 -13.97 42.28
C LEU G 393 -41.51 -15.23 41.82
N ALA G 394 -41.70 -15.64 40.58
CA ALA G 394 -41.03 -16.83 40.09
C ALA G 394 -39.52 -16.66 40.15
N VAL G 395 -39.04 -15.50 39.71
CA VAL G 395 -37.62 -15.19 39.71
C VAL G 395 -37.05 -15.20 41.14
N ARG G 396 -37.79 -14.61 42.09
CA ARG G 396 -37.32 -14.59 43.47
C ARG G 396 -37.27 -15.98 44.07
N ALA G 397 -38.36 -16.73 43.88
CA ALA G 397 -38.45 -18.08 44.43
C ALA G 397 -37.29 -18.92 43.92
N LEU G 398 -37.04 -18.86 42.61
CA LEU G 398 -35.92 -19.59 42.03
C LEU G 398 -34.60 -19.06 42.53
N HIS G 399 -34.49 -17.75 42.73
CA HIS G 399 -33.23 -17.18 43.18
C HIS G 399 -32.85 -17.66 44.58
N THR G 400 -33.82 -17.95 45.42
CA THR G 400 -33.46 -18.41 46.72
C THR G 400 -33.35 -19.92 46.76
N ALA G 401 -34.17 -20.57 45.97
CA ALA G 401 -34.17 -22.01 45.92
C ALA G 401 -32.83 -22.49 45.49
N PHE G 402 -32.19 -21.75 44.60
CA PHE G 402 -30.91 -22.11 44.11
C PHE G 402 -29.76 -21.52 44.89
N GLU G 403 -30.05 -20.89 46.01
CA GLU G 403 -29.06 -20.31 46.90
C GLU G 403 -28.17 -19.30 46.25
N LEU G 404 -28.75 -18.48 45.42
CA LEU G 404 -28.01 -17.44 44.78
C LEU G 404 -27.97 -16.19 45.60
N ASP G 405 -28.71 -16.15 46.68
CA ASP G 405 -28.71 -14.98 47.53
C ASP G 405 -27.34 -14.81 48.17
N ALA G 406 -26.75 -15.95 48.51
CA ALA G 406 -25.42 -16.06 49.08
C ALA G 406 -24.82 -14.79 49.73
N ALA H 2 -19.91 -21.11 -13.63
CA ALA H 2 -19.44 -20.12 -12.67
C ALA H 2 -17.92 -20.21 -12.47
N LEU H 3 -17.43 -20.04 -11.23
CA LEU H 3 -16.02 -19.77 -10.99
C LEU H 3 -15.24 -21.04 -10.71
N ILE H 4 -14.13 -21.20 -11.43
CA ILE H 4 -13.30 -22.38 -11.36
C ILE H 4 -11.83 -21.95 -11.21
N VAL H 5 -11.10 -22.62 -10.32
CA VAL H 5 -9.66 -22.42 -10.18
C VAL H 5 -8.94 -23.65 -10.73
N GLN H 6 -7.94 -23.44 -11.57
CA GLN H 6 -7.18 -24.52 -12.17
C GLN H 6 -5.70 -24.35 -11.86
N LYS H 7 -5.02 -25.44 -11.53
CA LYS H 7 -3.60 -25.41 -11.19
C LYS H 7 -2.86 -26.35 -12.15
N PHE H 8 -1.71 -25.89 -12.67
CA PHE H 8 -0.90 -26.65 -13.62
C PHE H 8 0.53 -26.77 -13.10
N GLY H 9 0.96 -27.98 -12.88
CA GLY H 9 2.25 -28.28 -12.35
C GLY H 9 3.35 -28.00 -13.32
N GLY H 10 4.56 -28.14 -12.85
CA GLY H 10 5.69 -27.80 -13.67
C GLY H 10 5.77 -28.51 -14.99
N THR H 11 5.42 -29.78 -15.06
CA THR H 11 5.44 -30.48 -16.32
C THR H 11 4.44 -29.90 -17.32
N SER H 12 3.30 -29.47 -16.82
CA SER H 12 2.26 -28.87 -17.65
C SER H 12 2.67 -27.57 -18.31
N VAL H 13 3.54 -26.84 -17.67
CA VAL H 13 4.01 -25.59 -18.19
C VAL H 13 5.50 -25.63 -18.46
N GLY H 14 6.02 -26.84 -18.59
CA GLY H 14 7.44 -27.09 -18.80
C GLY H 14 8.05 -26.53 -20.06
N THR H 15 7.23 -26.40 -21.08
CA THR H 15 7.63 -25.92 -22.38
C THR H 15 6.67 -24.89 -22.90
N VAL H 16 7.13 -24.08 -23.83
CA VAL H 16 6.31 -23.08 -24.44
C VAL H 16 5.15 -23.71 -25.17
N GLU H 17 5.43 -24.78 -25.87
CA GLU H 17 4.40 -25.49 -26.61
C GLU H 17 3.38 -26.05 -25.63
N ARG H 18 3.87 -26.55 -24.51
CA ARG H 18 3.00 -27.06 -23.46
C ARG H 18 2.15 -25.94 -22.88
N ILE H 19 2.75 -24.78 -22.69
CA ILE H 19 2.03 -23.67 -22.16
C ILE H 19 0.92 -23.32 -23.11
N GLU H 20 1.18 -23.40 -24.38
CA GLU H 20 0.14 -23.08 -25.35
C GLU H 20 -1.03 -24.05 -25.22
N GLN H 21 -0.76 -25.31 -24.88
CA GLN H 21 -1.86 -26.25 -24.77
C GLN H 21 -2.72 -25.97 -23.55
N VAL H 22 -2.13 -25.61 -22.41
CA VAL H 22 -2.97 -25.20 -21.29
C VAL H 22 -3.82 -23.99 -21.68
N ALA H 23 -3.24 -23.01 -22.40
CA ALA H 23 -4.03 -21.87 -22.86
C ALA H 23 -5.23 -22.34 -23.66
N GLU H 24 -5.03 -23.33 -24.53
CA GLU H 24 -6.15 -23.86 -25.28
C GLU H 24 -7.21 -24.46 -24.36
N LYS H 25 -6.77 -25.14 -23.31
CA LYS H 25 -7.76 -25.72 -22.41
C LYS H 25 -8.53 -24.63 -21.67
N VAL H 26 -7.79 -23.62 -21.15
CA VAL H 26 -8.44 -22.50 -20.48
C VAL H 26 -9.40 -21.79 -21.44
N LYS H 27 -9.04 -21.70 -22.72
CA LYS H 27 -9.93 -21.07 -23.69
C LYS H 27 -11.27 -21.77 -23.72
N LYS H 28 -11.28 -23.08 -23.74
CA LYS H 28 -12.53 -23.82 -23.78
C LYS H 28 -13.41 -23.61 -22.59
N PHE H 29 -12.85 -23.63 -21.38
CA PHE H 29 -13.66 -23.43 -20.19
C PHE H 29 -14.23 -22.07 -20.17
N ARG H 30 -13.41 -21.13 -20.52
CA ARG H 30 -13.81 -19.77 -20.52
C ARG H 30 -14.94 -19.59 -21.51
N GLU H 31 -14.86 -20.23 -22.65
CA GLU H 31 -15.90 -20.15 -23.65
C GLU H 31 -17.21 -20.77 -23.23
N ALA H 32 -17.16 -21.75 -22.37
CA ALA H 32 -18.32 -22.45 -21.88
C ALA H 32 -19.17 -21.57 -20.98
N GLY H 33 -18.64 -20.43 -20.60
CA GLY H 33 -19.38 -19.53 -19.74
C GLY H 33 -18.89 -19.39 -18.33
N ASP H 34 -17.68 -19.83 -18.07
CA ASP H 34 -17.14 -19.74 -16.73
C ASP H 34 -15.97 -18.78 -16.52
N ASP H 35 -15.93 -18.20 -15.33
CA ASP H 35 -14.79 -17.43 -14.88
C ASP H 35 -13.69 -18.41 -14.47
N VAL H 36 -12.44 -18.07 -14.81
CA VAL H 36 -11.32 -18.95 -14.57
C VAL H 36 -10.24 -18.17 -13.82
N VAL H 37 -9.64 -18.82 -12.83
CA VAL H 37 -8.40 -18.40 -12.20
C VAL H 37 -7.40 -19.53 -12.43
N VAL H 38 -6.22 -19.18 -12.94
CA VAL H 38 -5.21 -20.16 -13.25
C VAL H 38 -4.03 -19.95 -12.32
N VAL H 39 -3.55 -21.05 -11.74
CA VAL H 39 -2.34 -21.07 -10.93
C VAL H 39 -1.32 -21.90 -11.70
N VAL H 40 -0.13 -21.33 -11.90
CA VAL H 40 0.92 -22.03 -12.63
C VAL H 40 2.19 -22.05 -11.78
N SER H 41 3.04 -23.03 -12.08
CA SER H 41 4.31 -23.24 -11.43
C SER H 41 5.40 -22.79 -12.38
N ALA H 42 6.63 -22.77 -11.89
CA ALA H 42 7.72 -22.48 -12.81
C ALA H 42 7.81 -23.62 -13.83
N MET H 43 8.44 -23.34 -14.96
CA MET H 43 8.67 -24.36 -15.99
C MET H 43 9.68 -25.40 -15.47
N SER H 44 9.76 -26.53 -16.15
CA SER H 44 10.61 -27.58 -15.65
C SER H 44 12.02 -27.24 -15.37
N GLY H 45 12.45 -27.67 -14.20
CA GLY H 45 13.81 -27.55 -13.74
C GLY H 45 14.26 -26.18 -13.35
N GLU H 46 13.39 -25.22 -13.57
CA GLU H 46 13.71 -23.86 -13.26
C GLU H 46 13.89 -23.61 -11.78
N THR H 47 13.04 -24.20 -10.97
CA THR H 47 13.17 -24.05 -9.54
C THR H 47 14.46 -24.68 -9.03
N ASN H 48 14.73 -25.88 -9.48
CA ASN H 48 15.90 -26.61 -9.06
C ASN H 48 17.07 -25.88 -9.56
N ARG H 49 16.93 -25.40 -10.77
CA ARG H 49 17.99 -24.66 -11.38
C ARG H 49 18.27 -23.45 -10.53
N LEU H 50 17.23 -22.82 -10.03
CA LEU H 50 17.45 -21.63 -9.22
C LEU H 50 18.06 -21.98 -7.88
N ILE H 51 17.54 -23.02 -7.22
CA ILE H 51 18.13 -23.47 -5.96
C ILE H 51 19.57 -23.84 -6.18
N GLY H 52 19.87 -24.59 -7.25
CA GLY H 52 21.24 -25.01 -7.48
C GLY H 52 22.17 -23.82 -7.58
N LEU H 53 21.70 -22.74 -8.18
CA LEU H 53 22.47 -21.55 -8.25
C LEU H 53 22.75 -20.93 -6.88
N ALA H 54 21.74 -20.87 -6.01
CA ALA H 54 21.96 -20.27 -4.70
C ALA H 54 22.97 -21.05 -3.90
N ASN H 55 22.86 -22.34 -4.00
CA ASN H 55 23.74 -23.25 -3.32
C ASN H 55 25.16 -23.18 -3.80
N GLN H 56 25.30 -22.78 -5.05
CA GLN H 56 26.59 -22.66 -5.62
C GLN H 56 27.35 -21.65 -4.83
N ILE H 57 26.65 -20.66 -4.29
CA ILE H 57 27.37 -19.68 -3.51
C ILE H 57 27.35 -19.88 -2.03
N MET H 58 26.43 -20.69 -1.52
CA MET H 58 26.36 -20.87 -0.09
C MET H 58 26.05 -22.26 0.41
N GLU H 59 26.54 -22.52 1.60
CA GLU H 59 26.33 -23.79 2.24
C GLU H 59 24.86 -23.99 2.63
N GLN H 60 24.30 -22.98 3.27
CA GLN H 60 22.95 -23.00 3.75
C GLN H 60 22.49 -21.67 3.27
N PRO H 61 21.92 -21.65 2.10
CA PRO H 61 21.57 -20.37 1.46
C PRO H 61 20.59 -19.64 2.27
N VAL H 62 20.78 -18.35 2.26
CA VAL H 62 20.00 -17.44 3.11
C VAL H 62 18.51 -17.52 2.82
N PRO H 63 17.70 -17.91 3.78
CA PRO H 63 16.29 -18.12 3.53
C PRO H 63 15.49 -16.94 3.02
N ARG H 64 15.71 -15.79 3.59
CA ARG H 64 14.98 -14.63 3.10
C ARG H 64 15.32 -14.31 1.65
N GLU H 65 16.58 -14.49 1.26
CA GLU H 65 17.01 -14.22 -0.11
C GLU H 65 16.68 -15.38 -1.06
N LEU H 66 16.76 -16.64 -0.60
CA LEU H 66 16.42 -17.77 -1.46
C LEU H 66 15.00 -17.60 -2.00
N ASP H 67 14.11 -17.04 -1.18
CA ASP H 67 12.73 -16.86 -1.60
C ASP H 67 12.62 -15.89 -2.79
N VAL H 68 13.38 -14.80 -2.75
CA VAL H 68 13.27 -13.84 -3.84
C VAL H 68 13.86 -14.42 -5.13
N MET H 69 14.92 -15.24 -5.04
CA MET H 69 15.39 -15.96 -6.23
C MET H 69 14.33 -16.93 -6.73
N VAL H 70 13.96 -17.89 -5.89
CA VAL H 70 13.16 -19.02 -6.35
C VAL H 70 11.79 -18.57 -6.79
N SER H 71 11.25 -17.54 -6.16
CA SER H 71 9.94 -17.01 -6.56
C SER H 71 9.88 -16.51 -8.01
N THR H 72 11.02 -16.14 -8.62
CA THR H 72 10.94 -15.58 -9.97
C THR H 72 10.43 -16.58 -11.01
N GLY H 73 10.70 -17.89 -10.86
CA GLY H 73 10.34 -18.85 -11.89
C GLY H 73 8.86 -18.84 -12.21
N GLU H 74 8.02 -18.80 -11.17
CA GLU H 74 6.58 -18.72 -11.40
C GLU H 74 6.21 -17.38 -12.06
N GLN H 75 6.99 -16.32 -11.81
CA GLN H 75 6.70 -15.06 -12.47
C GLN H 75 6.95 -15.10 -13.96
N VAL H 76 7.94 -15.86 -14.45
CA VAL H 76 8.06 -16.03 -15.89
C VAL H 76 6.82 -16.72 -16.44
N THR H 77 6.39 -17.81 -15.80
CA THR H 77 5.33 -18.64 -16.35
C THR H 77 4.01 -17.87 -16.44
N ILE H 78 3.69 -17.07 -15.42
CA ILE H 78 2.41 -16.35 -15.44
C ILE H 78 2.35 -15.38 -16.63
N ALA H 79 3.46 -14.77 -16.99
CA ALA H 79 3.41 -13.87 -18.14
C ALA H 79 3.20 -14.64 -19.43
N LEU H 80 3.97 -15.73 -19.65
CA LEU H 80 3.87 -16.49 -20.90
C LEU H 80 2.46 -16.97 -21.16
N LEU H 81 1.83 -17.58 -20.14
CA LEU H 81 0.47 -18.07 -20.29
C LEU H 81 -0.49 -16.91 -20.53
N SER H 82 -0.27 -15.77 -19.87
CA SER H 82 -1.08 -14.60 -20.19
C SER H 82 -0.88 -14.21 -21.65
N MET H 83 0.37 -14.22 -22.14
CA MET H 83 0.63 -13.92 -23.55
C MET H 83 -0.01 -14.97 -24.45
N ALA H 84 0.22 -16.27 -24.15
CA ALA H 84 -0.38 -17.32 -24.98
C ALA H 84 -1.91 -17.24 -24.98
N LEU H 85 -2.53 -16.81 -23.89
CA LEU H 85 -3.98 -16.61 -23.86
C LEU H 85 -4.42 -15.40 -24.68
N ILE H 86 -3.78 -14.25 -24.48
CA ILE H 86 -4.18 -13.04 -25.18
C ILE H 86 -4.03 -13.23 -26.69
N LYS H 87 -2.95 -13.90 -27.13
CA LYS H 87 -2.79 -14.23 -28.54
C LYS H 87 -3.99 -15.01 -29.08
N ARG H 88 -4.48 -15.98 -28.30
CA ARG H 88 -5.58 -16.85 -28.68
C ARG H 88 -6.93 -16.16 -28.59
N GLY H 89 -6.95 -14.86 -28.30
CA GLY H 89 -8.18 -14.13 -28.23
C GLY H 89 -8.91 -14.11 -26.90
N VAL H 90 -8.27 -14.54 -25.80
CA VAL H 90 -8.93 -14.50 -24.50
C VAL H 90 -8.16 -13.50 -23.61
N PRO H 91 -8.82 -12.48 -23.07
CA PRO H 91 -8.10 -11.52 -22.21
C PRO H 91 -7.63 -12.17 -20.93
N ALA H 92 -6.45 -11.73 -20.46
CA ALA H 92 -5.79 -12.30 -19.29
C ALA H 92 -4.97 -11.22 -18.61
N VAL H 93 -4.81 -11.36 -17.29
CA VAL H 93 -3.88 -10.57 -16.51
C VAL H 93 -3.09 -11.50 -15.61
N SER H 94 -1.79 -11.28 -15.51
CA SER H 94 -0.93 -12.00 -14.60
C SER H 94 -0.95 -11.34 -13.20
N TYR H 95 -0.75 -12.16 -12.17
CA TYR H 95 -0.68 -11.68 -10.80
C TYR H 95 0.54 -12.27 -10.11
N THR H 96 1.38 -11.41 -9.55
CA THR H 96 2.36 -11.88 -8.59
C THR H 96 1.64 -12.24 -7.30
N GLY H 97 2.34 -13.01 -6.48
CA GLY H 97 1.84 -13.20 -5.12
C GLY H 97 1.56 -11.87 -4.46
N ASN H 98 2.47 -10.91 -4.62
CA ASN H 98 2.29 -9.63 -3.95
C ASN H 98 1.13 -8.80 -4.51
N GLN H 99 0.81 -8.93 -5.79
CA GLN H 99 -0.30 -8.23 -6.44
C GLN H 99 -1.72 -8.61 -6.04
N VAL H 100 -2.01 -9.88 -5.88
CA VAL H 100 -3.33 -10.28 -5.37
C VAL H 100 -3.48 -9.87 -3.93
N ARG H 101 -2.36 -10.11 -3.25
CA ARG H 101 -1.98 -9.94 -1.89
C ARG H 101 -2.27 -11.24 -1.15
N ILE H 102 -1.34 -12.15 -1.31
CA ILE H 102 -1.38 -13.38 -0.61
C ILE H 102 -0.41 -13.13 0.51
N LEU H 103 -0.96 -12.78 1.64
CA LEU H 103 -0.23 -12.50 2.87
C LEU H 103 0.13 -13.81 3.56
N THR H 104 1.32 -13.87 4.16
CA THR H 104 1.88 -15.17 4.52
C THR H 104 2.64 -15.12 5.85
N ASP H 105 3.13 -16.31 6.27
CA ASP H 105 4.08 -16.44 7.38
C ASP H 105 5.36 -15.67 7.07
N SER H 106 6.29 -15.74 8.01
CA SER H 106 7.65 -15.31 7.80
C SER H 106 8.60 -16.50 7.73
N ALA H 107 8.06 -17.71 7.64
CA ALA H 107 8.88 -18.91 7.60
C ALA H 107 9.29 -19.07 6.14
N HIS H 108 10.51 -18.63 5.83
CA HIS H 108 10.82 -18.28 4.46
C HIS H 108 10.74 -19.43 3.46
N THR H 109 11.40 -20.51 3.67
CA THR H 109 11.22 -21.49 2.64
C THR H 109 9.97 -22.27 2.86
N LYS H 110 9.23 -21.94 3.89
CA LYS H 110 8.02 -22.64 4.20
C LYS H 110 6.83 -21.80 4.68
N ALA H 111 6.63 -20.63 4.12
CA ALA H 111 5.56 -19.77 4.55
C ALA H 111 4.21 -20.37 4.40
N ARG H 112 3.33 -20.03 5.32
CA ARG H 112 1.95 -20.48 5.32
C ARG H 112 1.06 -19.31 4.97
N ILE H 113 0.05 -19.55 4.18
CA ILE H 113 -0.83 -18.49 3.78
C ILE H 113 -1.69 -18.04 4.93
N LEU H 114 -1.68 -16.74 5.19
CA LEU H 114 -2.45 -16.11 6.26
C LEU H 114 -3.72 -15.45 5.77
N HIS H 115 -3.68 -14.78 4.61
CA HIS H 115 -4.87 -14.12 4.10
C HIS H 115 -4.77 -13.88 2.60
N ILE H 116 -5.89 -13.98 1.90
CA ILE H 116 -5.92 -13.73 0.46
C ILE H 116 -7.00 -12.71 0.16
N ASP H 117 -6.60 -11.59 -0.44
CA ASP H 117 -7.51 -10.55 -0.85
C ASP H 117 -8.26 -11.02 -2.08
N ASP H 118 -9.58 -11.01 -2.00
CA ASP H 118 -10.41 -11.31 -3.17
C ASP H 118 -10.71 -10.07 -4.00
N THR H 119 -10.36 -8.89 -3.51
CA THR H 119 -10.94 -7.68 -4.08
C THR H 119 -10.49 -7.46 -5.52
N HIS H 120 -9.21 -7.36 -5.77
CA HIS H 120 -8.72 -7.13 -7.11
C HIS H 120 -8.99 -8.19 -8.11
N ILE H 121 -8.90 -9.43 -7.70
CA ILE H 121 -9.11 -10.54 -8.62
C ILE H 121 -10.54 -10.55 -9.13
N ARG H 122 -11.48 -10.39 -8.21
CA ARG H 122 -12.89 -10.42 -8.55
C ARG H 122 -13.24 -9.34 -9.57
N ALA H 123 -12.59 -8.18 -9.45
CA ALA H 123 -12.81 -7.13 -10.43
C ALA H 123 -12.28 -7.57 -11.79
N ASP H 124 -11.07 -8.15 -11.83
CA ASP H 124 -10.55 -8.66 -13.08
C ASP H 124 -11.45 -9.76 -13.64
N LEU H 125 -11.99 -10.61 -12.77
CA LEU H 125 -12.94 -11.63 -13.23
C LEU H 125 -14.22 -11.01 -13.76
N LYS H 126 -14.76 -10.01 -13.05
CA LYS H 126 -16.01 -9.46 -13.53
C LYS H 126 -15.81 -8.71 -14.83
N ALA H 127 -14.62 -8.14 -15.05
CA ALA H 127 -14.37 -7.55 -16.35
C ALA H 127 -14.21 -8.60 -17.45
N GLY H 128 -14.30 -9.88 -17.14
CA GLY H 128 -14.20 -10.88 -18.18
C GLY H 128 -12.81 -11.35 -18.50
N ARG H 129 -11.83 -11.08 -17.65
CA ARG H 129 -10.48 -11.55 -17.89
C ARG H 129 -10.21 -12.78 -17.04
N VAL H 130 -9.31 -13.61 -17.56
CA VAL H 130 -8.82 -14.77 -16.86
C VAL H 130 -7.64 -14.29 -16.04
N VAL H 131 -7.58 -14.68 -14.77
CA VAL H 131 -6.52 -14.28 -13.87
C VAL H 131 -5.49 -15.40 -13.78
N VAL H 132 -4.24 -15.07 -14.04
CA VAL H 132 -3.12 -16.02 -13.92
C VAL H 132 -2.31 -15.60 -12.70
N VAL H 133 -2.26 -16.46 -11.71
CA VAL H 133 -1.58 -16.18 -10.49
C VAL H 133 -0.40 -17.09 -10.25
N ALA H 134 0.63 -16.50 -9.74
CA ALA H 134 1.76 -17.23 -9.45
C ALA H 134 1.50 -18.01 -8.21
N GLY H 135 1.73 -19.29 -8.35
CA GLY H 135 1.69 -20.20 -7.25
C GLY H 135 3.03 -20.19 -6.55
N PHE H 136 3.04 -20.72 -5.37
CA PHE H 136 4.23 -20.91 -4.58
C PHE H 136 4.80 -19.65 -3.96
N GLN H 137 4.16 -18.50 -4.16
CA GLN H 137 4.57 -17.32 -3.45
C GLN H 137 3.59 -16.41 -2.78
N GLY H 138 4.14 -15.60 -1.91
CA GLY H 138 3.35 -14.59 -1.24
C GLY H 138 4.26 -13.54 -0.62
N VAL H 139 3.68 -12.69 0.24
CA VAL H 139 4.46 -11.67 0.97
C VAL H 139 4.05 -11.59 2.43
N ASP H 140 5.04 -11.45 3.34
CA ASP H 140 4.72 -11.37 4.74
C ASP H 140 4.24 -9.96 5.07
N GLY H 141 3.85 -9.76 6.33
CA GLY H 141 3.38 -8.45 6.76
C GLY H 141 4.35 -7.31 6.52
N ASN H 142 5.64 -7.60 6.33
CA ASN H 142 6.66 -6.59 6.13
C ASN H 142 7.05 -6.34 4.66
N GLY H 143 6.46 -7.04 3.71
CA GLY H 143 6.79 -6.85 2.31
C GLY H 143 7.85 -7.78 1.79
N ASN H 144 8.36 -8.68 2.62
CA ASN H 144 9.33 -9.67 2.19
C ASN H 144 8.63 -10.77 1.42
N ILE H 145 9.25 -11.15 0.29
CA ILE H 145 8.79 -12.27 -0.54
C ILE H 145 9.00 -13.58 0.20
N THR H 146 8.09 -14.53 0.00
CA THR H 146 8.18 -15.86 0.59
C THR H 146 7.78 -16.93 -0.42
N THR H 147 8.20 -18.17 -0.12
CA THR H 147 7.87 -19.36 -0.88
C THR H 147 7.13 -20.29 0.08
N LEU H 148 6.06 -20.87 -0.41
CA LEU H 148 5.19 -21.70 0.36
C LEU H 148 5.74 -23.06 0.70
N GLY H 149 6.82 -23.46 0.07
CA GLY H 149 7.40 -24.74 0.33
C GLY H 149 6.85 -25.73 -0.65
N ARG H 150 7.30 -26.96 -0.56
CA ARG H 150 6.86 -27.96 -1.49
C ARG H 150 5.38 -28.09 -1.46
N GLY H 151 4.84 -28.17 -2.64
CA GLY H 151 3.42 -28.25 -2.85
C GLY H 151 2.81 -26.91 -2.77
N GLY H 152 3.63 -25.88 -2.80
CA GLY H 152 3.13 -24.54 -2.68
C GLY H 152 2.15 -24.19 -3.75
N SER H 153 2.36 -24.65 -4.96
CA SER H 153 1.44 -24.35 -6.02
C SER H 153 0.10 -24.98 -5.75
N ASP H 154 0.06 -26.20 -5.24
CA ASP H 154 -1.20 -26.84 -4.85
C ASP H 154 -1.90 -26.00 -3.78
N THR H 155 -1.13 -25.52 -2.80
CA THR H 155 -1.70 -24.75 -1.70
C THR H 155 -2.32 -23.44 -2.18
N THR H 156 -1.61 -22.72 -3.07
CA THR H 156 -2.14 -21.48 -3.61
C THR H 156 -3.45 -21.69 -4.35
N GLY H 157 -3.54 -22.75 -5.16
CA GLY H 157 -4.79 -23.01 -5.87
C GLY H 157 -5.97 -23.22 -4.94
N VAL H 158 -5.81 -24.06 -3.90
CA VAL H 158 -6.92 -24.34 -3.00
C VAL H 158 -7.27 -23.09 -2.19
N ALA H 159 -6.26 -22.40 -1.66
CA ALA H 159 -6.51 -21.17 -0.93
C ALA H 159 -7.18 -20.14 -1.82
N LEU H 160 -6.79 -20.05 -3.09
CA LEU H 160 -7.54 -19.17 -3.99
C LEU H 160 -8.98 -19.64 -4.14
N ALA H 161 -9.19 -20.96 -4.25
CA ALA H 161 -10.55 -21.46 -4.36
C ALA H 161 -11.37 -21.16 -3.10
N ALA H 162 -10.76 -21.28 -1.92
CA ALA H 162 -11.49 -20.95 -0.70
C ALA H 162 -11.76 -19.44 -0.60
N ALA H 163 -10.71 -18.61 -0.77
CA ALA H 163 -10.90 -17.19 -0.59
C ALA H 163 -11.89 -16.62 -1.59
N LEU H 164 -11.96 -17.19 -2.78
CA LEU H 164 -12.86 -16.73 -3.82
C LEU H 164 -14.20 -17.44 -3.80
N LYS H 165 -14.46 -18.31 -2.81
CA LYS H 165 -15.61 -19.23 -2.83
C LYS H 165 -15.82 -19.87 -4.21
N ALA H 166 -14.75 -20.43 -4.78
CA ALA H 166 -14.89 -21.17 -6.04
C ALA H 166 -15.72 -22.44 -5.92
N ASP H 167 -16.38 -22.78 -7.03
CA ASP H 167 -17.19 -23.97 -7.14
C ASP H 167 -16.33 -25.23 -7.06
N GLU H 168 -15.21 -25.26 -7.77
CA GLU H 168 -14.26 -26.35 -7.56
C GLU H 168 -12.84 -25.91 -7.93
N CYS H 169 -11.87 -26.60 -7.36
CA CYS H 169 -10.47 -26.34 -7.67
C CYS H 169 -9.96 -27.56 -8.42
N GLN H 170 -9.35 -27.35 -9.59
CA GLN H 170 -8.91 -28.45 -10.44
C GLN H 170 -7.41 -28.55 -10.46
N ILE H 171 -6.90 -29.72 -10.12
CA ILE H 171 -5.48 -29.93 -10.14
C ILE H 171 -5.13 -30.83 -11.31
N TYR H 172 -4.30 -30.34 -12.21
CA TYR H 172 -3.90 -31.09 -13.40
C TYR H 172 -2.59 -31.76 -13.15
N THR H 173 -2.57 -33.07 -13.34
CA THR H 173 -1.39 -33.88 -13.08
C THR H 173 -1.18 -35.07 -14.01
N ASP H 174 -0.27 -35.95 -13.58
CA ASP H 174 0.07 -37.15 -14.32
C ASP H 174 -0.85 -38.40 -14.29
N VAL H 175 -1.85 -38.44 -13.41
CA VAL H 175 -2.84 -39.48 -13.22
C VAL H 175 -4.22 -38.93 -13.60
N ASP H 176 -5.09 -39.83 -14.05
CA ASP H 176 -6.44 -39.51 -14.46
C ASP H 176 -7.34 -39.46 -13.25
N GLY H 177 -6.82 -39.71 -12.07
CA GLY H 177 -7.66 -39.64 -10.91
C GLY H 177 -7.06 -40.41 -9.77
N VAL H 178 -7.92 -40.69 -8.82
CA VAL H 178 -7.64 -41.56 -7.69
C VAL H 178 -8.21 -42.94 -8.00
N TYR H 179 -7.40 -43.97 -7.80
CA TYR H 179 -7.88 -45.29 -8.12
C TYR H 179 -8.30 -46.09 -6.89
N THR H 180 -9.15 -47.10 -7.12
CA THR H 180 -9.65 -48.00 -6.08
C THR H 180 -8.51 -48.64 -5.29
N THR H 181 -7.42 -48.96 -5.97
CA THR H 181 -6.19 -49.33 -5.29
C THR H 181 -5.03 -49.04 -6.23
N ASP H 182 -3.85 -49.42 -5.79
CA ASP H 182 -2.67 -49.20 -6.60
C ASP H 182 -2.76 -50.03 -7.87
N PRO H 183 -2.82 -49.40 -9.06
CA PRO H 183 -3.03 -50.19 -10.29
C PRO H 183 -1.87 -51.14 -10.58
N ARG H 184 -0.70 -50.92 -9.99
CA ARG H 184 0.40 -51.88 -10.11
C ARG H 184 0.16 -53.18 -9.34
N VAL H 185 -0.67 -53.13 -8.31
CA VAL H 185 -0.95 -54.35 -7.59
C VAL H 185 -2.19 -55.01 -8.13
N VAL H 186 -3.26 -54.24 -8.37
CA VAL H 186 -4.48 -54.79 -8.96
C VAL H 186 -4.67 -54.16 -10.34
N PRO H 187 -4.36 -54.89 -11.39
CA PRO H 187 -4.42 -54.34 -12.73
C PRO H 187 -5.78 -53.90 -13.13
N GLN H 188 -6.79 -54.42 -12.47
CA GLN H 188 -8.14 -54.07 -12.78
C GLN H 188 -8.70 -52.95 -11.90
N ALA H 189 -7.81 -52.20 -11.28
CA ALA H 189 -8.16 -51.08 -10.47
C ALA H 189 -8.91 -50.05 -11.29
N ARG H 190 -9.87 -49.42 -10.64
CA ARG H 190 -10.79 -48.50 -11.27
C ARG H 190 -10.59 -47.08 -10.79
N ARG H 191 -10.75 -46.13 -11.71
CA ARG H 191 -10.66 -44.73 -11.40
C ARG H 191 -11.95 -44.30 -10.71
N LEU H 192 -11.86 -43.55 -9.64
CA LEU H 192 -13.05 -43.12 -8.93
C LEU H 192 -13.75 -41.86 -9.41
N ASP H 193 -15.05 -41.76 -9.18
CA ASP H 193 -15.80 -40.55 -9.57
C ASP H 193 -15.71 -39.48 -8.49
N LYS H 194 -16.08 -39.83 -7.26
CA LYS H 194 -16.12 -38.92 -6.12
C LYS H 194 -15.66 -39.70 -4.89
N ILE H 195 -14.93 -39.02 -4.00
CA ILE H 195 -14.60 -39.49 -2.67
C ILE H 195 -14.55 -38.25 -1.77
N THR H 196 -14.82 -38.47 -0.48
CA THR H 196 -14.75 -37.45 0.54
C THR H 196 -13.29 -37.12 0.86
N PHE H 197 -13.06 -35.93 1.41
CA PHE H 197 -11.74 -35.58 1.91
C PHE H 197 -11.27 -36.63 2.92
N GLU H 198 -12.19 -37.13 3.76
CA GLU H 198 -11.82 -38.12 4.78
C GLU H 198 -11.36 -39.43 4.16
N GLU H 199 -12.07 -39.94 3.15
CA GLU H 199 -11.61 -41.16 2.49
C GLU H 199 -10.26 -40.94 1.84
N MET H 200 -10.09 -39.77 1.21
CA MET H 200 -8.83 -39.45 0.57
C MET H 200 -7.68 -39.48 1.57
N LEU H 201 -7.89 -38.85 2.72
CA LEU H 201 -6.85 -38.82 3.74
C LEU H 201 -6.65 -40.20 4.32
N GLU H 202 -7.70 -41.01 4.34
CA GLU H 202 -7.67 -42.39 4.82
C GLU H 202 -6.86 -43.39 3.96
N MET H 203 -6.82 -43.20 2.66
CA MET H 203 -6.00 -44.04 1.81
C MET H 203 -4.62 -43.42 1.69
N ALA H 204 -3.78 -43.58 2.69
CA ALA H 204 -2.51 -42.88 2.69
C ALA H 204 -1.53 -43.11 1.57
N SER H 205 -1.26 -44.35 1.22
CA SER H 205 -0.34 -44.59 0.12
C SER H 205 -0.86 -44.10 -1.22
N LEU H 206 -2.16 -44.18 -1.44
CA LEU H 206 -2.70 -43.69 -2.71
C LEU H 206 -2.48 -42.18 -2.89
N GLY H 207 -2.67 -41.36 -1.86
CA GLY H 207 -2.38 -39.93 -1.98
C GLY H 207 -0.87 -39.76 -1.97
N SER H 208 -0.32 -38.91 -2.86
CA SER H 208 1.12 -38.77 -2.94
C SER H 208 1.62 -37.34 -3.03
N LYS H 209 2.89 -37.21 -3.41
CA LYS H 209 3.59 -35.93 -3.57
C LYS H 209 2.98 -35.01 -4.64
N VAL H 210 2.33 -35.59 -5.66
CA VAL H 210 1.69 -34.81 -6.70
C VAL H 210 0.56 -33.92 -6.15
N LEU H 211 -0.18 -34.50 -5.24
CA LEU H 211 -1.17 -33.77 -4.54
C LEU H 211 -0.54 -33.94 -3.18
N GLN H 212 0.00 -32.87 -2.64
CA GLN H 212 0.56 -32.95 -1.32
C GLN H 212 -0.65 -33.21 -0.47
N ILE H 213 -0.49 -34.16 0.41
CA ILE H 213 -1.57 -34.53 1.27
C ILE H 213 -1.78 -33.32 2.14
N ARG H 214 -0.82 -32.41 2.14
CA ARG H 214 -1.01 -31.25 2.96
C ARG H 214 -2.15 -30.43 2.46
N ALA H 215 -2.25 -30.30 1.15
CA ALA H 215 -3.31 -29.53 0.51
C ALA H 215 -4.72 -30.05 0.72
N VAL H 216 -4.84 -31.37 0.65
CA VAL H 216 -6.10 -32.04 0.80
C VAL H 216 -6.59 -31.67 2.15
N GLU H 217 -5.68 -31.54 3.08
CA GLU H 217 -6.06 -31.14 4.41
C GLU H 217 -6.68 -29.73 4.37
N PHE H 218 -6.14 -28.84 3.58
CA PHE H 218 -6.67 -27.48 3.42
C PHE H 218 -8.04 -27.36 2.76
N ALA H 219 -8.26 -28.16 1.74
CA ALA H 219 -9.50 -28.18 1.02
C ALA H 219 -10.57 -28.62 1.95
N GLY H 220 -10.18 -29.56 2.80
CA GLY H 220 -11.05 -30.15 3.77
C GLY H 220 -11.58 -29.17 4.77
N LYS H 221 -10.75 -28.26 5.23
CA LYS H 221 -11.21 -27.25 6.18
C LYS H 221 -12.19 -26.23 5.63
N TYR H 222 -12.00 -25.80 4.39
CA TYR H 222 -12.89 -24.82 3.79
C TYR H 222 -13.89 -25.38 2.82
N ASN H 223 -14.04 -26.67 2.79
CA ASN H 223 -15.03 -27.28 1.91
C ASN H 223 -14.91 -26.90 0.46
N VAL H 224 -13.71 -26.98 -0.05
CA VAL H 224 -13.38 -26.67 -1.43
C VAL H 224 -13.43 -27.99 -2.26
N PRO H 225 -14.40 -28.10 -3.15
CA PRO H 225 -14.43 -29.31 -4.02
C PRO H 225 -13.17 -29.41 -4.84
N LEU H 226 -12.50 -30.56 -4.73
CA LEU H 226 -11.21 -30.80 -5.36
C LEU H 226 -11.39 -31.83 -6.45
N ARG H 227 -10.83 -31.55 -7.61
CA ARG H 227 -10.86 -32.47 -8.73
C ARG H 227 -9.45 -32.68 -9.22
N VAL H 228 -9.04 -33.92 -9.36
CA VAL H 228 -7.72 -34.25 -9.85
C VAL H 228 -7.83 -34.89 -11.20
N LEU H 229 -7.16 -34.31 -12.18
CA LEU H 229 -7.23 -34.77 -13.56
C LEU H 229 -5.91 -34.83 -14.24
N HIS H 230 -5.87 -35.57 -15.33
CA HIS H 230 -4.66 -35.65 -16.10
C HIS H 230 -4.62 -34.43 -16.96
N SER H 231 -3.46 -34.12 -17.48
CA SER H 231 -3.27 -32.89 -18.18
C SER H 231 -4.13 -32.63 -19.39
N PHE H 232 -4.84 -33.63 -19.91
CA PHE H 232 -5.64 -33.35 -21.11
C PHE H 232 -7.12 -33.73 -21.31
N GLN H 233 -7.94 -33.63 -20.27
CA GLN H 233 -9.39 -33.89 -20.38
C GLN H 233 -9.82 -35.25 -20.92
N GLU H 234 -9.06 -36.27 -20.61
CA GLU H 234 -9.38 -37.62 -21.04
C GLU H 234 -10.65 -38.10 -20.37
N GLY H 235 -10.81 -37.75 -19.10
CA GLY H 235 -11.92 -38.14 -18.28
C GLY H 235 -12.31 -37.16 -17.19
N PRO H 236 -13.40 -37.47 -16.48
CA PRO H 236 -13.89 -36.54 -15.44
C PRO H 236 -12.91 -36.39 -14.29
N GLY H 237 -11.90 -37.27 -14.19
CA GLY H 237 -11.05 -37.29 -13.02
C GLY H 237 -11.82 -37.76 -11.80
N THR H 238 -11.22 -37.49 -10.67
CA THR H 238 -11.79 -37.82 -9.40
C THR H 238 -12.05 -36.53 -8.65
N LEU H 239 -13.24 -36.42 -8.13
CA LEU H 239 -13.64 -35.26 -7.41
C LEU H 239 -13.65 -35.54 -5.94
N ILE H 240 -12.91 -34.75 -5.20
CA ILE H 240 -12.86 -34.90 -3.79
C ILE H 240 -13.67 -33.80 -3.19
N THR H 241 -14.66 -34.17 -2.43
CA THR H 241 -15.56 -33.23 -1.84
C THR H 241 -15.98 -33.84 -0.55
N ILE H 242 -17.02 -33.30 0.05
CA ILE H 242 -17.46 -33.85 1.31
C ILE H 242 -18.92 -34.21 1.36
N ASP H 243 -19.25 -35.09 2.28
CA ASP H 243 -20.60 -35.55 2.49
C ASP H 243 -20.46 -36.82 3.30
N PRO H 252 -21.74 -48.07 -4.20
CA PRO H 252 -20.33 -48.31 -3.95
C PRO H 252 -20.20 -48.61 -2.48
N ILE H 253 -20.04 -49.87 -2.16
CA ILE H 253 -19.91 -50.29 -0.79
C ILE H 253 -18.62 -49.82 -0.14
N ILE H 254 -17.51 -49.89 -0.83
CA ILE H 254 -16.24 -49.41 -0.32
C ILE H 254 -15.57 -48.65 -1.44
N SER H 255 -14.70 -47.70 -1.11
CA SER H 255 -14.04 -46.90 -2.14
C SER H 255 -12.72 -47.46 -2.60
N GLY H 256 -11.94 -48.01 -1.70
CA GLY H 256 -10.68 -48.57 -2.12
C GLY H 256 -10.04 -49.46 -1.09
N ILE H 257 -8.92 -50.05 -1.53
CA ILE H 257 -8.07 -50.90 -0.73
C ILE H 257 -6.70 -50.27 -0.65
N ALA H 258 -6.24 -50.07 0.57
CA ALA H 258 -4.95 -49.46 0.83
C ALA H 258 -4.08 -50.49 1.53
N PHE H 259 -2.78 -50.31 1.50
CA PHE H 259 -1.89 -51.26 2.10
C PHE H 259 -0.55 -50.65 2.43
N ASN H 260 0.17 -51.28 3.34
CA ASN H 260 1.50 -50.85 3.72
C ASN H 260 2.40 -52.05 3.85
N ARG H 261 3.51 -52.01 3.15
CA ARG H 261 4.49 -53.07 3.14
C ARG H 261 5.51 -52.91 4.21
N ASP H 262 5.83 -51.67 4.52
CA ASP H 262 6.87 -51.31 5.48
C ASP H 262 6.36 -51.22 6.90
N GLU H 263 6.10 -52.36 7.49
CA GLU H 263 5.61 -52.38 8.83
C GLU H 263 6.25 -53.46 9.64
N ALA H 264 6.34 -53.21 10.92
CA ALA H 264 6.84 -54.15 11.90
C ALA H 264 6.00 -54.00 13.15
N LYS H 265 5.58 -55.11 13.74
CA LYS H 265 4.70 -55.03 14.89
C LYS H 265 5.51 -55.25 16.16
N LEU H 266 5.19 -54.44 17.18
CA LEU H 266 5.78 -54.52 18.51
C LEU H 266 4.68 -54.73 19.53
N THR H 267 4.85 -55.73 20.39
CA THR H 267 3.86 -56.12 21.38
C THR H 267 4.53 -56.18 22.74
N ILE H 268 3.89 -55.60 23.74
CA ILE H 268 4.33 -55.77 25.10
C ILE H 268 3.21 -56.53 25.83
N ARG H 269 3.53 -57.74 26.30
CA ARG H 269 2.53 -58.66 26.85
C ARG H 269 2.52 -58.64 28.37
N GLY H 270 1.36 -58.98 28.93
CA GLY H 270 1.17 -59.01 30.38
C GLY H 270 1.36 -57.66 31.03
N VAL H 271 0.80 -56.61 30.45
CA VAL H 271 0.93 -55.27 31.03
C VAL H 271 -0.13 -55.03 32.10
N PRO H 272 0.22 -54.48 33.25
CA PRO H 272 -0.82 -54.22 34.25
C PRO H 272 -1.85 -53.19 33.77
N ASP H 273 -3.13 -53.46 33.99
CA ASP H 273 -4.21 -52.60 33.55
C ASP H 273 -4.47 -51.46 34.50
N THR H 274 -3.59 -50.51 34.48
CA THR H 274 -3.66 -49.35 35.33
C THR H 274 -3.52 -48.10 34.53
N PRO H 275 -4.20 -47.03 35.04
CA PRO H 275 -4.04 -45.78 34.28
C PRO H 275 -2.60 -45.33 34.20
N GLY H 276 -2.24 -44.80 33.06
CA GLY H 276 -0.91 -44.29 32.81
C GLY H 276 0.10 -45.23 32.23
N VAL H 277 -0.22 -46.52 32.17
CA VAL H 277 0.69 -47.47 31.60
C VAL H 277 0.80 -47.29 30.12
N ALA H 278 -0.30 -46.96 29.47
CA ALA H 278 -0.25 -46.70 28.04
C ALA H 278 0.69 -45.55 27.74
N PHE H 279 0.72 -44.54 28.62
CA PHE H 279 1.67 -43.45 28.44
C PHE H 279 3.11 -43.94 28.60
N LYS H 280 3.34 -44.77 29.60
CA LYS H 280 4.66 -45.24 29.86
C LYS H 280 5.19 -45.96 28.66
N ILE H 281 4.34 -46.75 28.04
CA ILE H 281 4.77 -47.48 26.88
C ILE H 281 5.07 -46.63 25.68
N LEU H 282 4.13 -45.78 25.30
CA LEU H 282 4.27 -44.91 24.17
C LEU H 282 5.21 -43.76 24.32
N GLY H 283 5.22 -43.22 25.50
CA GLY H 283 6.04 -42.06 25.80
C GLY H 283 7.47 -42.14 25.31
N PRO H 284 8.18 -43.17 25.67
CA PRO H 284 9.57 -43.28 25.26
C PRO H 284 9.70 -43.34 23.76
N ILE H 285 8.83 -44.12 23.15
CA ILE H 285 8.86 -44.31 21.73
C ILE H 285 8.65 -43.00 21.01
N SER H 286 7.77 -42.18 21.55
CA SER H 286 7.52 -40.90 20.95
C SER H 286 8.77 -40.03 21.03
N ALA H 287 9.46 -40.08 22.16
CA ALA H 287 10.66 -39.31 22.37
C ALA H 287 11.76 -39.69 21.44
N ALA H 288 11.90 -40.97 21.18
CA ALA H 288 12.93 -41.43 20.31
C ALA H 288 12.65 -40.96 18.91
N ASN H 289 11.47 -40.42 18.68
CA ASN H 289 11.11 -39.95 17.36
C ASN H 289 10.72 -41.06 16.45
N VAL H 290 10.45 -42.21 17.01
CA VAL H 290 10.02 -43.34 16.23
C VAL H 290 8.60 -43.06 15.79
N GLU H 291 8.34 -43.22 14.51
CA GLU H 291 7.02 -42.97 13.97
C GLU H 291 6.19 -44.21 14.22
N VAL H 292 4.96 -44.00 14.66
CA VAL H 292 4.07 -45.10 15.01
C VAL H 292 2.85 -45.04 14.08
N ASP H 293 2.46 -46.18 13.55
CA ASP H 293 1.27 -46.20 12.72
C ASP H 293 0.10 -46.73 13.52
N MET H 294 0.03 -48.05 13.69
CA MET H 294 -1.10 -48.67 14.36
C MET H 294 -0.85 -48.74 15.84
N ILE H 295 -1.92 -48.53 16.61
CA ILE H 295 -1.92 -48.79 18.04
C ILE H 295 -3.15 -49.63 18.35
N VAL H 296 -2.95 -50.79 18.97
CA VAL H 296 -4.04 -51.72 19.22
C VAL H 296 -3.95 -52.25 20.63
N GLN H 297 -5.02 -52.07 21.40
CA GLN H 297 -5.12 -52.65 22.73
C GLN H 297 -6.53 -53.13 22.95
N ASN H 298 -6.67 -54.42 23.23
CA ASN H 298 -7.97 -54.97 23.55
C ASN H 298 -8.16 -54.97 25.08
N VAL H 299 -9.35 -55.43 25.50
CA VAL H 299 -9.77 -55.33 26.90
C VAL H 299 -8.92 -56.19 27.83
N ALA H 300 -8.72 -55.71 29.05
CA ALA H 300 -7.95 -56.42 30.05
C ALA H 300 -8.70 -57.63 30.57
N HIS H 301 -7.93 -58.65 30.95
CA HIS H 301 -8.46 -59.80 31.66
C HIS H 301 -7.55 -60.09 32.84
N ASP H 302 -8.16 -60.34 34.01
CA ASP H 302 -7.39 -60.58 35.22
C ASP H 302 -6.26 -59.58 35.40
N ASN H 303 -6.56 -58.31 35.27
CA ASN H 303 -5.65 -57.24 35.67
C ASN H 303 -4.40 -57.16 34.79
N THR H 304 -4.38 -57.89 33.69
CA THR H 304 -3.35 -57.81 32.68
C THR H 304 -3.95 -57.65 31.28
N THR H 305 -3.25 -56.89 30.45
CA THR H 305 -3.62 -56.75 29.06
C THR H 305 -2.35 -56.75 28.22
N ASP H 306 -2.54 -56.79 26.90
CA ASP H 306 -1.50 -56.64 25.91
C ASP H 306 -1.63 -55.31 25.17
N PHE H 307 -0.49 -54.77 24.74
CA PHE H 307 -0.43 -53.49 24.05
C PHE H 307 0.45 -53.68 22.83
N THR H 308 -0.09 -53.42 21.66
CA THR H 308 0.63 -53.59 20.40
C THR H 308 0.62 -52.28 19.62
N PHE H 309 1.75 -52.00 18.98
CA PHE H 309 1.84 -50.91 18.04
C PHE H 309 2.75 -51.36 16.92
N THR H 310 2.74 -50.56 15.85
CA THR H 310 3.43 -50.83 14.61
C THR H 310 4.37 -49.68 14.27
N VAL H 311 5.51 -50.01 13.66
CA VAL H 311 6.49 -49.00 13.25
C VAL H 311 7.07 -49.36 11.89
N HIS H 312 7.86 -48.45 11.37
CA HIS H 312 8.65 -48.69 10.19
C HIS H 312 9.79 -49.59 10.56
N ARG H 313 10.22 -50.42 9.64
CA ARG H 313 11.30 -51.35 9.87
C ARG H 313 12.60 -50.71 10.23
N ASN H 314 12.84 -49.52 9.71
CA ASN H 314 14.07 -48.81 10.00
C ASN H 314 14.16 -48.61 11.50
N ASP H 315 13.02 -48.38 12.13
CA ASP H 315 12.95 -48.15 13.54
C ASP H 315 12.66 -49.34 14.40
N TYR H 316 12.59 -50.53 13.84
CA TYR H 316 12.24 -51.68 14.64
C TYR H 316 13.18 -52.06 15.77
N LEU H 317 14.47 -52.15 15.52
CA LEU H 317 15.38 -52.55 16.58
C LEU H 317 15.44 -51.56 17.68
N ASN H 318 15.48 -50.30 17.30
CA ASN H 318 15.52 -49.24 18.28
C ASN H 318 14.25 -49.29 19.07
N ALA H 319 13.14 -49.53 18.39
CA ALA H 319 11.88 -49.64 19.06
C ALA H 319 11.78 -50.83 19.99
N LEU H 320 12.25 -51.98 19.54
CA LEU H 320 12.19 -53.16 20.35
C LEU H 320 13.05 -52.96 21.57
N GLU H 321 14.18 -52.31 21.40
CA GLU H 321 15.06 -52.09 22.52
C GLU H 321 14.42 -51.24 23.61
N ILE H 322 13.79 -50.16 23.22
CA ILE H 322 13.13 -49.30 24.16
C ILE H 322 12.03 -50.06 24.85
N LEU H 323 11.29 -50.87 24.10
CA LEU H 323 10.20 -51.62 24.68
C LEU H 323 10.64 -52.69 25.63
N LYS H 324 11.76 -53.30 25.36
CA LYS H 324 12.26 -54.34 26.21
C LYS H 324 12.53 -53.76 27.57
N GLN H 325 13.08 -52.56 27.59
CA GLN H 325 13.36 -51.84 28.80
C GLN H 325 12.13 -51.42 29.54
N THR H 326 11.15 -50.93 28.82
CA THR H 326 9.93 -50.48 29.44
C THR H 326 9.26 -51.66 30.08
N ALA H 327 9.31 -52.79 29.40
CA ALA H 327 8.71 -54.00 29.92
C ALA H 327 9.39 -54.33 31.20
N ALA H 328 10.71 -54.20 31.20
CA ALA H 328 11.45 -54.47 32.42
C ALA H 328 11.01 -53.54 33.55
N ASN H 329 10.78 -52.27 33.24
CA ASN H 329 10.37 -51.34 34.27
C ASN H 329 9.03 -51.49 34.91
N ILE H 330 8.00 -51.76 34.12
CA ILE H 330 6.64 -51.87 34.63
C ILE H 330 6.15 -53.21 35.10
N GLY H 331 6.95 -54.25 34.94
CA GLY H 331 6.56 -55.58 35.33
C GLY H 331 5.94 -56.53 34.33
N ALA H 332 5.93 -56.16 33.06
CA ALA H 332 5.37 -56.97 31.99
C ALA H 332 6.05 -58.31 31.77
N ARG H 333 5.28 -59.30 31.37
CA ARG H 333 5.81 -60.62 31.18
C ARG H 333 6.91 -60.57 30.14
N GLU H 334 6.69 -59.85 29.04
CA GLU H 334 7.71 -59.74 28.00
C GLU H 334 7.47 -58.69 26.91
N ALA H 335 8.49 -58.49 26.09
CA ALA H 335 8.42 -57.61 24.95
C ALA H 335 8.83 -58.36 23.72
N ILE H 336 8.03 -58.30 22.67
CA ILE H 336 8.36 -59.01 21.46
C ILE H 336 8.01 -58.27 20.20
N GLY H 337 8.68 -58.59 19.11
CA GLY H 337 8.47 -57.96 17.84
C GLY H 337 8.52 -58.91 16.67
N ASP H 338 7.93 -58.50 15.58
CA ASP H 338 7.89 -59.27 14.37
C ASP H 338 8.00 -58.31 13.22
N THR H 339 8.76 -58.64 12.20
CA THR H 339 8.92 -57.80 11.02
C THR H 339 8.26 -58.41 9.81
N ASN H 340 7.69 -59.62 9.95
CA ASN H 340 7.16 -60.37 8.82
C ASN H 340 5.65 -60.13 8.73
N ILE H 341 5.28 -58.86 8.60
CA ILE H 341 3.87 -58.50 8.54
C ILE H 341 3.66 -57.45 7.45
N ALA H 342 2.40 -57.32 7.05
CA ALA H 342 1.90 -56.29 6.16
C ALA H 342 0.54 -55.83 6.70
N LYS H 343 0.15 -54.59 6.36
CA LYS H 343 -1.15 -54.05 6.72
C LYS H 343 -2.01 -53.86 5.47
N VAL H 344 -3.23 -54.41 5.47
CA VAL H 344 -4.16 -54.26 4.34
C VAL H 344 -5.44 -53.61 4.85
N SER H 345 -6.00 -52.68 4.07
CA SER H 345 -7.15 -51.94 4.53
C SER H 345 -8.19 -51.78 3.46
N ILE H 346 -9.44 -51.81 3.88
CA ILE H 346 -10.56 -51.35 3.07
C ILE H 346 -11.05 -50.03 3.65
N VAL H 347 -11.37 -49.13 2.76
CA VAL H 347 -11.81 -47.81 3.09
C VAL H 347 -13.04 -47.47 2.32
N GLY H 348 -13.90 -46.66 2.93
CA GLY H 348 -15.09 -46.26 2.26
C GLY H 348 -16.13 -45.70 3.19
N VAL H 349 -16.62 -44.49 2.93
CA VAL H 349 -17.71 -43.93 3.72
C VAL H 349 -18.86 -44.82 3.31
N GLY H 350 -19.88 -44.96 4.10
CA GLY H 350 -20.87 -45.90 3.64
C GLY H 350 -20.70 -47.25 4.28
N MET H 351 -19.60 -47.41 4.97
CA MET H 351 -19.35 -48.54 5.83
C MET H 351 -20.25 -48.34 7.02
N ARG H 352 -20.40 -47.09 7.42
CA ARG H 352 -21.26 -46.72 8.54
C ARG H 352 -22.72 -46.95 8.33
N SER H 353 -23.20 -46.63 7.15
CA SER H 353 -24.58 -46.84 6.79
C SER H 353 -24.95 -48.29 6.69
N HIS H 354 -24.03 -49.09 6.19
CA HIS H 354 -24.30 -50.50 6.00
C HIS H 354 -23.85 -51.44 7.07
N ALA H 355 -24.40 -52.63 7.04
CA ALA H 355 -24.04 -53.67 7.97
C ALA H 355 -23.42 -54.70 7.07
N GLY H 356 -22.56 -55.54 7.60
CA GLY H 356 -21.92 -56.54 6.82
C GLY H 356 -20.67 -56.29 6.01
N VAL H 357 -20.00 -55.15 6.14
CA VAL H 357 -18.80 -54.94 5.34
C VAL H 357 -17.62 -55.69 5.92
N ALA H 358 -17.44 -55.62 7.24
CA ALA H 358 -16.29 -56.28 7.84
C ALA H 358 -16.37 -57.80 7.66
N SER H 359 -17.57 -58.35 7.81
CA SER H 359 -17.80 -59.76 7.57
C SER H 359 -17.29 -60.18 6.21
N ARG H 360 -17.60 -59.39 5.19
CA ARG H 360 -17.29 -59.78 3.83
C ARG H 360 -15.78 -59.77 3.62
N MET H 361 -15.10 -58.82 4.27
CA MET H 361 -13.65 -58.73 4.20
C MET H 361 -12.99 -59.94 4.87
N PHE H 362 -13.50 -60.36 6.05
CA PHE H 362 -12.94 -61.53 6.74
C PHE H 362 -13.25 -62.83 6.00
N GLU H 363 -14.42 -62.90 5.35
CA GLU H 363 -14.74 -64.06 4.53
C GLU H 363 -13.80 -64.13 3.33
N ALA H 364 -13.60 -63.02 2.63
CA ALA H 364 -12.73 -63.05 1.46
C ALA H 364 -11.34 -63.47 1.85
N LEU H 365 -10.86 -62.99 2.99
CA LEU H 365 -9.53 -63.38 3.44
C LEU H 365 -9.48 -64.86 3.86
N ALA H 366 -10.56 -65.39 4.42
CA ALA H 366 -10.62 -66.79 4.85
C ALA H 366 -10.66 -67.78 3.70
N LYS H 367 -11.21 -67.33 2.59
CA LYS H 367 -11.39 -68.13 1.39
C LYS H 367 -10.06 -68.45 0.73
N GLU H 368 -9.18 -67.48 0.63
CA GLU H 368 -7.76 -67.75 0.62
C GLU H 368 -7.39 -68.20 2.03
N SER H 369 -6.24 -68.80 2.20
CA SER H 369 -6.04 -69.30 3.56
C SER H 369 -5.30 -68.27 4.44
N ILE H 370 -5.72 -67.00 4.35
CA ILE H 370 -4.99 -65.91 5.02
C ILE H 370 -5.47 -65.74 6.45
N ASN H 371 -4.55 -65.88 7.41
CA ASN H 371 -4.88 -65.66 8.80
C ASN H 371 -4.80 -64.18 9.19
N ILE H 372 -5.79 -63.72 9.93
CA ILE H 372 -5.79 -62.35 10.44
C ILE H 372 -5.11 -62.37 11.79
N GLN H 373 -4.08 -61.54 11.95
CA GLN H 373 -3.43 -61.43 13.26
C GLN H 373 -3.95 -60.27 14.09
N MET H 374 -4.25 -59.13 13.47
CA MET H 374 -4.79 -57.96 14.17
C MET H 374 -5.87 -57.28 13.33
N ILE H 375 -6.80 -56.64 14.04
CA ILE H 375 -7.84 -55.85 13.43
C ILE H 375 -7.88 -54.50 14.15
N SER H 376 -7.87 -53.43 13.37
CA SER H 376 -8.00 -52.07 13.88
C SER H 376 -9.04 -51.41 13.01
N THR H 377 -9.73 -50.45 13.57
CA THR H 377 -10.86 -49.90 12.89
C THR H 377 -11.13 -48.42 12.99
N SER H 378 -11.97 -47.98 12.09
CA SER H 378 -12.44 -46.64 12.03
C SER H 378 -13.82 -46.76 11.45
N GLU H 379 -14.59 -45.70 11.52
CA GLU H 379 -15.93 -45.71 10.99
C GLU H 379 -15.94 -46.03 9.51
N ILE H 380 -14.95 -45.54 8.79
CA ILE H 380 -14.88 -45.81 7.39
C ILE H 380 -13.77 -46.77 7.01
N LYS H 381 -13.10 -47.32 8.00
CA LYS H 381 -11.98 -48.18 7.75
C LYS H 381 -11.82 -49.44 8.56
N VAL H 382 -11.40 -50.50 7.91
CA VAL H 382 -11.07 -51.74 8.61
C VAL H 382 -9.66 -52.10 8.23
N SER H 383 -8.80 -52.28 9.22
CA SER H 383 -7.41 -52.59 8.96
C SER H 383 -7.05 -53.97 9.51
N VAL H 384 -6.24 -54.69 8.74
CA VAL H 384 -5.89 -56.05 9.08
C VAL H 384 -4.38 -56.17 9.01
N VAL H 385 -3.80 -56.96 9.90
CA VAL H 385 -2.37 -57.26 9.89
C VAL H 385 -2.22 -58.75 9.59
N ILE H 386 -1.42 -59.05 8.56
CA ILE H 386 -1.23 -60.41 8.07
C ILE H 386 0.24 -60.66 7.81
N GLU H 387 0.57 -61.94 7.61
CA GLU H 387 1.91 -62.34 7.20
C GLU H 387 2.30 -61.68 5.88
N GLU H 388 3.52 -61.13 5.83
CA GLU H 388 3.96 -60.30 4.71
C GLU H 388 3.78 -60.95 3.33
N LYS H 389 4.02 -62.25 3.22
CA LYS H 389 3.94 -62.95 1.95
C LYS H 389 2.57 -62.86 1.29
N TYR H 390 1.50 -62.61 2.05
CA TYR H 390 0.12 -62.63 1.56
C TYR H 390 -0.40 -61.30 1.03
N LEU H 391 0.40 -60.25 1.03
CA LEU H 391 -0.12 -58.90 0.82
C LEU H 391 -0.83 -58.72 -0.52
N GLU H 392 -0.14 -59.05 -1.61
CA GLU H 392 -0.70 -58.85 -2.93
C GLU H 392 -1.95 -59.68 -3.11
N LEU H 393 -1.90 -60.93 -2.63
CA LEU H 393 -3.08 -61.79 -2.70
C LEU H 393 -4.24 -61.19 -1.91
N ALA H 394 -3.97 -60.64 -0.72
CA ALA H 394 -5.07 -60.09 0.06
C ALA H 394 -5.73 -58.91 -0.64
N VAL H 395 -4.92 -57.97 -1.11
CA VAL H 395 -5.42 -56.79 -1.82
C VAL H 395 -6.26 -57.23 -3.02
N ARG H 396 -5.76 -58.19 -3.78
CA ARG H 396 -6.50 -58.68 -4.95
C ARG H 396 -7.75 -59.42 -4.54
N ALA H 397 -7.69 -60.23 -3.48
CA ALA H 397 -8.88 -60.94 -3.01
C ALA H 397 -10.00 -59.96 -2.61
N LEU H 398 -9.66 -58.94 -1.83
CA LEU H 398 -10.64 -57.92 -1.42
C LEU H 398 -11.13 -57.09 -2.63
N HIS H 399 -10.23 -56.80 -3.57
CA HIS H 399 -10.63 -56.02 -4.74
C HIS H 399 -11.66 -56.79 -5.58
N THR H 400 -11.51 -58.10 -5.73
CA THR H 400 -12.56 -58.79 -6.46
C THR H 400 -13.79 -59.04 -5.60
N ALA H 401 -13.61 -59.29 -4.32
CA ALA H 401 -14.73 -59.55 -3.44
C ALA H 401 -15.71 -58.37 -3.29
N PHE H 402 -15.19 -57.16 -3.24
CA PHE H 402 -16.02 -55.99 -3.12
C PHE H 402 -16.41 -55.34 -4.47
N GLU H 403 -16.10 -56.03 -5.56
CA GLU H 403 -16.36 -55.63 -6.94
C GLU H 403 -15.74 -54.34 -7.43
N LEU H 404 -14.53 -54.07 -7.03
CA LEU H 404 -13.87 -52.92 -7.50
C LEU H 404 -13.28 -53.15 -8.90
N ASP H 405 -13.20 -54.40 -9.34
CA ASP H 405 -12.64 -54.83 -10.61
C ASP H 405 -13.31 -54.29 -11.87
N ALA H 406 -12.48 -53.90 -12.82
CA ALA H 406 -12.91 -53.43 -14.12
C ALA H 406 -12.85 -54.55 -15.11
#